data_9EMY
#
_entry.id   9EMY
#
_cell.length_a   82.397
_cell.length_b   121.657
_cell.length_c   151.059
_cell.angle_alpha   90
_cell.angle_beta   90.02
_cell.angle_gamma   90
#
_symmetry.space_group_name_H-M   'P 1 21 1'
#
loop_
_entity.id
_entity.type
_entity.pdbx_description
1 polymer 'non-specific serine/threonine protein kinase'
2 polymer 'Nanobody 9F10'
3 polymer 'Nanobody 2G9'
4 non-polymer 'PHOSPHOTHIOPHOSPHORIC ACID-ADENYLATE ESTER'
5 non-polymer 2-{2-[2-(2-{2-[2-(2-ETHOXY-ETHOXY)-ETHOXY]-ETHOXY}-ETHOXY)-ETHOXY]-ETHOXY}-ETHANOL
6 water water
#
loop_
_entity_poly.entity_id
_entity_poly.type
_entity_poly.pdbx_seq_one_letter_code
_entity_poly.pdbx_strand_id
1 'polypeptide(L)'
;KDENVNMKSYVYNWELGQKSLIKMLDYADNFYFNGVKYSDWKLTSMRRFNLNNNVLKDHKTYKSIINSKKGNDMKKVKLF
IKKIPIDIWVEQFNLMKKYEGEYLIDKENYVMEAVSLAFLNEYYPGITPKFYKILYESDKNNMNEKNCKKYKFQDLNELN
DILTKKLENNINGNIVLISEFFGENVFDYIKRKKNTLFVVSDISNEDKKKILYNSLNLLMRLHNAGLTHLDLSPDNMLIS
PKNYEMRLCDLSQSTPIYTNKLRHKEKLNSIKPFESFEPCIGKIEYIPPECWKIVWKYKMNNIKNPIEYLKNISNQEERK
KYYYDVSCADKYMLGIFFIWMWNNGFIWKCSDPIQDKIFEIFMKSNMDLNKFIMTKSWPHELNNLINKLLHMEHRKTVKL
SDLSRHPWWSSKN
;
A,B,G,H
2 'polypeptide(L)'
;QEQLVESGGGLVQAGGSLTLSCASSGGTFETYAMGWFRQAPGKEREFAAAVSWSGGSAHYADSVKGRFTISRDKVKNTVY
LQMNSLKPEDTAVYYCAADRSYGSSWYHYPEDALDAWGQGTQVTVSSAAAENLYFQ
;
C,D,I,J
3 'polypeptide(L)'
;QVQLVESGGGSVQAGGSLRLSCAASGRTFSSYSMAWFRQAPGKERENVAVISWSGSTSYYAESVKGRFTISRDNAKNTVY
LQMNSLKPEDTAVYYCAAGPRTTPQAMGAVEYDYWGQGTQVTVSSAAAENLYFQ
;
E,F,K,L
#
# COMPACT_ATOMS: atom_id res chain seq x y z
N SER A 9 17.85 31.34 -18.08
CA SER A 9 19.26 30.85 -18.12
C SER A 9 19.30 29.38 -17.70
N TYR A 10 19.51 28.49 -18.69
CA TYR A 10 19.35 27.05 -18.56
C TYR A 10 20.45 26.54 -17.65
N VAL A 11 20.07 25.74 -16.63
CA VAL A 11 21.04 25.07 -15.77
C VAL A 11 21.02 23.59 -16.08
N TYR A 12 22.10 22.87 -15.66
CA TYR A 12 22.26 21.47 -15.98
C TYR A 12 21.05 20.67 -15.50
N ASN A 13 20.39 20.00 -16.44
CA ASN A 13 19.36 19.00 -16.20
C ASN A 13 19.68 17.77 -17.07
N TRP A 14 19.24 16.56 -16.69
CA TRP A 14 19.59 15.34 -17.42
C TRP A 14 18.86 15.26 -18.76
N GLU A 15 17.66 15.86 -18.85
CA GLU A 15 16.94 15.90 -20.11
C GLU A 15 17.76 16.73 -21.10
N LEU A 16 18.32 17.84 -20.62
CA LEU A 16 19.07 18.74 -21.48
C LEU A 16 20.41 18.10 -21.86
N GLY A 17 21.03 17.41 -20.89
CA GLY A 17 22.31 16.76 -21.09
C GLY A 17 22.26 15.81 -22.28
N GLN A 18 21.23 14.96 -22.29
CA GLN A 18 21.06 13.99 -23.36
C GLN A 18 20.81 14.72 -24.68
N LYS A 19 19.94 15.73 -24.65
CA LYS A 19 19.58 16.43 -25.86
C LYS A 19 20.80 17.12 -26.45
N SER A 20 21.70 17.58 -25.56
CA SER A 20 22.94 18.23 -25.97
C SER A 20 23.83 17.23 -26.71
N LEU A 21 23.87 16.00 -26.21
CA LEU A 21 24.79 14.98 -26.69
C LEU A 21 24.33 14.43 -28.04
N ILE A 22 23.03 14.22 -28.21
CA ILE A 22 22.50 13.66 -29.43
C ILE A 22 22.90 14.53 -30.62
N LYS A 23 23.03 15.84 -30.40
CA LYS A 23 23.39 16.76 -31.47
C LYS A 23 24.82 16.49 -31.94
N MET A 24 25.64 15.92 -31.05
CA MET A 24 27.06 15.74 -31.31
C MET A 24 27.39 14.29 -31.70
N LEU A 25 26.38 13.43 -31.84
CA LEU A 25 26.61 11.99 -31.98
C LEU A 25 26.63 11.64 -33.45
N ASP A 26 27.61 10.78 -33.83
CA ASP A 26 27.57 10.17 -35.15
C ASP A 26 28.39 8.89 -35.20
N TYR A 27 28.16 8.09 -36.25
CA TYR A 27 29.02 6.98 -36.64
C TYR A 27 30.37 7.53 -37.13
N ALA A 28 31.45 6.89 -36.64
CA ALA A 28 32.80 7.37 -36.86
C ALA A 28 33.15 7.30 -38.34
N ASP A 29 32.47 6.38 -39.04
CA ASP A 29 32.66 6.23 -40.47
C ASP A 29 32.56 7.59 -41.14
N ASN A 30 31.48 8.31 -40.84
CA ASN A 30 31.02 9.45 -41.63
C ASN A 30 31.61 10.78 -41.15
N PHE A 31 32.53 10.76 -40.18
CA PHE A 31 33.05 12.00 -39.62
C PHE A 31 34.33 12.45 -40.31
N TYR A 32 34.29 13.67 -40.85
CA TYR A 32 35.48 14.38 -41.30
C TYR A 32 35.64 15.64 -40.46
N PHE A 33 36.90 15.99 -40.18
CA PHE A 33 37.24 17.25 -39.55
C PHE A 33 38.24 17.90 -40.50
N ASN A 34 38.02 19.19 -40.76
CA ASN A 34 38.70 19.88 -41.87
C ASN A 34 38.31 19.11 -43.13
N GLY A 35 39.29 18.60 -43.87
CA GLY A 35 38.98 17.64 -44.93
C GLY A 35 39.30 16.19 -44.55
N VAL A 36 40.04 16.02 -43.45
CA VAL A 36 40.61 14.73 -43.09
C VAL A 36 39.49 13.84 -42.52
N LYS A 37 39.37 12.63 -43.08
CA LYS A 37 38.46 11.61 -42.56
C LYS A 37 39.00 11.03 -41.25
N TYR A 38 38.07 10.74 -40.35
CA TYR A 38 38.38 10.25 -39.01
C TYR A 38 39.39 9.10 -39.09
N SER A 39 39.02 8.10 -39.88
CA SER A 39 39.82 6.90 -40.12
C SER A 39 41.30 7.23 -40.40
N ASP A 40 41.58 8.40 -40.99
CA ASP A 40 42.94 8.72 -41.41
C ASP A 40 43.65 9.66 -40.44
N TRP A 41 43.28 9.68 -39.16
CA TRP A 41 44.06 10.46 -38.21
C TRP A 41 45.12 9.53 -37.62
N LYS A 42 46.28 10.10 -37.32
CA LYS A 42 47.33 9.38 -36.61
C LYS A 42 47.19 9.75 -35.14
N LEU A 43 46.57 8.84 -34.38
CA LEU A 43 46.35 9.06 -32.97
C LEU A 43 47.57 8.59 -32.18
N THR A 44 48.13 9.49 -31.36
CA THR A 44 49.26 9.20 -30.50
C THR A 44 48.73 8.98 -29.09
N SER A 45 49.23 7.95 -28.40
CA SER A 45 48.78 7.64 -27.05
C SER A 45 49.19 8.73 -26.06
N MET A 46 48.42 8.89 -24.98
CA MET A 46 48.70 9.86 -23.92
C MET A 46 49.18 9.14 -22.66
N LEU A 56 44.21 -1.08 -15.52
CA LEU A 56 44.04 0.22 -14.84
C LEU A 56 42.81 0.93 -15.42
N LYS A 57 43.06 1.91 -16.30
CA LYS A 57 42.04 2.67 -16.99
C LYS A 57 41.32 1.78 -18.00
N ASP A 58 40.00 1.66 -17.82
CA ASP A 58 39.12 1.02 -18.79
C ASP A 58 38.93 1.88 -20.03
N HIS A 59 39.47 3.10 -20.01
CA HIS A 59 39.39 3.99 -21.16
C HIS A 59 40.82 4.31 -21.62
N LYS A 60 40.92 4.68 -22.90
CA LYS A 60 42.19 5.08 -23.51
C LYS A 60 42.05 6.49 -24.07
N THR A 61 43.04 7.34 -23.76
CA THR A 61 43.13 8.68 -24.34
C THR A 61 44.27 8.74 -25.35
N TYR A 62 44.09 9.59 -26.37
CA TYR A 62 45.09 9.85 -27.39
C TYR A 62 45.05 11.32 -27.82
N LYS A 63 46.21 11.87 -28.25
CA LYS A 63 46.30 13.12 -28.99
C LYS A 63 46.29 12.86 -30.51
N SER A 64 46.04 13.91 -31.31
CA SER A 64 46.12 13.81 -32.76
C SER A 64 46.16 15.22 -33.37
N ILE A 65 46.59 15.32 -34.63
CA ILE A 65 46.88 16.60 -35.27
C ILE A 65 46.38 16.56 -36.71
N ILE A 66 45.29 17.28 -36.99
CA ILE A 66 44.72 17.29 -38.31
C ILE A 66 45.33 18.43 -39.12
N ASN A 67 45.49 18.22 -40.44
CA ASN A 67 46.06 19.20 -41.36
C ASN A 67 45.10 19.43 -42.53
N SER A 68 44.50 20.63 -42.59
CA SER A 68 43.50 20.96 -43.61
C SER A 68 44.12 21.07 -45.01
N LYS A 75 45.09 25.54 -40.97
CA LYS A 75 44.40 24.82 -39.86
C LYS A 75 45.19 23.55 -39.51
N LYS A 76 46.24 23.72 -38.70
CA LYS A 76 46.92 22.62 -38.04
C LYS A 76 46.32 22.50 -36.63
N VAL A 77 45.31 21.61 -36.51
CA VAL A 77 44.46 21.58 -35.33
C VAL A 77 44.72 20.30 -34.52
N LYS A 78 44.99 20.48 -33.22
CA LYS A 78 45.38 19.41 -32.31
C LYS A 78 44.19 19.00 -31.43
N LEU A 79 43.75 17.74 -31.56
CA LEU A 79 42.57 17.24 -30.88
C LEU A 79 42.97 16.31 -29.73
N PHE A 80 41.99 15.99 -28.87
CA PHE A 80 42.11 15.06 -27.75
C PHE A 80 41.01 14.03 -27.88
N ILE A 81 41.34 12.74 -27.65
CA ILE A 81 40.42 11.66 -27.95
C ILE A 81 40.33 10.75 -26.73
N LYS A 82 39.12 10.62 -26.14
CA LYS A 82 38.87 9.62 -25.11
C LYS A 82 38.07 8.50 -25.77
N LYS A 83 38.44 7.24 -25.51
CA LYS A 83 37.77 6.09 -26.10
C LYS A 83 37.28 5.16 -25.01
N ILE A 84 36.02 4.74 -25.13
CA ILE A 84 35.33 4.01 -24.08
C ILE A 84 34.70 2.78 -24.70
N PRO A 85 34.99 1.55 -24.19
CA PRO A 85 34.34 0.34 -24.65
C PRO A 85 32.81 0.43 -24.49
N ILE A 86 32.10 0.02 -25.56
CA ILE A 86 30.65 0.10 -25.53
C ILE A 86 30.09 -0.83 -24.47
N ASP A 87 30.85 -1.86 -24.07
CA ASP A 87 30.35 -2.71 -23.00
C ASP A 87 30.15 -1.87 -21.75
N ILE A 88 31.16 -1.03 -21.43
CA ILE A 88 31.09 -0.19 -20.25
C ILE A 88 30.05 0.89 -20.50
N TRP A 89 30.01 1.43 -21.71
CA TRP A 89 29.00 2.44 -22.03
C TRP A 89 27.61 1.88 -21.77
N VAL A 90 27.27 0.79 -22.44
CA VAL A 90 25.89 0.31 -22.42
C VAL A 90 25.43 0.13 -20.98
N GLU A 91 26.28 -0.44 -20.13
CA GLU A 91 25.91 -0.70 -18.75
C GLU A 91 25.62 0.62 -18.04
N GLN A 92 26.48 1.62 -18.28
CA GLN A 92 26.45 2.86 -17.54
C GLN A 92 25.23 3.67 -17.95
N PHE A 93 24.76 3.45 -19.19
CA PHE A 93 23.65 4.23 -19.70
C PHE A 93 22.35 3.68 -19.14
N ASN A 94 22.21 2.35 -19.09
CA ASN A 94 21.05 1.71 -18.49
C ASN A 94 20.87 2.21 -17.06
N LEU A 95 21.98 2.40 -16.33
CA LEU A 95 21.91 2.77 -14.93
C LEU A 95 21.54 4.24 -14.79
N MET A 96 22.20 5.10 -15.57
CA MET A 96 21.91 6.51 -15.58
C MET A 96 20.45 6.74 -15.98
N LYS A 97 19.90 5.86 -16.83
CA LYS A 97 18.51 6.01 -17.22
C LYS A 97 17.60 5.59 -16.06
N LYS A 98 17.94 4.49 -15.39
CA LYS A 98 17.21 4.03 -14.21
C LYS A 98 17.16 5.13 -13.16
N TYR A 99 18.27 5.83 -12.94
CA TYR A 99 18.39 6.80 -11.87
C TYR A 99 18.24 8.25 -12.38
N GLU A 100 17.72 8.37 -13.62
CA GLU A 100 17.53 9.68 -14.24
C GLU A 100 18.74 10.58 -14.01
N GLY A 101 19.94 10.06 -14.31
CA GLY A 101 21.15 10.88 -14.30
C GLY A 101 21.84 10.87 -12.95
N GLU A 102 21.25 10.22 -11.95
CA GLU A 102 21.77 10.28 -10.59
C GLU A 102 22.46 8.96 -10.23
N TYR A 103 23.21 8.37 -11.17
CA TYR A 103 23.96 7.15 -10.91
C TYR A 103 25.35 7.53 -10.40
N LEU A 104 25.85 6.82 -9.37
CA LEU A 104 27.14 7.16 -8.77
C LEU A 104 28.02 5.92 -8.61
N ILE A 105 29.31 6.10 -8.94
CA ILE A 105 30.34 5.08 -8.78
C ILE A 105 31.63 5.75 -8.37
N ASP A 106 32.52 4.96 -7.77
CA ASP A 106 33.80 5.48 -7.33
C ASP A 106 34.68 5.72 -8.55
N LYS A 107 34.53 4.87 -9.58
CA LYS A 107 35.32 4.90 -10.81
C LYS A 107 34.74 5.93 -11.77
N GLU A 108 35.04 5.81 -13.06
CA GLU A 108 34.65 6.78 -14.06
C GLU A 108 33.23 6.54 -14.53
N ASN A 109 32.40 7.59 -14.44
CA ASN A 109 31.09 7.62 -15.07
C ASN A 109 31.25 8.29 -16.43
N TYR A 110 31.14 7.50 -17.49
CA TYR A 110 31.45 7.97 -18.82
C TYR A 110 30.23 8.66 -19.42
N VAL A 111 29.04 8.14 -19.10
CA VAL A 111 27.79 8.69 -19.59
C VAL A 111 27.63 10.12 -19.08
N MET A 112 27.95 10.36 -17.79
CA MET A 112 27.94 11.69 -17.21
C MET A 112 28.92 12.60 -17.95
N GLU A 113 30.22 12.27 -17.90
CA GLU A 113 31.24 13.06 -18.57
C GLU A 113 30.75 13.46 -19.97
N ALA A 114 30.19 12.51 -20.72
CA ALA A 114 29.74 12.85 -22.06
C ALA A 114 28.74 14.00 -22.04
N VAL A 115 27.66 13.85 -21.25
CA VAL A 115 26.59 14.85 -21.22
C VAL A 115 27.08 16.14 -20.60
N SER A 116 27.77 16.06 -19.45
CA SER A 116 28.39 17.23 -18.88
C SER A 116 29.14 18.03 -19.96
N LEU A 117 29.95 17.36 -20.77
CA LEU A 117 30.78 18.06 -21.75
C LEU A 117 29.92 18.63 -22.88
N ALA A 118 28.90 17.88 -23.28
CA ALA A 118 28.10 18.29 -24.43
C ALA A 118 27.32 19.55 -24.06
N PHE A 119 26.77 19.54 -22.82
CA PHE A 119 25.96 20.61 -22.27
C PHE A 119 26.82 21.87 -22.14
N LEU A 120 27.90 21.77 -21.34
CA LEU A 120 28.78 22.89 -21.09
C LEU A 120 29.19 23.54 -22.41
N ASN A 121 29.35 22.73 -23.46
CA ASN A 121 29.85 23.24 -24.74
C ASN A 121 28.76 24.08 -25.39
N GLU A 122 27.54 23.55 -25.42
CA GLU A 122 26.42 24.20 -26.11
C GLU A 122 25.97 25.47 -25.38
N TYR A 123 26.00 25.47 -24.04
CA TYR A 123 25.37 26.53 -23.26
C TYR A 123 26.36 27.33 -22.42
N TYR A 124 27.59 26.84 -22.21
CA TYR A 124 28.53 27.57 -21.38
C TYR A 124 29.96 27.38 -21.87
N PRO A 125 30.28 27.78 -23.13
CA PRO A 125 31.67 27.84 -23.58
C PRO A 125 32.61 28.39 -22.53
N GLY A 126 33.82 27.81 -22.44
CA GLY A 126 34.92 28.47 -21.77
C GLY A 126 35.26 27.87 -20.41
N ILE A 127 34.58 26.77 -20.05
CA ILE A 127 34.90 26.02 -18.85
C ILE A 127 35.71 24.79 -19.23
N THR A 128 35.16 23.99 -20.15
CA THR A 128 35.87 22.84 -20.68
C THR A 128 36.47 23.23 -22.02
N PRO A 129 37.55 22.54 -22.47
CA PRO A 129 37.97 22.65 -23.85
C PRO A 129 36.80 22.37 -24.80
N LYS A 130 36.84 22.97 -25.99
CA LYS A 130 35.75 22.86 -26.95
C LYS A 130 35.47 21.37 -27.20
N PHE A 131 34.20 21.01 -27.35
CA PHE A 131 33.82 19.63 -27.60
C PHE A 131 33.30 19.55 -29.04
N TYR A 132 33.73 18.54 -29.81
CA TYR A 132 33.50 18.50 -31.24
C TYR A 132 32.57 17.36 -31.67
N LYS A 133 32.69 16.18 -31.05
CA LYS A 133 31.83 15.07 -31.46
C LYS A 133 31.90 13.90 -30.49
N ILE A 134 30.80 13.14 -30.42
CA ILE A 134 30.81 11.82 -29.82
C ILE A 134 30.54 10.81 -30.95
N LEU A 135 31.35 9.72 -31.00
CA LEU A 135 31.31 8.80 -32.13
C LEU A 135 31.23 7.35 -31.68
N TYR A 136 30.41 6.58 -32.40
CA TYR A 136 30.43 5.13 -32.34
C TYR A 136 31.42 4.60 -33.38
N GLU A 137 32.27 3.66 -32.95
CA GLU A 137 33.31 3.09 -33.79
C GLU A 137 33.32 1.58 -33.60
N SER A 138 33.52 0.84 -34.70
CA SER A 138 33.60 -0.61 -34.68
C SER A 138 35.03 -1.05 -34.33
N GLN A 154 18.14 9.05 -33.00
CA GLN A 154 17.07 9.91 -32.44
C GLN A 154 17.37 10.19 -30.97
N ASP A 155 17.59 9.12 -30.19
CA ASP A 155 17.92 9.29 -28.78
C ASP A 155 19.00 8.29 -28.38
N LEU A 156 19.58 8.52 -27.21
CA LEU A 156 20.58 7.65 -26.61
C LEU A 156 20.03 6.24 -26.35
N ASN A 157 18.72 6.04 -26.37
CA ASN A 157 18.15 4.69 -26.24
C ASN A 157 18.30 3.95 -27.57
N GLU A 158 18.02 4.65 -28.68
CA GLU A 158 18.19 4.07 -30.01
C GLU A 158 19.63 3.59 -30.18
N LEU A 159 20.58 4.40 -29.67
CA LEU A 159 21.97 4.03 -29.65
C LEU A 159 22.13 2.73 -28.88
N ASN A 160 21.76 2.75 -27.59
CA ASN A 160 21.93 1.58 -26.74
C ASN A 160 21.33 0.34 -27.39
N ASP A 161 20.15 0.48 -28.00
CA ASP A 161 19.54 -0.64 -28.69
C ASP A 161 20.56 -1.28 -29.63
N ILE A 162 21.16 -0.44 -30.49
CA ILE A 162 22.10 -0.94 -31.47
C ILE A 162 23.29 -1.58 -30.76
N LEU A 163 23.98 -0.79 -29.93
CA LEU A 163 25.14 -1.25 -29.19
C LEU A 163 24.90 -2.62 -28.52
N THR A 164 23.68 -2.81 -28.00
CA THR A 164 23.35 -4.05 -27.31
C THR A 164 23.25 -5.20 -28.30
N LYS A 165 22.65 -4.93 -29.47
CA LYS A 165 22.56 -5.94 -30.53
C LYS A 165 23.97 -6.31 -31.01
N LYS A 166 24.88 -5.32 -31.08
CA LYS A 166 26.26 -5.51 -31.52
C LYS A 166 27.02 -6.34 -30.49
N LEU A 167 26.81 -6.06 -29.18
CA LEU A 167 27.51 -6.78 -28.12
C LEU A 167 27.05 -8.24 -28.07
N GLU A 168 25.77 -8.47 -28.39
CA GLU A 168 25.17 -9.79 -28.38
C GLU A 168 25.77 -10.64 -29.49
N ASN A 169 26.49 -10.02 -30.44
CA ASN A 169 27.13 -10.71 -31.55
C ASN A 169 28.64 -10.62 -31.46
N ASN A 170 29.16 -10.40 -30.24
CA ASN A 170 30.57 -10.18 -29.98
C ASN A 170 31.18 -9.28 -31.05
N ILE A 171 30.66 -8.06 -31.17
CA ILE A 171 31.19 -7.02 -32.04
C ILE A 171 31.49 -5.81 -31.17
N ASN A 172 32.70 -5.78 -30.61
CA ASN A 172 33.09 -4.73 -29.69
C ASN A 172 33.38 -3.47 -30.51
N GLY A 173 33.65 -2.38 -29.78
CA GLY A 173 33.81 -1.08 -30.40
C GLY A 173 34.00 -0.05 -29.29
N ASN A 174 34.01 1.23 -29.68
CA ASN A 174 34.24 2.26 -28.69
C ASN A 174 33.27 3.42 -28.92
N ILE A 175 33.12 4.20 -27.84
CA ILE A 175 32.51 5.51 -27.89
C ILE A 175 33.66 6.49 -27.76
N VAL A 176 33.73 7.43 -28.72
CA VAL A 176 34.85 8.33 -28.81
C VAL A 176 34.38 9.77 -28.51
N LEU A 177 35.06 10.41 -27.56
CA LEU A 177 34.79 11.80 -27.21
C LEU A 177 35.90 12.68 -27.76
N ILE A 178 35.58 13.59 -28.69
CA ILE A 178 36.60 14.35 -29.37
C ILE A 178 36.54 15.83 -28.98
N SER A 179 37.60 16.31 -28.31
CA SER A 179 37.67 17.67 -27.82
C SER A 179 38.89 18.41 -28.38
N GLU A 180 38.85 19.72 -28.27
CA GLU A 180 40.03 20.57 -28.49
C GLU A 180 41.10 20.13 -27.49
N PHE A 181 42.36 20.16 -27.93
CA PHE A 181 43.45 20.00 -26.99
C PHE A 181 43.82 21.41 -26.53
N PHE A 182 43.77 21.63 -25.22
CA PHE A 182 43.97 22.96 -24.66
C PHE A 182 45.20 22.98 -23.77
N GLY A 183 46.23 23.73 -24.16
CA GLY A 183 47.35 24.02 -23.28
C GLY A 183 48.05 22.78 -22.71
N GLU A 184 48.28 22.80 -21.40
CA GLU A 184 48.98 21.80 -20.61
C GLU A 184 48.54 21.92 -19.16
N ASN A 185 48.46 20.81 -18.43
CA ASN A 185 47.95 20.88 -17.06
C ASN A 185 48.89 21.67 -16.16
N VAL A 186 48.43 21.93 -14.94
CA VAL A 186 49.13 22.79 -14.00
C VAL A 186 50.40 22.09 -13.54
N PHE A 187 50.31 20.77 -13.36
CA PHE A 187 51.43 19.94 -12.94
C PHE A 187 52.56 20.18 -13.93
N ASP A 188 52.26 20.00 -15.22
CA ASP A 188 53.22 20.17 -16.29
C ASP A 188 53.77 21.59 -16.27
N TYR A 189 52.87 22.58 -16.21
CA TYR A 189 53.20 23.99 -16.28
C TYR A 189 54.28 24.30 -15.26
N ILE A 190 54.08 23.82 -14.03
CA ILE A 190 55.02 24.13 -12.95
C ILE A 190 56.37 23.48 -13.26
N LYS A 191 56.36 22.18 -13.59
CA LYS A 191 57.60 21.46 -13.90
C LYS A 191 58.40 22.24 -14.96
N ARG A 192 57.76 22.51 -16.10
CA ARG A 192 58.42 23.19 -17.22
C ARG A 192 59.08 24.50 -16.74
N LYS A 193 58.30 25.38 -16.11
CA LYS A 193 58.80 26.70 -15.77
C LYS A 193 59.98 26.59 -14.80
N LYS A 194 59.84 25.68 -13.83
CA LYS A 194 60.73 25.61 -12.66
C LYS A 194 61.90 24.67 -12.98
N ASN A 195 62.60 24.93 -14.09
CA ASN A 195 63.60 24.05 -14.67
C ASN A 195 62.89 22.78 -15.18
N SER A 201 63.84 28.58 -7.21
CA SER A 201 62.55 28.92 -6.53
C SER A 201 61.44 28.03 -7.07
N ASP A 202 60.29 27.98 -6.37
CA ASP A 202 59.07 27.48 -6.99
C ASP A 202 58.56 28.58 -7.94
N ILE A 203 57.35 28.42 -8.46
CA ILE A 203 56.65 29.49 -9.15
C ILE A 203 56.44 30.68 -8.21
N SER A 204 56.54 31.89 -8.77
CA SER A 204 56.37 33.14 -8.04
C SER A 204 54.99 33.19 -7.39
N ASN A 205 54.92 33.76 -6.19
CA ASN A 205 53.66 33.97 -5.50
C ASN A 205 52.69 34.70 -6.42
N GLU A 206 53.22 35.65 -7.19
CA GLU A 206 52.44 36.38 -8.17
C GLU A 206 51.71 35.39 -9.09
N ASP A 207 52.47 34.44 -9.64
CA ASP A 207 51.94 33.47 -10.59
C ASP A 207 50.93 32.55 -9.91
N LYS A 208 51.31 32.01 -8.75
CA LYS A 208 50.45 31.11 -7.99
C LYS A 208 49.04 31.69 -7.94
N LYS A 209 48.99 32.98 -7.56
CA LYS A 209 47.76 33.71 -7.29
C LYS A 209 46.86 33.79 -8.52
N LYS A 210 47.45 34.07 -9.70
CA LYS A 210 46.72 34.10 -10.96
C LYS A 210 46.08 32.74 -11.25
N ILE A 211 46.74 31.64 -10.86
CA ILE A 211 46.24 30.31 -11.16
C ILE A 211 45.11 29.97 -10.19
N LEU A 212 45.35 30.19 -8.89
CA LEU A 212 44.37 29.92 -7.86
C LEU A 212 43.10 30.72 -8.10
N TYR A 213 43.25 31.92 -8.65
CA TYR A 213 42.12 32.80 -8.92
C TYR A 213 41.28 32.25 -10.07
N ASN A 214 41.91 32.01 -11.23
CA ASN A 214 41.19 31.49 -12.40
C ASN A 214 40.54 30.13 -12.11
N SER A 215 41.11 29.38 -11.17
CA SER A 215 40.55 28.08 -10.84
C SER A 215 39.23 28.24 -10.10
N LEU A 216 39.21 29.13 -9.11
CA LEU A 216 38.01 29.52 -8.35
C LEU A 216 36.95 30.07 -9.30
N ASN A 217 37.38 30.83 -10.31
CA ASN A 217 36.46 31.34 -11.30
C ASN A 217 35.74 30.19 -12.00
N LEU A 218 36.50 29.15 -12.37
CA LEU A 218 36.03 28.02 -13.17
C LEU A 218 34.99 27.24 -12.38
N LEU A 219 35.36 26.91 -11.12
CA LEU A 219 34.45 26.19 -10.25
C LEU A 219 33.14 26.96 -10.11
N MET A 220 33.27 28.27 -9.80
CA MET A 220 32.13 29.17 -9.72
C MET A 220 31.27 29.01 -10.97
N ARG A 221 31.85 29.22 -12.16
CA ARG A 221 31.05 29.19 -13.36
C ARG A 221 30.50 27.78 -13.59
N LEU A 222 31.26 26.75 -13.21
CA LEU A 222 30.80 25.38 -13.36
C LEU A 222 29.55 25.14 -12.50
N HIS A 223 29.69 25.42 -11.19
CA HIS A 223 28.59 25.31 -10.24
C HIS A 223 27.35 26.06 -10.76
N ASN A 224 27.56 27.27 -11.27
CA ASN A 224 26.50 28.09 -11.82
C ASN A 224 25.78 27.38 -12.97
N ALA A 225 26.54 26.66 -13.81
CA ALA A 225 25.99 25.99 -14.99
C ALA A 225 25.09 24.83 -14.55
N GLY A 226 25.33 24.35 -13.31
CA GLY A 226 24.53 23.32 -12.68
C GLY A 226 25.25 21.96 -12.52
N LEU A 227 26.58 21.96 -12.37
CA LEU A 227 27.36 20.73 -12.32
C LEU A 227 28.47 20.84 -11.28
N THR A 228 28.83 19.70 -10.68
CA THR A 228 30.01 19.57 -9.83
C THR A 228 31.18 18.99 -10.64
N HIS A 229 32.35 18.94 -10.00
CA HIS A 229 33.55 18.36 -10.60
C HIS A 229 33.92 17.11 -9.80
N LEU A 230 34.34 17.34 -8.55
CA LEU A 230 34.65 16.27 -7.60
C LEU A 230 35.90 15.50 -8.00
N ASP A 231 36.78 16.13 -8.80
CA ASP A 231 38.14 15.63 -8.96
C ASP A 231 39.08 16.77 -9.31
N LEU A 232 39.12 17.74 -8.40
CA LEU A 232 40.04 18.85 -8.56
C LEU A 232 41.44 18.40 -8.11
N SER A 233 42.41 18.76 -8.94
CA SER A 233 43.79 18.34 -8.80
C SER A 233 44.58 18.91 -9.99
N PRO A 234 45.92 19.08 -9.87
CA PRO A 234 46.65 19.87 -10.84
C PRO A 234 46.57 19.28 -12.24
N ASP A 235 46.29 17.96 -12.30
CA ASP A 235 46.26 17.21 -13.55
C ASP A 235 44.97 17.46 -14.31
N ASN A 236 43.93 17.96 -13.60
CA ASN A 236 42.61 18.13 -14.19
C ASN A 236 42.30 19.60 -14.47
N MET A 237 43.32 20.47 -14.30
CA MET A 237 43.17 21.87 -14.66
C MET A 237 44.23 22.21 -15.71
N LEU A 238 43.78 22.70 -16.87
CA LEU A 238 44.65 23.06 -17.97
C LEU A 238 44.90 24.57 -17.97
N ILE A 239 46.04 25.00 -18.55
CA ILE A 239 46.43 26.39 -18.64
C ILE A 239 47.06 26.67 -20.01
N SER A 240 46.88 27.90 -20.50
CA SER A 240 47.36 28.29 -21.81
C SER A 240 48.60 29.16 -21.64
N PRO A 241 49.43 29.32 -22.69
CA PRO A 241 50.41 30.39 -22.76
C PRO A 241 49.77 31.76 -22.72
N LYS A 242 48.57 31.87 -23.34
CA LYS A 242 47.84 33.11 -23.53
C LYS A 242 47.21 33.59 -22.22
N ASN A 243 47.95 34.42 -21.48
CA ASN A 243 47.44 35.16 -20.35
C ASN A 243 46.79 34.22 -19.32
N TYR A 244 47.47 33.13 -18.98
CA TYR A 244 47.09 32.27 -17.86
C TYR A 244 45.64 31.82 -17.97
N GLU A 245 45.13 31.61 -19.20
CA GLU A 245 43.74 31.28 -19.42
C GLU A 245 43.50 29.78 -19.22
N MET A 246 42.57 29.44 -18.34
CA MET A 246 42.45 28.09 -17.82
C MET A 246 41.17 27.40 -18.26
N ARG A 247 41.13 26.09 -18.01
CA ARG A 247 39.98 25.25 -18.30
C ARG A 247 39.98 24.11 -17.30
N LEU A 248 38.82 23.48 -17.15
CA LEU A 248 38.73 22.27 -16.36
C LEU A 248 38.70 21.09 -17.33
N CYS A 249 39.06 19.92 -16.79
CA CYS A 249 39.31 18.71 -17.54
C CYS A 249 38.75 17.53 -16.74
N ASP A 250 38.26 16.52 -17.46
CA ASP A 250 37.83 15.24 -16.91
C ASP A 250 36.30 15.24 -16.86
N LEU A 251 35.69 15.40 -15.66
CA LEU A 251 34.24 15.40 -15.52
C LEU A 251 33.69 13.98 -15.51
N SER A 252 34.50 13.03 -15.03
CA SER A 252 34.07 11.64 -14.93
C SER A 252 33.58 11.33 -13.50
N GLN A 253 33.87 12.26 -12.59
CA GLN A 253 33.42 12.13 -11.21
C GLN A 253 32.27 13.09 -10.97
N SER A 254 31.78 13.72 -12.06
CA SER A 254 30.82 14.81 -11.95
C SER A 254 29.44 14.31 -11.54
N THR A 255 28.70 15.19 -10.84
CA THR A 255 27.30 15.00 -10.52
C THR A 255 26.52 16.23 -10.94
N PRO A 256 25.18 16.17 -11.04
CA PRO A 256 24.38 17.38 -11.05
C PRO A 256 24.51 18.05 -9.69
N ILE A 257 24.25 19.35 -9.63
CA ILE A 257 24.35 20.08 -8.37
C ILE A 257 22.95 20.26 -7.78
N TYR A 258 21.92 20.11 -8.62
CA TYR A 258 20.53 20.21 -8.21
C TYR A 258 19.78 18.92 -8.51
N THR A 259 18.82 18.56 -7.64
CA THR A 259 17.97 17.39 -7.83
C THR A 259 16.52 17.69 -7.44
N ASN A 260 15.58 16.94 -8.02
CA ASN A 260 14.17 17.05 -7.65
C ASN A 260 13.70 15.72 -7.06
N LYS A 261 14.67 14.96 -6.52
CA LYS A 261 14.41 13.72 -5.81
C LYS A 261 15.10 13.74 -4.44
N LEU A 262 14.39 13.23 -3.44
CA LEU A 262 14.94 13.21 -2.09
C LEU A 262 15.81 11.96 -1.94
N ARG A 263 17.09 12.19 -1.62
CA ARG A 263 18.12 11.17 -1.71
C ARG A 263 18.01 10.57 -3.11
N HIS A 264 17.47 9.35 -3.23
CA HIS A 264 17.35 8.81 -4.57
C HIS A 264 15.98 8.20 -4.84
N LYS A 265 14.97 8.66 -4.09
CA LYS A 265 13.69 7.99 -4.12
C LYS A 265 12.65 9.05 -4.45
N GLU A 266 12.19 9.79 -3.45
CA GLU A 266 10.89 10.44 -3.55
C GLU A 266 10.94 11.75 -4.35
N LYS A 267 9.92 11.96 -5.19
CA LYS A 267 9.85 13.10 -6.10
C LYS A 267 9.35 14.35 -5.37
N LEU A 268 10.19 15.40 -5.40
CA LEU A 268 9.94 16.67 -4.72
C LEU A 268 9.27 17.64 -5.69
N ASN A 269 8.68 18.71 -5.14
CA ASN A 269 7.87 19.63 -5.92
C ASN A 269 8.71 20.75 -6.50
N SER A 270 9.84 21.01 -5.84
CA SER A 270 10.83 21.89 -6.41
C SER A 270 12.23 21.40 -6.09
N ILE A 271 13.18 21.94 -6.85
CA ILE A 271 14.58 21.57 -6.85
C ILE A 271 15.16 21.70 -5.44
N LYS A 272 16.25 20.95 -5.16
CA LYS A 272 17.05 21.16 -3.97
C LYS A 272 18.50 20.77 -4.26
N PRO A 273 19.49 21.06 -3.36
CA PRO A 273 20.86 20.64 -3.57
C PRO A 273 21.01 19.11 -3.64
N PHE A 274 22.04 18.63 -4.37
CA PHE A 274 22.17 17.21 -4.63
C PHE A 274 23.09 16.56 -3.60
N GLU A 275 22.66 15.41 -3.09
CA GLU A 275 23.45 14.69 -2.12
C GLU A 275 23.91 13.36 -2.73
N SER A 276 25.16 12.96 -2.45
CA SER A 276 25.76 11.73 -2.96
C SER A 276 26.04 10.77 -1.82
N PHE A 277 25.93 9.45 -2.11
CA PHE A 277 26.23 8.39 -1.17
C PHE A 277 27.55 7.69 -1.53
N GLU A 278 28.31 8.27 -2.48
CA GLU A 278 29.58 7.72 -2.94
C GLU A 278 30.74 8.55 -2.41
N PRO A 279 31.34 8.20 -1.24
CA PRO A 279 32.41 9.00 -0.67
C PRO A 279 33.78 8.92 -1.35
N CYS A 280 33.96 7.95 -2.26
CA CYS A 280 35.21 7.78 -2.99
C CYS A 280 35.22 8.67 -4.24
N ILE A 281 35.74 9.90 -4.12
CA ILE A 281 35.70 10.91 -5.17
C ILE A 281 37.08 11.56 -5.32
N GLY A 282 37.48 11.74 -6.58
CA GLY A 282 38.82 12.21 -6.91
C GLY A 282 39.92 11.32 -6.32
N LYS A 283 41.07 11.96 -6.06
CA LYS A 283 42.22 11.33 -5.47
C LYS A 283 42.10 11.35 -3.95
N ILE A 284 42.64 10.34 -3.27
CA ILE A 284 42.44 10.15 -1.84
C ILE A 284 42.92 11.38 -1.07
N GLU A 285 43.92 12.08 -1.61
CA GLU A 285 44.52 13.21 -0.93
C GLU A 285 43.48 14.33 -0.82
N TYR A 286 42.60 14.45 -1.83
CA TYR A 286 41.62 15.52 -1.92
C TYR A 286 40.28 15.09 -1.33
N ILE A 287 40.17 13.87 -0.78
CA ILE A 287 38.88 13.43 -0.28
C ILE A 287 38.52 14.29 0.94
N PRO A 288 37.24 14.74 1.05
CA PRO A 288 36.79 15.58 2.15
C PRO A 288 36.41 14.80 3.40
N PRO A 289 36.46 15.42 4.61
CA PRO A 289 36.35 14.69 5.87
C PRO A 289 35.04 13.97 6.04
N GLU A 290 33.96 14.62 5.57
CA GLU A 290 32.62 14.08 5.72
C GLU A 290 32.50 12.83 4.86
N CYS A 291 33.27 12.77 3.76
CA CYS A 291 33.30 11.57 2.93
C CYS A 291 33.99 10.41 3.66
N TRP A 292 35.04 10.74 4.40
CA TRP A 292 35.71 9.77 5.26
C TRP A 292 34.78 9.27 6.35
N LYS A 293 34.03 10.18 6.98
CA LYS A 293 33.08 9.76 8.01
C LYS A 293 32.14 8.74 7.41
N ILE A 294 31.70 8.95 6.17
CA ILE A 294 30.77 8.02 5.55
C ILE A 294 31.48 6.68 5.31
N VAL A 295 32.74 6.75 4.83
CA VAL A 295 33.52 5.56 4.57
C VAL A 295 33.48 4.67 5.81
N TRP A 296 33.94 5.23 6.93
CA TRP A 296 33.95 4.54 8.20
C TRP A 296 32.57 4.02 8.60
N LYS A 297 31.51 4.74 8.23
CA LYS A 297 30.18 4.29 8.62
C LYS A 297 29.86 2.97 7.91
N TYR A 298 30.16 2.93 6.60
CA TYR A 298 29.95 1.73 5.79
C TYR A 298 30.79 0.58 6.34
N LYS A 299 32.09 0.86 6.56
CA LYS A 299 33.02 -0.15 7.05
C LYS A 299 32.49 -0.73 8.35
N MET A 300 32.25 0.14 9.33
CA MET A 300 32.01 -0.30 10.70
C MET A 300 30.64 -0.93 10.88
N ASN A 301 29.82 -0.90 9.81
CA ASN A 301 28.59 -1.66 9.84
C ASN A 301 28.60 -2.82 8.85
N ASN A 302 29.79 -3.10 8.27
CA ASN A 302 29.96 -4.19 7.32
C ASN A 302 29.08 -3.97 6.09
N ILE A 303 29.13 -2.78 5.51
CA ILE A 303 28.44 -2.53 4.25
C ILE A 303 29.48 -2.47 3.13
N LYS A 304 29.39 -3.46 2.24
CA LYS A 304 30.43 -3.76 1.26
C LYS A 304 29.98 -3.27 -0.11
N ASN A 305 28.65 -3.17 -0.31
CA ASN A 305 28.10 -2.60 -1.53
C ASN A 305 27.03 -1.56 -1.19
N PRO A 306 27.40 -0.27 -1.01
CA PRO A 306 26.44 0.81 -0.77
C PRO A 306 25.21 0.84 -1.69
N ILE A 307 25.49 0.92 -2.99
CA ILE A 307 24.45 1.02 -4.01
C ILE A 307 23.42 -0.08 -3.76
N GLU A 308 23.91 -1.27 -3.39
CA GLU A 308 23.02 -2.39 -3.15
C GLU A 308 22.24 -2.22 -1.85
N TYR A 309 22.95 -1.83 -0.77
CA TYR A 309 22.37 -1.75 0.56
C TYR A 309 21.21 -0.76 0.60
N LEU A 310 21.44 0.44 0.02
CA LEU A 310 20.51 1.56 0.06
C LEU A 310 19.32 1.29 -0.85
N LYS A 311 19.50 0.51 -1.92
CA LYS A 311 18.45 0.26 -2.90
C LYS A 311 17.08 0.08 -2.23
N ASN A 312 17.04 -0.65 -1.11
CA ASN A 312 15.77 -0.99 -0.49
C ASN A 312 15.63 -0.35 0.90
N ILE A 313 16.19 0.86 1.07
CA ILE A 313 15.97 1.63 2.28
C ILE A 313 15.05 2.81 1.93
N SER A 314 13.83 2.84 2.48
CA SER A 314 12.94 3.97 2.29
C SER A 314 13.03 4.94 3.46
N ASN A 315 13.17 4.43 4.70
CA ASN A 315 13.25 5.28 5.88
C ASN A 315 14.33 6.34 5.71
N GLN A 316 13.93 7.61 5.57
CA GLN A 316 14.84 8.65 5.13
C GLN A 316 15.72 9.12 6.29
N GLU A 317 15.44 8.62 7.50
CA GLU A 317 16.27 8.92 8.65
C GLU A 317 17.61 8.16 8.58
N GLU A 318 17.51 6.88 8.17
CA GLU A 318 18.68 6.03 7.91
C GLU A 318 19.49 6.69 6.80
N ARG A 319 18.88 6.87 5.62
CA ARG A 319 19.55 7.38 4.43
C ARG A 319 20.45 8.56 4.76
N LYS A 320 19.96 9.51 5.56
CA LYS A 320 20.69 10.71 5.94
C LYS A 320 22.13 10.37 6.30
N LYS A 321 22.36 9.24 6.97
CA LYS A 321 23.66 8.91 7.57
C LYS A 321 24.73 8.61 6.51
N TYR A 322 24.31 8.37 5.25
CA TYR A 322 25.24 7.92 4.23
C TYR A 322 25.34 8.92 3.08
N TYR A 323 25.04 10.20 3.35
CA TYR A 323 24.96 11.20 2.29
C TYR A 323 25.67 12.49 2.69
N TYR A 324 26.29 13.14 1.70
CA TYR A 324 27.01 14.39 1.90
C TYR A 324 26.52 15.40 0.88
N ASP A 325 26.77 16.71 1.13
CA ASP A 325 26.46 17.67 0.10
C ASP A 325 27.62 17.77 -0.90
N VAL A 326 27.28 17.67 -2.20
CA VAL A 326 28.26 17.60 -3.28
C VAL A 326 28.97 18.94 -3.43
N SER A 327 28.22 20.02 -3.35
CA SER A 327 28.76 21.34 -3.65
C SER A 327 29.80 21.73 -2.60
N CYS A 328 29.57 21.30 -1.35
CA CYS A 328 30.50 21.59 -0.27
C CYS A 328 31.77 20.76 -0.45
N ALA A 329 31.58 19.59 -1.05
CA ALA A 329 32.68 18.69 -1.35
C ALA A 329 33.62 19.34 -2.35
N ASP A 330 33.06 19.84 -3.47
CA ASP A 330 33.85 20.60 -4.44
C ASP A 330 34.69 21.65 -3.72
N LYS A 331 34.05 22.46 -2.89
CA LYS A 331 34.72 23.57 -2.26
C LYS A 331 35.91 23.04 -1.46
N TYR A 332 35.71 21.94 -0.76
CA TYR A 332 36.78 21.42 0.09
C TYR A 332 37.98 21.01 -0.77
N MET A 333 37.73 20.38 -1.91
CA MET A 333 38.79 20.00 -2.83
C MET A 333 39.59 21.22 -3.26
N LEU A 334 38.88 22.28 -3.67
CA LEU A 334 39.52 23.50 -4.12
C LEU A 334 40.41 24.06 -3.02
N GLY A 335 39.98 23.87 -1.77
CA GLY A 335 40.78 24.26 -0.62
C GLY A 335 42.12 23.55 -0.59
N ILE A 336 42.08 22.22 -0.76
CA ILE A 336 43.28 21.41 -0.76
C ILE A 336 44.18 21.86 -1.92
N PHE A 337 43.56 22.04 -3.10
CA PHE A 337 44.29 22.55 -4.25
C PHE A 337 45.06 23.80 -3.86
N PHE A 338 44.40 24.72 -3.13
CA PHE A 338 45.03 25.99 -2.76
C PHE A 338 46.25 25.72 -1.89
N ILE A 339 46.08 24.84 -0.88
CA ILE A 339 47.15 24.55 0.08
C ILE A 339 48.31 23.88 -0.67
N TRP A 340 47.97 22.97 -1.59
CA TRP A 340 48.95 22.25 -2.37
C TRP A 340 49.77 23.21 -3.23
N MET A 341 49.10 24.20 -3.82
CA MET A 341 49.76 25.17 -4.69
C MET A 341 50.61 26.14 -3.87
N TRP A 342 50.19 26.43 -2.64
CA TRP A 342 50.90 27.43 -1.86
C TRP A 342 52.11 26.78 -1.20
N ASN A 343 51.90 25.58 -0.68
CA ASN A 343 52.90 24.88 0.13
C ASN A 343 53.96 24.23 -0.77
N ASN A 344 53.61 24.01 -2.04
CA ASN A 344 54.45 23.25 -2.96
C ASN A 344 54.47 21.80 -2.46
N GLY A 345 53.27 21.20 -2.42
CA GLY A 345 53.04 19.88 -1.87
C GLY A 345 52.03 19.88 -0.71
N PHE A 346 51.33 18.77 -0.50
CA PHE A 346 50.35 18.58 0.55
C PHE A 346 50.95 18.89 1.92
N ILE A 347 50.08 19.12 2.91
CA ILE A 347 50.50 19.25 4.30
C ILE A 347 50.04 18.01 5.07
N TRP A 348 48.77 17.62 4.88
CA TRP A 348 48.28 16.32 5.31
C TRP A 348 47.88 15.51 4.09
N LYS A 349 47.91 14.17 4.24
CA LYS A 349 47.89 13.22 3.13
C LYS A 349 46.49 12.64 2.92
N CYS A 350 45.70 12.59 3.99
CA CYS A 350 44.26 12.41 3.85
C CYS A 350 43.51 13.19 4.94
N SER A 351 42.27 13.57 4.64
CA SER A 351 41.46 14.38 5.57
C SER A 351 40.68 13.49 6.52
N ASP A 352 41.37 12.55 7.18
CA ASP A 352 40.74 11.58 8.06
C ASP A 352 41.52 11.50 9.37
N PRO A 353 40.98 12.07 10.49
CA PRO A 353 41.77 12.20 11.72
C PRO A 353 42.18 10.85 12.33
N ILE A 354 41.51 9.79 11.88
CA ILE A 354 41.80 8.46 12.36
C ILE A 354 43.16 7.99 11.81
N GLN A 355 43.47 8.42 10.58
CA GLN A 355 44.58 7.92 9.80
C GLN A 355 45.62 9.01 9.53
N ASP A 356 45.49 10.19 10.14
CA ASP A 356 46.44 11.26 9.83
C ASP A 356 46.59 12.19 11.02
N LYS A 357 47.69 12.05 11.76
CA LYS A 357 48.01 12.85 12.95
C LYS A 357 48.03 14.35 12.61
N ILE A 358 48.52 14.68 11.41
CA ILE A 358 48.63 16.06 10.99
C ILE A 358 47.22 16.64 10.87
N PHE A 359 46.31 15.93 10.21
CA PHE A 359 44.94 16.38 10.04
C PHE A 359 44.27 16.61 11.40
N GLU A 360 44.56 15.74 12.34
CA GLU A 360 43.95 15.82 13.65
C GLU A 360 44.42 17.08 14.37
N ILE A 361 45.60 17.59 14.02
CA ILE A 361 46.09 18.82 14.62
C ILE A 361 45.37 19.99 13.96
N PHE A 362 45.18 19.87 12.64
CA PHE A 362 44.40 20.84 11.89
C PHE A 362 43.07 21.04 12.59
N MET A 363 42.45 19.93 13.00
CA MET A 363 41.13 19.95 13.62
C MET A 363 41.23 20.40 15.08
N LYS A 364 42.30 19.98 15.77
CA LYS A 364 42.48 20.35 17.17
C LYS A 364 42.65 21.86 17.27
N SER A 365 42.75 22.54 16.11
CA SER A 365 42.74 24.00 16.02
C SER A 365 41.62 24.48 15.10
N ASN A 366 40.47 23.80 15.16
CA ASN A 366 39.23 24.23 14.51
C ASN A 366 39.46 24.63 13.06
N MET A 367 40.26 23.86 12.34
CA MET A 367 40.47 24.02 10.90
C MET A 367 40.76 25.48 10.56
N ASP A 368 41.68 26.08 11.33
CA ASP A 368 41.94 27.52 11.26
C ASP A 368 43.43 27.74 10.98
N LEU A 369 43.73 28.10 9.74
CA LEU A 369 45.09 28.11 9.23
C LEU A 369 45.96 29.10 10.00
N ASN A 370 45.34 30.07 10.65
CA ASN A 370 46.08 31.07 11.40
C ASN A 370 46.51 30.49 12.76
N LYS A 371 45.62 29.73 13.40
CA LYS A 371 45.94 29.07 14.65
C LYS A 371 46.63 27.72 14.40
N PHE A 372 46.81 27.33 13.13
CA PHE A 372 47.48 26.09 12.80
C PHE A 372 49.00 26.31 12.80
N ILE A 373 49.74 25.35 13.35
CA ILE A 373 51.19 25.45 13.44
C ILE A 373 51.87 25.52 12.06
N MET A 374 51.42 24.76 11.05
CA MET A 374 52.12 24.64 9.79
C MET A 374 51.79 25.77 8.81
N THR A 375 50.96 26.72 9.19
CA THR A 375 50.50 27.76 8.28
C THR A 375 50.51 29.11 8.99
N LYS A 376 51.03 29.16 10.23
CA LYS A 376 50.97 30.35 11.08
C LYS A 376 51.68 31.52 10.42
N SER A 377 52.84 31.27 9.81
CA SER A 377 53.62 32.33 9.20
C SER A 377 53.30 32.44 7.71
N TRP A 378 52.06 32.13 7.32
CA TRP A 378 51.56 32.46 5.99
C TRP A 378 50.80 33.79 6.02
N PRO A 379 50.52 34.41 4.85
CA PRO A 379 49.69 35.61 4.81
C PRO A 379 48.35 35.43 5.52
N HIS A 380 48.10 36.29 6.53
CA HIS A 380 46.88 36.27 7.33
C HIS A 380 45.67 36.21 6.41
N GLU A 381 45.68 37.00 5.35
CA GLU A 381 44.51 37.18 4.50
C GLU A 381 44.27 35.91 3.66
N LEU A 382 45.35 35.25 3.23
CA LEU A 382 45.23 34.05 2.42
C LEU A 382 44.65 32.90 3.25
N ASN A 383 45.22 32.72 4.44
CA ASN A 383 44.73 31.73 5.39
C ASN A 383 43.23 31.92 5.62
N ASN A 384 42.82 33.17 5.81
CA ASN A 384 41.41 33.46 5.99
C ASN A 384 40.64 32.99 4.75
N LEU A 385 41.15 33.30 3.56
CA LEU A 385 40.46 32.91 2.34
C LEU A 385 40.26 31.38 2.32
N ILE A 386 41.33 30.63 2.63
CA ILE A 386 41.33 29.18 2.52
C ILE A 386 40.34 28.60 3.52
N ASN A 387 40.31 29.18 4.72
CA ASN A 387 39.42 28.70 5.77
C ASN A 387 37.97 28.62 5.29
N LYS A 388 37.61 29.43 4.31
CA LYS A 388 36.23 29.57 3.86
C LYS A 388 35.92 28.61 2.71
N LEU A 389 36.90 27.76 2.38
CA LEU A 389 36.72 26.64 1.47
C LEU A 389 36.81 25.34 2.25
N LEU A 390 37.26 25.38 3.51
CA LEU A 390 37.60 24.16 4.23
C LEU A 390 36.57 23.83 5.30
N HIS A 391 36.46 24.67 6.34
CA HIS A 391 35.56 24.44 7.45
C HIS A 391 34.11 24.37 6.94
N MET A 392 33.27 23.53 7.54
CA MET A 392 31.95 23.21 7.00
C MET A 392 30.95 24.36 7.21
N GLU A 393 31.05 25.10 8.33
CA GLU A 393 30.16 26.25 8.52
C GLU A 393 30.34 27.19 7.34
N HIS A 394 31.61 27.48 6.99
CA HIS A 394 31.90 28.38 5.89
C HIS A 394 31.39 27.78 4.58
N ARG A 395 31.73 26.53 4.31
CA ARG A 395 31.33 25.86 3.07
C ARG A 395 29.82 25.98 2.86
N LYS A 396 29.05 25.72 3.92
CA LYS A 396 27.61 25.82 3.84
C LYS A 396 27.18 27.26 3.51
N THR A 397 27.87 28.27 4.07
CA THR A 397 27.41 29.64 4.04
C THR A 397 28.07 30.47 2.94
N VAL A 398 29.41 30.43 2.86
CA VAL A 398 30.14 31.37 2.00
C VAL A 398 30.04 30.94 0.54
N LYS A 399 29.55 31.84 -0.31
CA LYS A 399 29.35 31.63 -1.74
C LYS A 399 30.70 31.80 -2.46
N LEU A 400 30.79 31.24 -3.68
CA LEU A 400 32.03 31.30 -4.44
C LEU A 400 32.24 32.68 -5.07
N SER A 401 31.13 33.27 -5.53
CA SER A 401 31.11 34.63 -6.05
C SER A 401 31.69 35.67 -5.07
N ASP A 402 31.51 35.39 -3.77
CA ASP A 402 31.97 36.31 -2.74
C ASP A 402 33.44 36.08 -2.40
N LEU A 403 33.88 34.83 -2.55
CA LEU A 403 35.28 34.50 -2.32
C LEU A 403 36.15 35.05 -3.44
N SER A 404 35.58 35.10 -4.64
CA SER A 404 36.27 35.67 -5.79
C SER A 404 36.55 37.17 -5.61
N ARG A 405 35.89 37.84 -4.66
CA ARG A 405 36.08 39.28 -4.42
C ARG A 405 36.74 39.49 -3.05
N HIS A 406 37.35 38.43 -2.51
CA HIS A 406 37.96 38.44 -1.18
C HIS A 406 39.12 39.44 -1.14
N PRO A 407 39.33 40.14 0.01
CA PRO A 407 40.44 41.09 0.15
C PRO A 407 41.82 40.65 -0.37
N TRP A 408 42.19 39.37 -0.22
CA TRP A 408 43.54 38.91 -0.51
C TRP A 408 43.91 39.03 -2.00
N TRP A 409 42.91 38.89 -2.88
CA TRP A 409 43.08 38.96 -4.32
C TRP A 409 43.57 40.34 -4.75
N SER A 410 43.70 41.29 -3.81
CA SER A 410 44.07 42.65 -4.15
C SER A 410 45.19 43.17 -3.27
N SER A 411 45.74 42.37 -2.35
CA SER A 411 46.88 42.77 -1.56
C SER A 411 48.11 42.83 -2.45
N LYS A 412 49.25 43.25 -1.85
CA LYS A 412 50.49 43.44 -2.59
C LYS A 412 51.31 42.13 -2.64
N ASN A 413 51.97 41.90 -3.80
CA ASN A 413 52.92 40.81 -4.06
C ASN A 413 52.24 39.62 -4.73
N TYR B 10 -0.80 -0.15 18.94
CA TYR B 10 -0.89 1.01 18.00
C TYR B 10 -0.24 2.22 18.67
N VAL B 11 0.42 3.05 17.85
CA VAL B 11 1.17 4.21 18.33
C VAL B 11 0.44 5.47 17.84
N TYR B 12 0.77 6.63 18.44
CA TYR B 12 0.01 7.85 18.19
C TYR B 12 -0.03 8.20 16.70
N ASN B 13 -1.25 8.26 16.16
CA ASN B 13 -1.54 8.78 14.84
C ASN B 13 -2.71 9.76 14.97
N TRP B 14 -2.82 10.76 14.07
CA TRP B 14 -3.85 11.78 14.17
C TRP B 14 -5.24 11.20 13.85
N GLU B 15 -5.30 10.17 12.99
CA GLU B 15 -6.58 9.55 12.70
C GLU B 15 -7.10 8.89 13.98
N LEU B 16 -6.20 8.27 14.73
CA LEU B 16 -6.56 7.54 15.93
C LEU B 16 -6.91 8.53 17.04
N GLY B 17 -6.16 9.64 17.10
CA GLY B 17 -6.37 10.67 18.10
C GLY B 17 -7.80 11.19 18.06
N GLN B 18 -8.27 11.53 16.85
CA GLN B 18 -9.62 12.00 16.66
C GLN B 18 -10.62 10.92 17.05
N LYS B 19 -10.40 9.68 16.59
CA LYS B 19 -11.33 8.60 16.86
C LYS B 19 -11.41 8.35 18.36
N SER B 20 -10.29 8.56 19.06
CA SER B 20 -10.24 8.38 20.51
C SER B 20 -11.13 9.41 21.19
N LEU B 21 -11.11 10.65 20.68
CA LEU B 21 -11.77 11.77 21.32
C LEU B 21 -13.28 11.72 21.10
N ILE B 22 -13.72 11.32 19.91
CA ILE B 22 -15.14 11.24 19.60
C ILE B 22 -15.86 10.36 20.62
N LYS B 23 -15.17 9.32 21.11
CA LYS B 23 -15.77 8.40 22.05
C LYS B 23 -16.03 9.08 23.39
N MET B 24 -15.29 10.16 23.66
CA MET B 24 -15.34 10.82 24.95
C MET B 24 -16.19 12.11 24.91
N LEU B 25 -16.81 12.41 23.76
CA LEU B 25 -17.47 13.69 23.59
C LEU B 25 -18.95 13.60 24.02
N ASP B 26 -19.44 14.62 24.74
CA ASP B 26 -20.87 14.79 24.94
C ASP B 26 -21.24 16.25 25.19
N TYR B 27 -22.55 16.54 25.05
CA TYR B 27 -23.15 17.81 25.45
C TYR B 27 -23.15 17.89 26.97
N ALA B 28 -22.74 19.03 27.53
CA ALA B 28 -22.63 19.20 28.97
C ALA B 28 -24.02 19.21 29.59
N ASP B 29 -25.01 19.52 28.77
CA ASP B 29 -26.41 19.45 29.17
C ASP B 29 -26.67 18.11 29.84
N ASN B 30 -26.28 17.03 29.15
CA ASN B 30 -26.75 15.67 29.45
C ASN B 30 -25.83 14.94 30.44
N PHE B 31 -24.83 15.61 31.00
CA PHE B 31 -23.75 14.89 31.64
C PHE B 31 -23.96 14.81 33.15
N TYR B 32 -24.05 13.59 33.68
CA TYR B 32 -24.00 13.30 35.10
C TYR B 32 -22.77 12.45 35.40
N PHE B 33 -22.16 12.68 36.56
CA PHE B 33 -21.07 11.88 37.06
C PHE B 33 -21.51 11.45 38.46
N ASN B 34 -21.65 10.14 38.67
CA ASN B 34 -22.26 9.57 39.86
C ASN B 34 -23.63 10.17 40.11
N GLY B 35 -24.45 10.35 39.07
CA GLY B 35 -25.81 10.85 39.25
C GLY B 35 -25.88 12.38 39.37
N VAL B 36 -24.82 12.98 39.92
CA VAL B 36 -24.69 14.40 40.11
C VAL B 36 -24.53 15.12 38.77
N LYS B 37 -25.41 16.08 38.50
CA LYS B 37 -25.48 16.74 37.20
C LYS B 37 -24.35 17.75 37.09
N TYR B 38 -23.81 17.85 35.87
CA TYR B 38 -22.65 18.69 35.57
C TYR B 38 -22.88 20.09 36.12
N SER B 39 -24.01 20.67 35.71
CA SER B 39 -24.44 22.01 36.10
C SER B 39 -24.29 22.25 37.60
N ASP B 40 -24.42 21.21 38.42
CA ASP B 40 -24.45 21.39 39.87
C ASP B 40 -23.13 20.98 40.51
N TRP B 41 -22.00 21.13 39.82
CA TRP B 41 -20.74 20.89 40.51
C TRP B 41 -20.27 22.19 41.14
N LYS B 42 -19.57 22.09 42.28
CA LYS B 42 -18.97 23.26 42.90
C LYS B 42 -17.50 23.33 42.46
N LEU B 43 -17.25 24.13 41.42
CA LEU B 43 -15.93 24.26 40.82
C LEU B 43 -15.15 25.33 41.57
N THR B 44 -13.95 24.97 42.05
CA THR B 44 -13.02 25.91 42.64
C THR B 44 -11.94 26.26 41.60
N SER B 45 -11.60 27.54 41.47
CA SER B 45 -10.58 27.97 40.52
C SER B 45 -9.19 27.49 40.93
N MET B 46 -8.32 27.28 39.93
CA MET B 46 -6.96 26.79 40.13
C MET B 46 -5.98 27.94 39.80
N LYS B 57 -3.58 33.22 30.02
CA LYS B 57 -4.24 31.92 29.74
C LYS B 57 -5.61 32.20 29.12
N ASP B 58 -5.79 31.79 27.86
CA ASP B 58 -7.07 31.84 27.18
C ASP B 58 -7.99 30.74 27.68
N HIS B 59 -7.48 29.89 28.59
CA HIS B 59 -8.27 28.81 29.15
C HIS B 59 -8.34 29.01 30.66
N LYS B 60 -9.40 28.45 31.28
CA LYS B 60 -9.56 28.47 32.72
C LYS B 60 -9.60 27.03 33.23
N THR B 61 -8.84 26.78 34.31
CA THR B 61 -8.87 25.49 34.98
C THR B 61 -9.55 25.62 36.34
N TYR B 62 -10.22 24.53 36.77
CA TYR B 62 -10.86 24.46 38.06
C TYR B 62 -10.75 23.03 38.62
N LYS B 63 -10.73 22.92 39.96
CA LYS B 63 -10.90 21.67 40.69
C LYS B 63 -12.37 21.51 41.09
N SER B 64 -12.77 20.28 41.45
CA SER B 64 -14.11 20.01 41.94
C SER B 64 -14.14 18.67 42.67
N ILE B 65 -15.16 18.47 43.51
CA ILE B 65 -15.34 17.25 44.27
C ILE B 65 -16.80 16.81 44.17
N ILE B 66 -17.05 15.70 43.47
CA ILE B 66 -18.40 15.20 43.32
C ILE B 66 -18.70 14.23 44.46
N ASN B 67 -19.98 14.17 44.90
CA ASN B 67 -20.42 13.32 45.99
C ASN B 67 -21.57 12.41 45.55
N SER B 68 -21.30 11.10 45.40
CA SER B 68 -22.33 10.10 45.17
C SER B 68 -23.08 9.85 46.49
N LYS B 69 -22.34 9.34 47.49
CA LYS B 69 -22.88 9.07 48.83
C LYS B 69 -24.34 8.60 48.77
N LYS B 70 -24.59 7.52 48.00
CA LYS B 70 -25.92 6.92 47.86
C LYS B 70 -25.98 5.64 48.70
N GLY B 71 -26.10 5.81 50.02
CA GLY B 71 -26.10 4.69 50.95
C GLY B 71 -26.43 5.14 52.37
N LYS B 75 -18.12 7.56 47.45
CA LYS B 75 -17.45 8.09 46.23
C LYS B 75 -17.40 9.61 46.33
N LYS B 76 -16.40 10.12 47.06
CA LYS B 76 -16.03 11.53 47.04
C LYS B 76 -14.88 11.68 46.03
N VAL B 77 -15.24 12.03 44.79
CA VAL B 77 -14.33 11.93 43.66
C VAL B 77 -13.93 13.32 43.17
N LYS B 78 -12.62 13.53 43.04
CA LYS B 78 -12.03 14.85 42.84
C LYS B 78 -11.56 15.00 41.39
N LEU B 79 -12.16 15.94 40.66
CA LEU B 79 -11.93 16.08 39.23
C LEU B 79 -11.12 17.34 38.96
N PHE B 80 -10.61 17.44 37.72
CA PHE B 80 -9.87 18.58 37.20
C PHE B 80 -10.56 19.00 35.90
N ILE B 81 -10.73 20.31 35.71
CA ILE B 81 -11.55 20.81 34.61
C ILE B 81 -10.77 21.89 33.88
N LYS B 82 -10.52 21.68 32.58
CA LYS B 82 -10.01 22.75 31.74
C LYS B 82 -11.15 23.19 30.85
N LYS B 83 -11.33 24.51 30.68
CA LYS B 83 -12.38 25.05 29.85
C LYS B 83 -11.78 25.96 28.78
N ILE B 84 -12.19 25.73 27.52
CA ILE B 84 -11.57 26.36 26.37
C ILE B 84 -12.67 27.00 25.53
N PRO B 85 -12.56 28.31 25.22
CA PRO B 85 -13.52 28.98 24.34
C PRO B 85 -13.62 28.31 22.99
N ILE B 86 -14.85 28.11 22.51
CA ILE B 86 -15.05 27.43 21.24
C ILE B 86 -14.49 28.28 20.11
N ASP B 87 -14.37 29.61 20.32
CA ASP B 87 -13.75 30.43 19.28
C ASP B 87 -12.33 29.93 19.06
N ILE B 88 -11.59 29.70 20.15
CA ILE B 88 -10.23 29.24 20.06
C ILE B 88 -10.22 27.81 19.55
N TRP B 89 -11.17 26.99 20.03
CA TRP B 89 -11.26 25.61 19.57
C TRP B 89 -11.42 25.60 18.06
N VAL B 90 -12.48 26.23 17.56
CA VAL B 90 -12.84 26.07 16.16
C VAL B 90 -11.63 26.42 15.28
N GLU B 91 -10.94 27.50 15.62
CA GLU B 91 -9.82 27.95 14.81
C GLU B 91 -8.73 26.87 14.81
N GLN B 92 -8.46 26.30 15.99
CA GLN B 92 -7.35 25.40 16.19
C GLN B 92 -7.62 24.08 15.47
N PHE B 93 -8.90 23.75 15.33
CA PHE B 93 -9.27 22.48 14.72
C PHE B 93 -9.12 22.57 13.20
N ASN B 94 -9.58 23.67 12.62
CA ASN B 94 -9.42 23.91 11.20
C ASN B 94 -7.94 23.83 10.81
N LEU B 95 -7.06 24.33 11.68
CA LEU B 95 -5.64 24.38 11.36
C LEU B 95 -5.04 22.97 11.48
N MET B 96 -5.35 22.28 12.58
CA MET B 96 -4.87 20.92 12.78
C MET B 96 -5.39 20.02 11.65
N LYS B 97 -6.56 20.34 11.10
CA LYS B 97 -7.07 19.55 9.98
C LYS B 97 -6.27 19.87 8.71
N LYS B 98 -5.99 21.17 8.48
CA LYS B 98 -5.17 21.59 7.35
C LYS B 98 -3.80 20.89 7.38
N TYR B 99 -3.21 20.79 8.58
CA TYR B 99 -1.87 20.28 8.75
C TYR B 99 -1.86 18.83 9.21
N GLU B 100 -3.01 18.16 9.10
CA GLU B 100 -3.17 16.78 9.54
C GLU B 100 -2.45 16.53 10.86
N GLY B 101 -2.74 17.36 11.85
CA GLY B 101 -2.26 17.14 13.21
C GLY B 101 -0.93 17.82 13.49
N GLU B 102 -0.33 18.44 12.46
CA GLU B 102 1.02 18.96 12.55
C GLU B 102 1.01 20.48 12.68
N TYR B 103 0.04 21.04 13.43
CA TYR B 103 -0.05 22.48 13.61
C TYR B 103 0.76 22.86 14.85
N LEU B 104 1.53 23.96 14.78
CA LEU B 104 2.39 24.33 15.88
C LEU B 104 2.24 25.81 16.24
N ILE B 105 2.17 26.07 17.56
CA ILE B 105 2.11 27.42 18.10
C ILE B 105 2.93 27.45 19.39
N ASP B 106 3.32 28.67 19.78
CA ASP B 106 4.11 28.86 20.98
C ASP B 106 3.21 28.65 22.20
N LYS B 107 1.93 29.05 22.04
CA LYS B 107 0.95 29.04 23.12
C LYS B 107 0.33 27.64 23.18
N GLU B 108 -0.87 27.52 23.75
CA GLU B 108 -1.49 26.22 23.98
C GLU B 108 -2.22 25.74 22.72
N ASN B 109 -1.89 24.52 22.30
CA ASN B 109 -2.64 23.80 21.29
C ASN B 109 -3.65 22.90 22.01
N TYR B 110 -4.92 23.27 21.94
CA TYR B 110 -5.95 22.64 22.75
C TYR B 110 -6.45 21.39 22.04
N VAL B 111 -6.51 21.43 20.71
CA VAL B 111 -6.95 20.31 19.90
C VAL B 111 -6.00 19.13 20.11
N MET B 112 -4.68 19.40 20.12
CA MET B 112 -3.67 18.38 20.40
C MET B 112 -3.88 17.80 21.79
N GLU B 113 -3.75 18.64 22.83
CA GLU B 113 -3.95 18.18 24.19
C GLU B 113 -5.16 17.26 24.28
N ALA B 114 -6.27 17.66 23.67
CA ALA B 114 -7.45 16.81 23.76
C ALA B 114 -7.16 15.40 23.22
N VAL B 115 -6.66 15.31 21.99
CA VAL B 115 -6.43 14.02 21.33
C VAL B 115 -5.31 13.25 22.05
N SER B 116 -4.19 13.91 22.32
CA SER B 116 -3.15 13.30 23.13
C SER B 116 -3.74 12.61 24.36
N LEU B 117 -4.62 13.31 25.09
CA LEU B 117 -5.14 12.78 26.34
C LEU B 117 -6.10 11.62 26.08
N ALA B 118 -6.91 11.76 25.01
CA ALA B 118 -7.95 10.79 24.74
C ALA B 118 -7.28 9.47 24.36
N PHE B 119 -6.24 9.57 23.52
CA PHE B 119 -5.49 8.44 23.00
C PHE B 119 -4.78 7.75 24.15
N LEU B 120 -3.90 8.46 24.85
CA LEU B 120 -3.14 7.89 25.95
C LEU B 120 -4.07 7.15 26.92
N ASN B 121 -5.28 7.67 27.10
CA ASN B 121 -6.22 7.11 28.07
C ASN B 121 -6.73 5.76 27.55
N GLU B 122 -7.11 5.70 26.27
CA GLU B 122 -7.70 4.51 25.68
C GLU B 122 -6.66 3.39 25.52
N TYR B 123 -5.42 3.75 25.17
CA TYR B 123 -4.44 2.77 24.73
C TYR B 123 -3.22 2.67 25.66
N TYR B 124 -3.00 3.66 26.53
CA TYR B 124 -1.82 3.59 27.40
C TYR B 124 -2.13 4.22 28.76
N PRO B 125 -3.12 3.70 29.52
CA PRO B 125 -3.31 4.08 30.91
C PRO B 125 -2.00 4.25 31.67
N GLY B 126 -1.94 5.25 32.54
CA GLY B 126 -0.92 5.33 33.59
C GLY B 126 0.16 6.36 33.30
N ILE B 127 -0.01 7.15 32.23
CA ILE B 127 0.92 8.23 31.91
C ILE B 127 0.29 9.55 32.35
N THR B 128 -0.94 9.80 31.86
CA THR B 128 -1.69 10.97 32.26
C THR B 128 -2.69 10.54 33.32
N PRO B 129 -3.16 11.46 34.19
CA PRO B 129 -4.34 11.19 35.00
C PRO B 129 -5.50 10.74 34.11
N LYS B 130 -6.40 9.92 34.66
CA LYS B 130 -7.48 9.31 33.90
C LYS B 130 -8.26 10.44 33.21
N PHE B 131 -8.70 10.19 31.97
CA PHE B 131 -9.48 11.18 31.24
C PHE B 131 -10.91 10.66 31.16
N TYR B 132 -11.89 11.53 31.46
CA TYR B 132 -13.28 11.10 31.63
C TYR B 132 -14.19 11.57 30.51
N LYS B 133 -14.01 12.81 30.04
CA LYS B 133 -14.94 13.33 29.05
C LYS B 133 -14.42 14.62 28.43
N ILE B 134 -14.83 14.84 27.18
CA ILE B 134 -14.78 16.16 26.58
C ILE B 134 -16.23 16.63 26.37
N LEU B 135 -16.53 17.90 26.69
CA LEU B 135 -17.91 18.39 26.70
C LEU B 135 -18.03 19.73 25.98
N TYR B 136 -19.11 19.86 25.19
CA TYR B 136 -19.55 21.14 24.67
C TYR B 136 -20.53 21.76 25.68
N GLU B 137 -20.34 23.06 25.97
CA GLU B 137 -21.14 23.78 26.94
C GLU B 137 -21.53 25.12 26.35
N SER B 138 -22.79 25.53 26.60
CA SER B 138 -23.36 26.76 26.10
C SER B 138 -22.97 27.95 26.98
N ASP B 139 -23.49 29.14 26.67
CA ASP B 139 -23.29 30.35 27.46
C ASP B 139 -24.66 30.97 27.77
N TYR B 151 -28.06 15.64 18.31
CA TYR B 151 -27.07 15.11 17.33
C TYR B 151 -26.21 14.08 18.06
N LYS B 152 -26.01 12.92 17.43
CA LYS B 152 -24.89 12.04 17.80
C LYS B 152 -23.69 12.44 16.95
N PHE B 153 -22.78 13.22 17.54
CA PHE B 153 -21.65 13.77 16.80
C PHE B 153 -20.83 12.60 16.23
N GLN B 154 -20.72 12.56 14.90
CA GLN B 154 -20.09 11.45 14.21
C GLN B 154 -18.57 11.64 14.20
N ASP B 155 -18.12 12.84 13.82
CA ASP B 155 -16.71 13.17 13.78
C ASP B 155 -16.51 14.59 14.30
N LEU B 156 -15.26 14.94 14.58
CA LEU B 156 -14.89 16.27 15.03
C LEU B 156 -15.21 17.35 14.00
N ASN B 157 -15.49 16.97 12.74
CA ASN B 157 -15.93 17.95 11.75
C ASN B 157 -17.39 18.29 11.99
N GLU B 158 -18.22 17.27 12.27
CA GLU B 158 -19.62 17.47 12.59
C GLU B 158 -19.74 18.42 13.78
N LEU B 159 -18.85 18.26 14.76
CA LEU B 159 -18.77 19.18 15.89
C LEU B 159 -18.49 20.57 15.36
N ASN B 160 -17.35 20.75 14.69
CA ASN B 160 -16.97 22.07 14.20
C ASN B 160 -18.08 22.69 13.38
N ASP B 161 -18.76 21.89 12.53
CA ASP B 161 -19.89 22.41 11.78
C ASP B 161 -20.83 23.16 12.72
N ILE B 162 -21.25 22.47 13.79
CA ILE B 162 -22.18 23.06 14.74
C ILE B 162 -21.55 24.29 15.36
N LEU B 163 -20.40 24.13 16.02
CA LEU B 163 -19.72 25.22 16.69
C LEU B 163 -19.59 26.46 15.79
N THR B 164 -19.37 26.24 14.49
CA THR B 164 -19.21 27.33 13.53
C THR B 164 -20.55 28.01 13.29
N LYS B 165 -21.63 27.23 13.20
CA LYS B 165 -22.97 27.78 13.06
C LYS B 165 -23.32 28.61 14.30
N LYS B 166 -22.91 28.12 15.49
CA LYS B 166 -23.16 28.79 16.76
C LYS B 166 -22.36 30.09 16.82
N LEU B 167 -21.09 30.08 16.39
CA LEU B 167 -20.25 31.27 16.44
C LEU B 167 -20.73 32.34 15.46
N GLU B 168 -21.32 31.90 14.35
CA GLU B 168 -21.84 32.81 13.33
C GLU B 168 -23.05 33.55 13.88
N ASN B 169 -23.61 33.08 15.01
CA ASN B 169 -24.77 33.69 15.65
C ASN B 169 -24.42 34.26 17.02
N ASN B 170 -23.13 34.59 17.22
CA ASN B 170 -22.60 35.06 18.49
C ASN B 170 -23.20 34.26 19.64
N ILE B 171 -22.96 32.94 19.63
CA ILE B 171 -23.33 32.04 20.72
C ILE B 171 -22.08 31.33 21.18
N ASN B 172 -21.33 31.94 22.10
CA ASN B 172 -20.08 31.35 22.57
C ASN B 172 -20.40 30.20 23.53
N GLY B 173 -19.34 29.55 24.00
CA GLY B 173 -19.43 28.49 24.97
C GLY B 173 -18.02 27.96 25.24
N ASN B 174 -17.93 26.76 25.81
CA ASN B 174 -16.62 26.21 26.08
C ASN B 174 -16.55 24.75 25.67
N ILE B 175 -15.31 24.29 25.44
CA ILE B 175 -14.99 22.87 25.37
C ILE B 175 -14.33 22.52 26.69
N VAL B 176 -14.86 21.49 27.35
CA VAL B 176 -14.46 21.16 28.71
C VAL B 176 -13.75 19.80 28.70
N LEU B 177 -12.52 19.78 29.25
CA LEU B 177 -11.77 18.55 29.39
C LEU B 177 -11.80 18.11 30.85
N ILE B 178 -12.36 16.93 31.13
CA ILE B 178 -12.56 16.49 32.51
C ILE B 178 -11.67 15.28 32.81
N SER B 179 -10.73 15.48 33.75
CA SER B 179 -9.80 14.43 34.13
C SER B 179 -9.86 14.15 35.62
N GLU B 180 -9.31 12.99 36.00
CA GLU B 180 -9.01 12.70 37.38
C GLU B 180 -8.05 13.76 37.91
N PHE B 181 -8.25 14.16 39.17
CA PHE B 181 -7.23 14.96 39.83
C PHE B 181 -6.29 13.99 40.53
N PHE B 182 -5.00 14.05 40.19
CA PHE B 182 -4.03 13.10 40.69
C PHE B 182 -3.00 13.81 41.57
N GLY B 183 -2.96 13.46 42.86
CA GLY B 183 -1.87 13.87 43.74
C GLY B 183 -1.62 15.38 43.77
N GLU B 184 -0.35 15.76 43.63
CA GLU B 184 0.13 17.14 43.74
C GLU B 184 1.44 17.26 42.96
N ASN B 185 1.68 18.41 42.32
CA ASN B 185 2.87 18.55 41.51
C ASN B 185 4.13 18.48 42.36
N VAL B 186 5.28 18.43 41.69
CA VAL B 186 6.56 18.22 42.35
C VAL B 186 6.92 19.46 43.15
N PHE B 187 6.60 20.63 42.60
CA PHE B 187 6.81 21.92 43.26
C PHE B 187 6.18 21.86 44.64
N ASP B 188 4.89 21.51 44.65
CA ASP B 188 4.10 21.43 45.87
C ASP B 188 4.72 20.42 46.82
N TYR B 189 5.02 19.21 46.29
CA TYR B 189 5.50 18.08 47.05
C TYR B 189 6.71 18.53 47.87
N ILE B 190 7.64 19.20 47.21
CA ILE B 190 8.88 19.57 47.87
C ILE B 190 8.58 20.59 48.96
N LYS B 191 7.80 21.64 48.65
CA LYS B 191 7.43 22.66 49.64
C LYS B 191 6.85 21.99 50.88
N ARG B 192 5.80 21.18 50.70
CA ARG B 192 5.13 20.47 51.78
C ARG B 192 6.12 19.74 52.68
N LYS B 193 6.96 18.87 52.09
CA LYS B 193 7.90 18.06 52.85
C LYS B 193 8.81 18.91 53.74
N LYS B 194 9.29 20.06 53.24
CA LYS B 194 10.08 21.01 54.03
C LYS B 194 9.25 21.79 55.06
N ASN B 195 8.00 22.15 54.73
CA ASN B 195 7.16 22.98 55.57
C ASN B 195 6.68 22.19 56.79
N THR B 196 6.90 20.87 56.80
CA THR B 196 6.43 20.01 57.88
C THR B 196 7.50 19.84 58.96
N LEU B 197 8.75 20.23 58.65
CA LEU B 197 9.90 19.90 59.48
C LEU B 197 10.39 21.11 60.29
N PHE B 198 11.00 20.81 61.45
CA PHE B 198 11.58 21.80 62.36
C PHE B 198 12.91 22.28 61.77
N VAL B 199 13.95 21.46 61.96
CA VAL B 199 15.23 21.68 61.32
C VAL B 199 15.02 21.52 59.81
N VAL B 200 15.05 22.65 59.07
CA VAL B 200 14.81 22.63 57.63
C VAL B 200 15.91 21.83 56.91
N SER B 201 15.57 21.19 55.78
CA SER B 201 16.49 20.38 54.98
C SER B 201 15.89 20.09 53.61
N ASP B 202 16.74 19.81 52.60
CA ASP B 202 16.21 19.55 51.27
C ASP B 202 15.69 18.12 51.26
N ILE B 203 15.10 17.71 50.15
CA ILE B 203 14.70 16.32 49.98
C ILE B 203 15.94 15.44 49.97
N SER B 204 15.84 14.24 50.57
CA SER B 204 16.94 13.27 50.62
C SER B 204 17.34 12.86 49.21
N ASN B 205 18.65 12.66 48.99
CA ASN B 205 19.16 12.19 47.72
C ASN B 205 18.41 10.91 47.32
N GLU B 206 18.14 10.06 48.32
CA GLU B 206 17.37 8.85 48.11
C GLU B 206 16.04 9.18 47.41
N ASP B 207 15.32 10.16 47.95
CA ASP B 207 14.01 10.56 47.45
C ASP B 207 14.13 11.14 46.03
N LYS B 208 15.09 12.08 45.88
CA LYS B 208 15.31 12.74 44.61
C LYS B 208 15.35 11.69 43.49
N LYS B 209 16.14 10.64 43.75
CA LYS B 209 16.45 9.59 42.78
C LYS B 209 15.19 8.84 42.34
N LYS B 210 14.31 8.51 43.29
CA LYS B 210 13.03 7.86 43.00
C LYS B 210 12.18 8.72 42.06
N ILE B 211 12.26 10.04 42.20
CA ILE B 211 11.44 10.96 41.41
C ILE B 211 12.02 11.07 40.00
N LEU B 212 13.34 11.32 39.93
CA LEU B 212 14.05 11.45 38.67
C LEU B 212 13.89 10.18 37.83
N TYR B 213 13.85 9.03 38.51
CA TYR B 213 13.73 7.75 37.83
C TYR B 213 12.35 7.60 37.19
N ASN B 214 11.29 7.73 38.02
CA ASN B 214 9.94 7.56 37.53
C ASN B 214 9.60 8.58 36.43
N SER B 215 10.26 9.76 36.45
CA SER B 215 10.02 10.77 35.45
C SER B 215 10.54 10.32 34.08
N LEU B 216 11.79 9.79 34.07
CA LEU B 216 12.44 9.20 32.90
C LEU B 216 11.58 8.06 32.36
N ASN B 217 11.01 7.27 33.27
CA ASN B 217 10.15 6.18 32.85
C ASN B 217 8.97 6.72 32.03
N LEU B 218 8.36 7.80 32.53
CA LEU B 218 7.13 8.38 31.97
C LEU B 218 7.38 8.90 30.57
N LEU B 219 8.46 9.69 30.44
CA LEU B 219 8.83 10.22 29.13
C LEU B 219 9.08 9.07 28.14
N MET B 220 9.85 8.08 28.58
CA MET B 220 10.09 6.88 27.80
C MET B 220 8.75 6.31 27.32
N ARG B 221 7.85 6.01 28.26
CA ARG B 221 6.57 5.40 27.88
C ARG B 221 5.76 6.34 27.00
N LEU B 222 5.86 7.66 27.26
CA LEU B 222 5.15 8.62 26.42
C LEU B 222 5.67 8.56 24.98
N HIS B 223 6.99 8.72 24.83
CA HIS B 223 7.64 8.62 23.53
C HIS B 223 7.25 7.34 22.80
N ASN B 224 7.24 6.22 23.54
CA ASN B 224 6.85 4.93 23.00
C ASN B 224 5.42 4.95 22.46
N ALA B 225 4.51 5.66 23.15
CA ALA B 225 3.11 5.71 22.77
C ALA B 225 2.95 6.50 21.48
N GLY B 226 3.93 7.36 21.19
CA GLY B 226 4.05 8.07 19.92
C GLY B 226 3.86 9.58 20.03
N LEU B 227 4.24 10.17 21.19
CA LEU B 227 3.94 11.56 21.48
C LEU B 227 5.09 12.19 22.25
N THR B 228 5.28 13.50 22.04
CA THR B 228 6.20 14.31 22.82
C THR B 228 5.43 15.07 23.91
N HIS B 229 6.18 15.76 24.79
CA HIS B 229 5.63 16.58 25.85
C HIS B 229 5.97 18.04 25.54
N LEU B 230 7.27 18.35 25.63
CA LEU B 230 7.82 19.67 25.30
C LEU B 230 7.36 20.73 26.32
N ASP B 231 7.05 20.28 27.55
CA ASP B 231 6.66 21.16 28.61
C ASP B 231 7.01 20.55 29.96
N LEU B 232 8.24 20.06 30.08
CA LEU B 232 8.65 19.41 31.33
C LEU B 232 9.08 20.51 32.30
N SER B 233 8.59 20.37 33.53
CA SER B 233 8.82 21.34 34.60
C SER B 233 8.07 20.83 35.83
N PRO B 234 8.49 21.22 37.06
CA PRO B 234 7.98 20.56 38.25
C PRO B 234 6.47 20.70 38.39
N ASP B 235 5.91 21.73 37.72
CA ASP B 235 4.48 22.04 37.81
C ASP B 235 3.66 21.09 36.94
N ASN B 236 4.31 20.43 35.97
CA ASN B 236 3.61 19.59 35.01
C ASN B 236 3.83 18.10 35.29
N MET B 237 4.47 17.80 36.42
CA MET B 237 4.66 16.43 36.84
C MET B 237 4.00 16.26 38.19
N LEU B 238 3.05 15.33 38.26
CA LEU B 238 2.29 15.05 39.46
C LEU B 238 2.89 13.83 40.17
N ILE B 239 2.68 13.75 41.48
CA ILE B 239 3.16 12.65 42.32
C ILE B 239 2.09 12.30 43.35
N SER B 240 2.05 11.02 43.75
CA SER B 240 1.13 10.54 44.76
C SER B 240 1.86 10.40 46.08
N PRO B 241 1.15 10.41 47.23
CA PRO B 241 1.72 9.93 48.47
C PRO B 241 2.11 8.45 48.40
N LYS B 242 1.33 7.68 47.63
CA LYS B 242 1.46 6.24 47.49
C LYS B 242 2.67 5.88 46.62
N ASN B 243 3.81 5.67 47.31
CA ASN B 243 4.98 5.06 46.71
C ASN B 243 5.42 5.83 45.46
N TYR B 244 5.50 7.16 45.57
CA TYR B 244 6.11 8.01 44.57
C TYR B 244 5.55 7.74 43.17
N GLU B 245 4.25 7.43 43.08
CA GLU B 245 3.65 7.06 41.79
C GLU B 245 3.29 8.32 41.00
N MET B 246 3.84 8.47 39.79
CA MET B 246 3.82 9.77 39.13
C MET B 246 2.99 9.76 37.86
N ARG B 247 2.78 10.96 37.30
CA ARG B 247 2.05 11.14 36.06
C ARG B 247 2.57 12.41 35.41
N LEU B 248 2.32 12.52 34.12
CA LEU B 248 2.62 13.75 33.41
C LEU B 248 1.30 14.49 33.23
N CYS B 249 1.37 15.82 33.09
CA CYS B 249 0.16 16.61 32.84
C CYS B 249 0.47 17.78 31.94
N ASP B 250 -0.59 18.33 31.37
CA ASP B 250 -0.57 19.43 30.41
C ASP B 250 -0.79 18.83 29.01
N LEU B 251 0.26 18.76 28.20
CA LEU B 251 0.19 18.17 26.86
C LEU B 251 -0.41 19.18 25.87
N SER B 252 -0.23 20.47 26.15
CA SER B 252 -0.69 21.54 25.27
C SER B 252 0.45 21.99 24.37
N GLN B 253 1.67 21.54 24.70
CA GLN B 253 2.83 21.82 23.86
C GLN B 253 3.22 20.58 23.06
N SER B 254 2.37 19.54 23.12
CA SER B 254 2.71 18.23 22.60
C SER B 254 2.70 18.21 21.07
N THR B 255 3.54 17.33 20.51
CA THR B 255 3.55 17.02 19.08
C THR B 255 3.47 15.51 18.89
N PRO B 256 3.13 15.03 17.67
CA PRO B 256 3.40 13.65 17.32
C PRO B 256 4.93 13.47 17.25
N ILE B 257 5.39 12.23 17.39
CA ILE B 257 6.83 12.00 17.39
C ILE B 257 7.23 11.45 16.02
N TYR B 258 6.25 10.95 15.26
CA TYR B 258 6.47 10.39 13.93
C TYR B 258 5.64 11.15 12.90
N THR B 259 6.18 11.33 11.68
CA THR B 259 5.50 11.98 10.58
C THR B 259 5.77 11.27 9.26
N ASN B 260 4.85 11.45 8.31
CA ASN B 260 5.01 10.92 6.96
C ASN B 260 5.05 12.06 5.97
N LYS B 261 5.50 13.22 6.44
CA LYS B 261 5.63 14.42 5.62
C LYS B 261 7.01 15.06 5.84
N LEU B 262 7.61 15.53 4.75
CA LEU B 262 8.89 16.22 4.81
C LEU B 262 8.64 17.67 5.18
N ARG B 263 9.22 18.07 6.33
CA ARG B 263 8.95 19.36 6.93
C ARG B 263 7.43 19.44 7.08
N HIS B 264 6.75 20.23 6.23
CA HIS B 264 5.30 20.20 6.30
C HIS B 264 4.66 20.06 4.91
N LYS B 265 5.44 19.69 3.89
CA LYS B 265 5.03 19.90 2.51
C LYS B 265 5.04 18.68 1.57
N GLU B 266 5.77 17.57 1.81
CA GLU B 266 5.88 16.48 0.83
C GLU B 266 5.67 15.10 1.46
N LYS B 267 4.94 14.23 0.74
CA LYS B 267 4.50 12.95 1.28
C LYS B 267 5.60 11.90 1.10
N LEU B 268 6.02 11.32 2.24
CA LEU B 268 7.08 10.33 2.30
C LEU B 268 6.47 8.93 2.24
N ASN B 269 7.26 7.92 1.86
CA ASN B 269 6.78 6.57 1.61
C ASN B 269 6.76 5.75 2.89
N SER B 270 7.57 6.16 3.87
CA SER B 270 7.48 5.60 5.20
C SER B 270 7.74 6.67 6.25
N ILE B 271 7.37 6.33 7.49
CA ILE B 271 7.39 7.18 8.66
C ILE B 271 8.81 7.72 8.87
N LYS B 272 8.96 8.89 9.53
CA LYS B 272 10.25 9.35 10.02
C LYS B 272 10.06 10.21 11.26
N PRO B 273 11.13 10.62 12.00
CA PRO B 273 10.97 11.48 13.17
C PRO B 273 10.39 12.85 12.81
N PHE B 274 9.72 13.47 13.79
CA PHE B 274 8.99 14.72 13.52
C PHE B 274 9.84 15.93 13.87
N GLU B 275 9.83 16.91 12.96
CA GLU B 275 10.61 18.11 13.17
C GLU B 275 9.64 19.29 13.31
N SER B 276 9.95 20.22 14.24
CA SER B 276 9.13 21.39 14.55
C SER B 276 9.88 22.66 14.16
N PHE B 277 9.13 23.69 13.73
CA PHE B 277 9.64 25.02 13.41
C PHE B 277 9.24 26.05 14.48
N GLU B 278 8.71 25.55 15.62
CA GLU B 278 8.29 26.40 16.71
C GLU B 278 9.25 26.28 17.89
N PRO B 279 10.28 27.14 18.01
CA PRO B 279 11.27 27.02 19.09
C PRO B 279 10.80 27.44 20.49
N CYS B 280 9.65 28.14 20.58
CA CYS B 280 9.13 28.58 21.88
C CYS B 280 8.29 27.46 22.50
N ILE B 281 8.91 26.64 23.35
CA ILE B 281 8.30 25.45 23.93
C ILE B 281 8.55 25.41 25.43
N GLY B 282 7.51 25.07 26.21
CA GLY B 282 7.59 25.06 27.66
C GLY B 282 8.01 26.42 28.21
N LYS B 283 8.67 26.40 29.37
CA LYS B 283 9.15 27.60 30.04
C LYS B 283 10.55 27.95 29.51
N ILE B 284 10.88 29.24 29.49
CA ILE B 284 12.11 29.71 28.84
C ILE B 284 13.33 29.05 29.49
N GLU B 285 13.22 28.70 30.77
CA GLU B 285 14.34 28.13 31.50
C GLU B 285 14.71 26.77 30.91
N TYR B 286 13.70 26.03 30.41
CA TYR B 286 13.88 24.68 29.91
C TYR B 286 14.06 24.67 28.38
N ILE B 287 14.11 25.84 27.75
CA ILE B 287 14.20 25.85 26.29
C ILE B 287 15.56 25.28 25.91
N PRO B 288 15.62 24.42 24.85
CA PRO B 288 16.87 23.81 24.42
C PRO B 288 17.69 24.69 23.47
N PRO B 289 19.03 24.51 23.41
CA PRO B 289 19.91 25.44 22.73
C PRO B 289 19.62 25.60 21.24
N GLU B 290 19.26 24.47 20.62
CA GLU B 290 19.01 24.48 19.18
C GLU B 290 17.75 25.28 18.89
N CYS B 291 16.84 25.32 19.87
CA CYS B 291 15.64 26.12 19.74
C CYS B 291 15.99 27.62 19.82
N TRP B 292 16.94 27.97 20.69
CA TRP B 292 17.46 29.31 20.76
C TRP B 292 18.14 29.71 19.45
N LYS B 293 18.95 28.81 18.88
CA LYS B 293 19.57 29.11 17.60
C LYS B 293 18.50 29.49 16.58
N ILE B 294 17.39 28.76 16.58
CA ILE B 294 16.34 29.04 15.62
C ILE B 294 15.69 30.40 15.94
N VAL B 295 15.48 30.66 17.24
CA VAL B 295 14.90 31.93 17.68
C VAL B 295 15.67 33.07 17.02
N TRP B 296 16.98 33.09 17.30
CA TRP B 296 17.86 34.10 16.75
C TRP B 296 17.82 34.14 15.22
N LYS B 297 17.59 32.99 14.57
CA LYS B 297 17.56 32.98 13.11
C LYS B 297 16.37 33.79 12.63
N TYR B 298 15.20 33.57 13.25
CA TYR B 298 13.97 34.30 12.94
C TYR B 298 14.17 35.79 13.21
N LYS B 299 14.68 36.10 14.41
CA LYS B 299 14.89 37.49 14.83
C LYS B 299 15.77 38.19 13.79
N MET B 300 16.96 37.62 13.55
CA MET B 300 18.01 38.30 12.82
C MET B 300 17.72 38.34 11.32
N ASN B 301 16.62 37.72 10.90
CA ASN B 301 16.16 37.92 9.53
C ASN B 301 14.83 38.66 9.47
N ASN B 302 14.39 39.20 10.62
CA ASN B 302 13.15 39.95 10.72
C ASN B 302 11.97 39.05 10.31
N ILE B 303 11.88 37.86 10.91
CA ILE B 303 10.73 37.00 10.70
C ILE B 303 9.90 37.02 11.98
N LYS B 304 8.68 37.55 11.86
CA LYS B 304 7.88 37.85 13.04
C LYS B 304 6.79 36.78 13.21
N ASN B 305 6.41 36.16 12.09
CA ASN B 305 5.41 35.11 12.10
C ASN B 305 5.89 33.91 11.30
N PRO B 306 6.59 32.94 11.94
CA PRO B 306 7.04 31.71 11.28
C PRO B 306 5.99 30.98 10.44
N ILE B 307 4.86 30.63 11.09
CA ILE B 307 3.79 29.89 10.45
C ILE B 307 3.46 30.57 9.12
N GLU B 308 3.44 31.91 9.13
CA GLU B 308 3.09 32.66 7.94
C GLU B 308 4.20 32.61 6.91
N TYR B 309 5.45 32.84 7.37
CA TYR B 309 6.61 32.91 6.49
C TYR B 309 6.79 31.63 5.68
N LEU B 310 6.73 30.49 6.40
CA LEU B 310 7.04 29.17 5.85
C LEU B 310 5.91 28.68 4.94
N LYS B 311 4.67 29.14 5.21
CA LYS B 311 3.49 28.70 4.46
C LYS B 311 3.82 28.53 2.97
N ASN B 312 4.58 29.48 2.39
CA ASN B 312 4.77 29.54 0.96
C ASN B 312 6.22 29.26 0.57
N ILE B 313 6.93 28.46 1.38
CA ILE B 313 8.29 28.05 1.05
C ILE B 313 8.28 26.57 0.68
N SER B 314 8.59 26.26 -0.59
CA SER B 314 8.69 24.87 -1.01
C SER B 314 10.15 24.43 -1.00
N ASN B 315 11.10 25.30 -1.41
CA ASN B 315 12.52 24.96 -1.47
C ASN B 315 12.97 24.44 -0.11
N GLN B 316 13.29 23.13 -0.09
CA GLN B 316 13.44 22.45 1.19
C GLN B 316 14.81 22.75 1.81
N GLU B 317 15.66 23.46 1.05
CA GLU B 317 16.97 23.88 1.56
C GLU B 317 16.80 25.01 2.58
N GLU B 318 15.90 25.95 2.27
CA GLU B 318 15.52 27.02 3.18
C GLU B 318 14.95 26.41 4.47
N ARG B 319 13.85 25.67 4.32
CA ARG B 319 13.11 25.15 5.47
C ARG B 319 14.06 24.55 6.50
N LYS B 320 15.04 23.74 6.04
CA LYS B 320 15.96 23.03 6.89
C LYS B 320 16.43 23.94 8.03
N LYS B 321 16.65 25.24 7.73
CA LYS B 321 17.28 26.17 8.65
C LYS B 321 16.40 26.49 9.86
N TYR B 322 15.10 26.15 9.81
CA TYR B 322 14.19 26.58 10.85
C TYR B 322 13.57 25.40 11.58
N TYR B 323 14.24 24.23 11.59
CA TYR B 323 13.63 23.03 12.16
C TYR B 323 14.57 22.28 13.11
N TYR B 324 13.98 21.66 14.16
CA TYR B 324 14.74 20.91 15.14
C TYR B 324 14.08 19.54 15.34
N ASP B 325 14.81 18.58 15.94
CA ASP B 325 14.15 17.31 16.26
C ASP B 325 13.43 17.42 17.60
N VAL B 326 12.15 17.02 17.62
CA VAL B 326 11.28 17.17 18.77
C VAL B 326 11.72 16.25 19.91
N SER B 327 12.05 15.01 19.57
CA SER B 327 12.30 14.00 20.58
C SER B 327 13.57 14.35 21.36
N CYS B 328 14.53 14.97 20.67
CA CYS B 328 15.78 15.38 21.31
C CYS B 328 15.53 16.56 22.23
N ALA B 329 14.53 17.36 21.86
CA ALA B 329 14.11 18.51 22.63
C ALA B 329 13.57 18.03 23.98
N ASP B 330 12.63 17.09 23.96
CA ASP B 330 12.13 16.47 25.17
C ASP B 330 13.29 16.07 26.09
N LYS B 331 14.26 15.32 25.52
CA LYS B 331 15.33 14.78 26.32
C LYS B 331 16.07 15.92 27.01
N TYR B 332 16.30 17.01 26.27
CA TYR B 332 17.06 18.11 26.85
C TYR B 332 16.31 18.70 28.06
N MET B 333 14.99 18.85 27.93
CA MET B 333 14.18 19.35 29.02
C MET B 333 14.36 18.47 30.26
N LEU B 334 14.24 17.15 30.07
CA LEU B 334 14.35 16.22 31.19
C LEU B 334 15.70 16.38 31.86
N GLY B 335 16.71 16.71 31.06
CA GLY B 335 18.04 16.98 31.61
C GLY B 335 18.03 18.17 32.59
N ILE B 336 17.40 19.26 32.16
CA ILE B 336 17.29 20.45 33.00
C ILE B 336 16.51 20.09 34.27
N PHE B 337 15.40 19.37 34.10
CA PHE B 337 14.64 18.89 35.23
C PHE B 337 15.56 18.20 36.24
N PHE B 338 16.44 17.33 35.74
CA PHE B 338 17.34 16.58 36.61
C PHE B 338 18.24 17.54 37.39
N ILE B 339 18.82 18.51 36.69
CA ILE B 339 19.77 19.44 37.30
C ILE B 339 19.03 20.29 38.34
N TRP B 340 17.80 20.69 37.99
CA TRP B 340 16.97 21.49 38.86
C TRP B 340 16.66 20.74 40.16
N MET B 341 16.36 19.44 40.02
CA MET B 341 16.01 18.61 41.16
C MET B 341 17.23 18.33 42.03
N TRP B 342 18.41 18.25 41.40
CA TRP B 342 19.59 17.88 42.15
C TRP B 342 20.14 19.11 42.88
N ASN B 343 20.17 20.23 42.16
CA ASN B 343 20.79 21.45 42.64
C ASN B 343 19.89 22.18 43.65
N ASN B 344 18.59 21.89 43.59
CA ASN B 344 17.57 22.62 44.34
C ASN B 344 17.52 24.03 43.75
N GLY B 345 17.18 24.10 42.45
CA GLY B 345 17.18 25.34 41.68
C GLY B 345 18.11 25.27 40.46
N PHE B 346 17.78 26.05 39.42
CA PHE B 346 18.54 26.09 38.18
C PHE B 346 20.01 26.40 38.43
N ILE B 347 20.87 26.11 37.43
CA ILE B 347 22.26 26.54 37.48
C ILE B 347 22.46 27.68 36.48
N TRP B 348 21.97 27.47 35.25
CA TRP B 348 21.84 28.54 34.28
C TRP B 348 20.36 28.77 34.00
N LYS B 349 20.03 29.99 33.52
CA LYS B 349 18.67 30.51 33.52
C LYS B 349 18.05 30.37 32.12
N CYS B 350 18.90 30.35 31.09
CA CYS B 350 18.48 29.92 29.77
C CYS B 350 19.65 29.27 29.06
N SER B 351 19.34 28.38 28.11
CA SER B 351 20.35 27.61 27.40
C SER B 351 20.79 28.35 26.14
N ASP B 352 21.16 29.63 26.30
CA ASP B 352 21.51 30.47 25.18
C ASP B 352 22.81 31.21 25.48
N PRO B 353 23.95 30.84 24.87
CA PRO B 353 25.25 31.39 25.26
C PRO B 353 25.36 32.89 25.01
N ILE B 354 24.45 33.42 24.18
CA ILE B 354 24.43 34.83 23.88
C ILE B 354 23.98 35.62 25.11
N GLN B 355 23.07 35.02 25.90
CA GLN B 355 22.38 35.70 26.98
C GLN B 355 22.73 35.09 28.34
N ASP B 356 23.68 34.15 28.43
CA ASP B 356 23.93 33.51 29.70
C ASP B 356 25.38 33.04 29.82
N LYS B 357 26.19 33.80 30.57
CA LYS B 357 27.60 33.56 30.78
C LYS B 357 27.84 32.17 31.38
N ILE B 358 26.92 31.75 32.26
CA ILE B 358 27.05 30.46 32.92
C ILE B 358 26.94 29.36 31.87
N PHE B 359 25.92 29.44 31.00
CA PHE B 359 25.71 28.46 29.96
C PHE B 359 26.95 28.36 29.06
N GLU B 360 27.55 29.52 28.78
CA GLU B 360 28.69 29.57 27.88
C GLU B 360 29.87 28.82 28.49
N ILE B 361 29.93 28.76 29.83
CA ILE B 361 30.98 28.04 30.52
C ILE B 361 30.69 26.55 30.43
N PHE B 362 29.40 26.22 30.58
CA PHE B 362 28.94 24.85 30.38
C PHE B 362 29.45 24.36 29.04
N MET B 363 29.34 25.21 28.01
CA MET B 363 29.73 24.85 26.66
C MET B 363 31.25 24.89 26.48
N LYS B 364 31.91 25.86 27.15
CA LYS B 364 33.36 25.98 27.05
C LYS B 364 34.00 24.74 27.67
N SER B 365 33.18 23.87 28.28
CA SER B 365 33.60 22.56 28.75
C SER B 365 32.75 21.45 28.12
N ASN B 366 32.39 21.62 26.85
CA ASN B 366 31.73 20.60 26.04
C ASN B 366 30.59 19.90 26.78
N MET B 367 29.75 20.72 27.45
CA MET B 367 28.53 20.26 28.09
C MET B 367 28.80 19.03 28.94
N ASP B 368 29.86 19.07 29.76
CA ASP B 368 30.36 17.90 30.47
C ASP B 368 30.42 18.21 31.96
N LEU B 369 29.45 17.67 32.70
CA LEU B 369 29.19 18.05 34.07
C LEU B 369 30.39 17.73 34.96
N ASN B 370 31.24 16.80 34.51
CA ASN B 370 32.41 16.41 35.31
C ASN B 370 33.51 17.45 35.15
N LYS B 371 33.70 17.93 33.91
CA LYS B 371 34.68 18.98 33.64
C LYS B 371 34.08 20.38 33.91
N PHE B 372 32.80 20.44 34.30
CA PHE B 372 32.14 21.72 34.59
C PHE B 372 32.44 22.10 36.04
N ILE B 373 32.76 23.38 36.25
CA ILE B 373 32.89 23.91 37.59
C ILE B 373 31.45 24.00 38.09
N MET B 374 31.23 23.72 39.38
CA MET B 374 29.88 23.82 39.96
C MET B 374 29.05 22.55 39.73
N THR B 375 29.58 21.54 39.03
CA THR B 375 29.03 20.20 39.17
C THR B 375 30.17 19.20 39.39
N LYS B 376 31.41 19.70 39.52
CA LYS B 376 32.60 18.86 39.64
C LYS B 376 32.50 17.96 40.87
N SER B 377 32.00 18.50 41.99
CA SER B 377 31.90 17.75 43.23
C SER B 377 30.55 17.05 43.36
N TRP B 378 29.91 16.72 42.22
CA TRP B 378 28.73 15.88 42.22
C TRP B 378 29.12 14.43 41.95
N PRO B 379 28.21 13.45 42.22
CA PRO B 379 28.46 12.06 41.85
C PRO B 379 28.86 11.89 40.39
N HIS B 380 30.07 11.31 40.18
CA HIS B 380 30.62 11.07 38.84
C HIS B 380 29.57 10.42 37.95
N GLU B 381 28.86 9.42 38.52
CA GLU B 381 27.99 8.59 37.71
C GLU B 381 26.73 9.37 37.29
N LEU B 382 26.25 10.25 38.18
CA LEU B 382 25.04 11.03 37.90
C LEU B 382 25.31 12.04 36.80
N ASN B 383 26.44 12.75 36.94
CA ASN B 383 26.88 13.71 35.93
C ASN B 383 26.92 13.05 34.57
N ASN B 384 27.49 11.84 34.53
CA ASN B 384 27.56 11.10 33.29
C ASN B 384 26.15 10.86 32.77
N LEU B 385 25.24 10.44 33.65
CA LEU B 385 23.87 10.16 33.24
C LEU B 385 23.28 11.41 32.58
N ILE B 386 23.42 12.58 33.24
CA ILE B 386 22.78 13.79 32.79
C ILE B 386 23.34 14.21 31.43
N ASN B 387 24.66 14.03 31.26
CA ASN B 387 25.33 14.39 30.02
C ASN B 387 24.64 13.77 28.80
N LYS B 388 23.98 12.62 29.00
CA LYS B 388 23.42 11.83 27.91
C LYS B 388 21.97 12.21 27.63
N LEU B 389 21.50 13.24 28.35
CA LEU B 389 20.22 13.89 28.08
C LEU B 389 20.45 15.28 27.53
N LEU B 390 21.70 15.79 27.62
CA LEU B 390 21.97 17.18 27.34
C LEU B 390 22.67 17.36 26.00
N HIS B 391 23.91 16.86 25.88
CA HIS B 391 24.72 17.01 24.69
C HIS B 391 23.99 16.40 23.49
N MET B 392 24.10 17.02 22.31
CA MET B 392 23.29 16.62 21.16
C MET B 392 23.74 15.29 20.54
N GLU B 393 25.06 14.99 20.54
CA GLU B 393 25.52 13.70 20.02
C GLU B 393 24.80 12.61 20.81
N HIS B 394 24.78 12.72 22.15
CA HIS B 394 24.15 11.72 23.01
C HIS B 394 22.65 11.68 22.71
N ARG B 395 21.98 12.85 22.72
CA ARG B 395 20.55 12.91 22.50
C ARG B 395 20.16 12.18 21.21
N LYS B 396 20.91 12.44 20.13
CA LYS B 396 20.66 11.77 18.87
C LYS B 396 20.84 10.24 18.98
N THR B 397 21.82 9.79 19.77
CA THR B 397 22.23 8.39 19.76
C THR B 397 21.62 7.61 20.92
N VAL B 398 21.76 8.11 22.16
CA VAL B 398 21.45 7.30 23.34
C VAL B 398 19.93 7.23 23.53
N LYS B 399 19.40 6.01 23.61
CA LYS B 399 17.99 5.71 23.81
C LYS B 399 17.66 5.88 25.30
N LEU B 400 16.35 6.13 25.59
CA LEU B 400 15.88 6.31 26.95
C LEU B 400 15.83 4.98 27.70
N SER B 401 15.46 3.91 27.00
CA SER B 401 15.47 2.54 27.52
C SER B 401 16.85 2.13 28.08
N ASP B 402 17.92 2.66 27.49
CA ASP B 402 19.27 2.32 27.94
C ASP B 402 19.69 3.22 29.11
N LEU B 403 19.14 4.45 29.16
CA LEU B 403 19.42 5.37 30.25
C LEU B 403 18.73 4.89 31.52
N SER B 404 17.57 4.24 31.36
CA SER B 404 16.86 3.67 32.48
C SER B 404 17.62 2.52 33.14
N ARG B 405 18.64 1.94 32.46
CA ARG B 405 19.45 0.88 33.01
C ARG B 405 20.86 1.37 33.32
N HIS B 406 21.04 2.69 33.41
CA HIS B 406 22.34 3.32 33.61
C HIS B 406 22.92 2.92 34.97
N PRO B 407 24.26 2.74 35.09
CA PRO B 407 24.92 2.41 36.36
C PRO B 407 24.45 3.16 37.61
N TRP B 408 24.13 4.46 37.50
CA TRP B 408 23.91 5.30 38.67
C TRP B 408 22.66 4.88 39.45
N TRP B 409 21.66 4.34 38.73
CA TRP B 409 20.40 3.90 39.29
C TRP B 409 20.60 2.78 40.32
N SER B 410 21.83 2.29 40.48
CA SER B 410 22.08 1.18 41.39
C SER B 410 23.17 1.56 42.39
N SER B 411 24.36 1.88 41.89
CA SER B 411 25.53 2.17 42.72
C SER B 411 25.14 3.13 43.84
N LYS B 412 25.69 2.90 45.05
CA LYS B 412 25.29 3.64 46.24
C LYS B 412 23.74 3.71 46.32
N GLU C 2 62.96 -2.06 -1.00
CA GLU C 2 62.87 -0.58 -0.90
C GLU C 2 62.85 0.01 -2.32
N GLN C 3 62.18 1.16 -2.47
CA GLN C 3 62.27 1.94 -3.69
C GLN C 3 63.17 3.16 -3.47
N LEU C 4 63.70 3.32 -2.24
CA LEU C 4 64.73 4.33 -2.00
C LEU C 4 66.09 3.70 -1.78
N VAL C 5 67.07 4.15 -2.57
CA VAL C 5 68.36 3.47 -2.69
C VAL C 5 69.47 4.50 -2.53
N GLU C 6 70.18 4.41 -1.41
CA GLU C 6 71.13 5.44 -0.99
C GLU C 6 72.53 5.08 -1.48
N SER C 7 73.44 6.05 -1.34
CA SER C 7 74.86 5.87 -1.63
C SER C 7 75.61 7.10 -1.14
N GLY C 8 76.93 6.97 -0.98
CA GLY C 8 77.74 8.14 -0.72
C GLY C 8 78.19 8.20 0.74
N GLY C 9 77.77 7.24 1.57
CA GLY C 9 78.20 7.20 2.95
C GLY C 9 79.71 6.90 3.08
N GLY C 10 80.26 7.12 4.28
CA GLY C 10 81.67 6.86 4.49
C GLY C 10 82.24 7.62 5.68
N LEU C 11 83.58 7.53 5.79
CA LEU C 11 84.34 8.17 6.86
C LEU C 11 84.99 9.43 6.31
N VAL C 12 84.93 10.52 7.09
CA VAL C 12 85.52 11.80 6.70
C VAL C 12 86.18 12.45 7.90
N GLN C 13 87.17 13.30 7.63
CA GLN C 13 87.88 14.03 8.68
C GLN C 13 86.99 15.17 9.16
N ALA C 14 87.09 15.48 10.47
CA ALA C 14 86.34 16.58 11.08
C ALA C 14 86.69 17.90 10.41
N GLY C 15 85.82 18.39 9.53
CA GLY C 15 86.08 19.60 8.74
C GLY C 15 85.73 19.37 7.28
N GLY C 16 86.06 18.16 6.80
CA GLY C 16 85.88 17.79 5.40
C GLY C 16 84.42 17.61 5.04
N SER C 17 84.17 17.00 3.87
CA SER C 17 82.85 16.94 3.27
C SER C 17 82.49 15.50 2.92
N LEU C 18 81.20 15.30 2.62
CA LEU C 18 80.68 14.06 2.07
C LEU C 18 79.40 14.44 1.33
N THR C 19 78.93 13.58 0.41
CA THR C 19 77.73 13.89 -0.34
C THR C 19 77.01 12.59 -0.66
N LEU C 20 75.71 12.56 -0.29
CA LEU C 20 74.88 11.37 -0.35
C LEU C 20 73.89 11.49 -1.51
N SER C 21 73.77 10.43 -2.31
CA SER C 21 72.70 10.33 -3.29
C SER C 21 71.56 9.57 -2.63
N CYS C 22 70.35 9.73 -3.19
CA CYS C 22 69.27 8.80 -2.97
C CYS C 22 68.40 8.79 -4.22
N ALA C 23 68.45 7.70 -4.98
CA ALA C 23 67.67 7.60 -6.20
C ALA C 23 66.40 6.82 -5.91
N SER C 24 65.42 7.01 -6.79
CA SER C 24 64.12 6.40 -6.62
C SER C 24 63.59 6.05 -8.00
N SER C 25 63.63 4.77 -8.34
CA SER C 25 63.28 4.35 -9.68
C SER C 25 61.76 4.24 -9.78
N GLY C 26 61.26 4.55 -10.99
CA GLY C 26 59.84 4.64 -11.31
C GLY C 26 59.37 6.08 -11.21
N GLY C 27 58.60 6.55 -12.20
CA GLY C 27 58.08 7.90 -12.21
C GLY C 27 56.85 8.00 -11.31
N THR C 28 56.94 7.44 -10.09
CA THR C 28 55.83 7.42 -9.15
C THR C 28 56.05 8.49 -8.08
N PHE C 29 57.30 8.72 -7.72
CA PHE C 29 57.66 9.69 -6.69
C PHE C 29 57.88 11.07 -7.32
N GLU C 30 57.34 11.27 -8.52
CA GLU C 30 57.48 12.55 -9.19
C GLU C 30 56.71 13.65 -8.47
N THR C 31 55.70 13.26 -7.69
CA THR C 31 54.86 14.20 -6.97
C THR C 31 55.26 14.20 -5.49
N TYR C 32 56.15 13.29 -5.08
CA TYR C 32 56.54 13.14 -3.68
C TYR C 32 57.73 14.06 -3.41
N ALA C 33 57.83 14.57 -2.20
CA ALA C 33 59.03 15.25 -1.72
C ALA C 33 60.00 14.19 -1.24
N MET C 34 61.28 14.55 -1.14
CA MET C 34 62.34 13.64 -0.74
C MET C 34 63.29 14.35 0.21
N GLY C 35 63.90 13.60 1.14
CA GLY C 35 64.77 14.23 2.12
C GLY C 35 65.51 13.21 3.01
N TRP C 36 66.03 13.70 4.13
CA TRP C 36 67.01 12.98 4.92
C TRP C 36 66.71 13.15 6.40
N PHE C 37 66.78 12.03 7.13
CA PHE C 37 66.76 12.03 8.59
C PHE C 37 68.08 11.48 9.06
N ARG C 38 68.31 11.42 10.38
CA ARG C 38 69.54 10.80 10.85
C ARG C 38 69.34 10.19 12.23
N GLN C 39 70.06 9.09 12.51
CA GLN C 39 69.95 8.37 13.77
C GLN C 39 71.31 7.99 14.32
N ALA C 40 71.56 8.33 15.61
CA ALA C 40 72.77 7.92 16.31
C ALA C 40 72.42 6.87 17.38
N PRO C 41 73.39 6.03 17.82
CA PRO C 41 73.14 5.07 18.90
C PRO C 41 72.45 5.71 20.10
N GLY C 42 71.23 5.25 20.39
CA GLY C 42 70.44 5.76 21.50
C GLY C 42 69.40 6.80 21.06
N LYS C 43 69.89 7.81 20.32
CA LYS C 43 69.09 8.93 19.83
C LYS C 43 67.91 8.43 19.00
N GLU C 44 66.83 9.23 18.95
CA GLU C 44 65.72 8.98 18.05
C GLU C 44 66.03 9.58 16.68
N ARG C 45 65.46 8.98 15.63
CA ARG C 45 65.63 9.47 14.27
C ARG C 45 65.08 10.90 14.14
N GLU C 46 65.95 11.81 13.69
CA GLU C 46 65.65 13.24 13.62
C GLU C 46 65.85 13.79 12.20
N PHE C 47 65.13 14.86 11.88
CA PHE C 47 65.03 15.40 10.52
C PHE C 47 66.33 16.09 10.16
N ALA C 48 66.75 15.97 8.90
CA ALA C 48 67.97 16.64 8.45
C ALA C 48 67.63 17.69 7.41
N ALA C 49 66.95 17.29 6.33
CA ALA C 49 66.65 18.20 5.24
C ALA C 49 65.63 17.54 4.33
N ALA C 50 65.07 18.32 3.39
CA ALA C 50 64.05 17.83 2.45
C ALA C 50 63.84 18.84 1.32
N VAL C 51 63.26 18.37 0.21
CA VAL C 51 63.06 19.21 -0.95
C VAL C 51 61.74 18.84 -1.61
N SER C 52 61.10 19.85 -2.22
CA SER C 52 59.77 19.73 -2.80
C SER C 52 59.82 18.82 -4.04
N TRP C 53 58.63 18.38 -4.47
CA TRP C 53 58.53 17.53 -5.64
C TRP C 53 59.06 18.24 -6.86
N SER C 54 58.81 19.55 -6.94
CA SER C 54 59.27 20.37 -8.05
C SER C 54 60.80 20.54 -7.99
N GLY C 55 61.35 20.33 -6.79
CA GLY C 55 62.75 20.57 -6.51
C GLY C 55 63.03 22.06 -6.37
N GLY C 56 62.00 22.84 -6.03
CA GLY C 56 62.04 24.29 -6.04
C GLY C 56 62.25 24.88 -4.64
N SER C 57 61.80 24.16 -3.61
CA SER C 57 61.88 24.64 -2.24
C SER C 57 62.43 23.55 -1.32
N ALA C 58 63.27 23.94 -0.36
CA ALA C 58 63.90 23.02 0.57
C ALA C 58 64.03 23.65 1.95
N HIS C 59 64.03 22.82 2.99
CA HIS C 59 64.27 23.34 4.33
C HIS C 59 65.20 22.40 5.11
N TYR C 60 65.80 22.95 6.17
CA TYR C 60 66.86 22.28 6.91
C TYR C 60 66.53 22.27 8.40
N ALA C 61 67.13 21.35 9.14
CA ALA C 61 67.11 21.39 10.59
C ALA C 61 67.95 22.57 11.06
N ASP C 62 67.71 23.04 12.28
CA ASP C 62 68.38 24.25 12.75
C ASP C 62 69.89 23.99 12.84
N SER C 63 70.25 22.77 13.21
CA SER C 63 71.63 22.43 13.56
C SER C 63 72.52 22.20 12.34
N VAL C 64 71.95 22.25 11.12
CA VAL C 64 72.74 22.06 9.92
C VAL C 64 72.46 23.18 8.92
N LYS C 65 71.82 24.25 9.42
CA LYS C 65 71.14 25.22 8.58
C LYS C 65 72.11 25.89 7.60
N GLY C 66 73.41 25.92 7.93
CA GLY C 66 74.37 26.62 7.10
C GLY C 66 75.26 25.68 6.28
N ARG C 67 75.53 24.49 6.83
CA ARG C 67 76.58 23.61 6.35
C ARG C 67 76.09 22.78 5.17
N PHE C 68 74.88 22.20 5.30
CA PHE C 68 74.33 21.26 4.35
C PHE C 68 73.38 21.95 3.38
N THR C 69 73.32 21.45 2.14
CA THR C 69 72.35 21.89 1.15
C THR C 69 71.89 20.69 0.32
N ILE C 70 70.61 20.64 -0.05
CA ILE C 70 70.04 19.49 -0.74
C ILE C 70 69.53 19.93 -2.10
N SER C 71 69.56 19.04 -3.09
CA SER C 71 69.14 19.38 -4.43
C SER C 71 68.56 18.16 -5.13
N ARG C 72 67.93 18.33 -6.29
CA ARG C 72 67.12 17.27 -6.88
C ARG C 72 67.25 17.32 -8.40
N ASP C 73 67.44 16.15 -9.03
CA ASP C 73 67.70 16.05 -10.47
C ASP C 73 66.46 16.43 -11.27
N LYS C 74 66.70 17.12 -12.39
CA LYS C 74 65.66 17.70 -13.22
C LYS C 74 64.78 16.61 -13.84
N VAL C 75 65.29 15.37 -13.91
CA VAL C 75 64.68 14.33 -14.72
C VAL C 75 64.33 13.09 -13.88
N LYS C 76 65.30 12.62 -13.09
CA LYS C 76 65.10 11.42 -12.30
C LYS C 76 64.81 11.83 -10.86
N ASN C 77 63.98 11.05 -10.16
CA ASN C 77 63.66 11.32 -8.78
C ASN C 77 64.82 10.92 -7.87
N THR C 78 65.86 11.76 -7.83
CA THR C 78 67.08 11.48 -7.11
C THR C 78 67.55 12.77 -6.43
N VAL C 79 67.97 12.70 -5.18
CA VAL C 79 68.31 13.88 -4.41
C VAL C 79 69.74 13.76 -3.90
N TYR C 80 70.36 14.91 -3.60
CA TYR C 80 71.74 14.96 -3.20
C TYR C 80 71.89 15.84 -1.96
N LEU C 81 72.46 15.29 -0.88
CA LEU C 81 72.68 16.02 0.35
C LEU C 81 74.17 16.35 0.50
N GLN C 82 74.57 17.53 -0.01
CA GLN C 82 75.93 18.01 0.14
C GLN C 82 76.20 18.42 1.59
N MET C 83 77.19 17.79 2.21
CA MET C 83 77.52 18.06 3.61
C MET C 83 78.94 18.63 3.70
N ASN C 84 79.08 19.82 4.30
CA ASN C 84 80.37 20.46 4.52
C ASN C 84 80.56 20.77 6.00
N SER C 85 81.81 20.97 6.42
CA SER C 85 82.16 21.38 7.77
C SER C 85 81.70 20.35 8.80
N LEU C 86 81.78 19.07 8.42
CA LEU C 86 81.19 17.98 9.20
C LEU C 86 81.83 17.91 10.58
N LYS C 87 80.98 17.77 11.61
CA LYS C 87 81.43 17.76 12.99
C LYS C 87 81.26 16.35 13.56
N PRO C 88 81.94 16.01 14.69
CA PRO C 88 81.73 14.74 15.37
C PRO C 88 80.29 14.46 15.80
N GLU C 89 79.51 15.53 15.95
CA GLU C 89 78.11 15.44 16.34
C GLU C 89 77.23 15.18 15.13
N ASP C 90 77.84 15.00 13.94
CA ASP C 90 77.09 14.71 12.73
C ASP C 90 77.18 13.22 12.39
N THR C 91 77.97 12.46 13.16
CA THR C 91 78.11 11.03 12.98
C THR C 91 76.77 10.35 13.25
N ALA C 92 76.20 9.72 12.22
CA ALA C 92 74.93 9.03 12.34
C ALA C 92 74.65 8.23 11.06
N VAL C 93 73.56 7.46 11.06
CA VAL C 93 73.06 6.78 9.88
C VAL C 93 71.99 7.67 9.24
N TYR C 94 72.25 8.09 8.00
CA TYR C 94 71.37 9.01 7.30
C TYR C 94 70.37 8.20 6.49
N TYR C 95 69.07 8.44 6.77
CA TYR C 95 67.99 7.72 6.14
C TYR C 95 67.25 8.62 5.15
N CYS C 96 67.24 8.21 3.88
CA CYS C 96 66.46 8.87 2.85
C CYS C 96 64.98 8.54 3.03
N ALA C 97 64.11 9.54 2.83
CA ALA C 97 62.67 9.38 2.98
C ALA C 97 61.95 10.05 1.80
N ALA C 98 60.78 9.51 1.45
CA ALA C 98 59.96 10.12 0.41
C ALA C 98 58.51 10.21 0.87
N ASP C 99 57.88 11.37 0.65
CA ASP C 99 56.50 11.58 1.09
C ASP C 99 55.77 12.56 0.18
N ARG C 100 54.44 12.48 0.18
CA ARG C 100 53.59 13.42 -0.53
C ARG C 100 53.50 14.76 0.21
N SER C 101 53.58 14.74 1.54
CA SER C 101 53.58 15.97 2.31
C SER C 101 54.94 16.64 2.18
N TYR C 102 54.94 17.97 2.03
CA TYR C 102 56.14 18.79 2.12
C TYR C 102 56.02 19.67 3.37
N GLY C 103 57.17 20.15 3.86
CA GLY C 103 57.16 21.11 4.94
C GLY C 103 57.43 20.47 6.30
N SER C 104 57.03 21.16 7.37
CA SER C 104 57.41 20.81 8.73
C SER C 104 56.51 19.71 9.30
N SER C 105 55.56 19.26 8.47
CA SER C 105 54.79 18.06 8.75
C SER C 105 55.75 16.91 9.00
N TRP C 106 56.95 16.98 8.43
CA TRP C 106 57.97 15.94 8.58
C TRP C 106 58.49 15.87 10.01
N TYR C 107 58.42 16.98 10.76
CA TYR C 107 58.84 16.97 12.15
C TYR C 107 57.74 16.39 13.05
N HIS C 108 56.50 16.28 12.53
CA HIS C 108 55.34 15.99 13.37
C HIS C 108 54.78 14.60 13.08
N TYR C 109 54.72 14.22 11.80
CA TYR C 109 54.27 12.89 11.41
C TYR C 109 55.12 11.84 12.12
N PRO C 110 54.52 10.79 12.72
CA PRO C 110 55.30 9.74 13.37
C PRO C 110 55.99 8.85 12.34
N GLU C 111 57.05 8.15 12.77
CA GLU C 111 58.03 7.60 11.83
C GLU C 111 57.34 6.69 10.81
N ASP C 112 56.47 5.82 11.29
CA ASP C 112 55.90 4.79 10.44
C ASP C 112 54.87 5.36 9.47
N ALA C 113 54.78 6.70 9.41
CA ALA C 113 53.73 7.34 8.65
C ALA C 113 54.24 7.81 7.29
N LEU C 114 55.55 8.09 7.17
CA LEU C 114 56.08 8.66 5.93
C LEU C 114 55.93 7.61 4.84
N ASP C 115 55.62 8.03 3.61
CA ASP C 115 55.21 7.14 2.54
C ASP C 115 56.28 6.07 2.26
N ALA C 116 57.55 6.42 2.42
CA ALA C 116 58.62 5.55 1.98
C ALA C 116 59.93 5.90 2.67
N TRP C 117 60.66 4.84 3.09
CA TRP C 117 61.95 4.94 3.74
C TRP C 117 63.03 4.15 3.01
N GLY C 118 64.29 4.56 3.21
CA GLY C 118 65.46 3.87 2.73
C GLY C 118 66.07 3.00 3.83
N GLN C 119 67.13 2.27 3.46
CA GLN C 119 67.71 1.25 4.33
C GLN C 119 68.76 1.88 5.25
N GLY C 120 69.47 2.89 4.76
CA GLY C 120 70.40 3.66 5.57
C GLY C 120 71.81 3.62 4.97
N THR C 121 72.67 4.59 5.36
CA THR C 121 74.10 4.58 5.06
C THR C 121 74.83 5.24 6.24
N GLN C 122 75.88 4.59 6.74
CA GLN C 122 76.62 5.09 7.87
C GLN C 122 77.48 6.27 7.43
N VAL C 123 77.59 7.29 8.29
CA VAL C 123 78.57 8.35 8.13
C VAL C 123 79.32 8.46 9.46
N THR C 124 80.65 8.38 9.39
CA THR C 124 81.50 8.48 10.57
C THR C 124 82.48 9.63 10.36
N VAL C 125 82.85 10.30 11.46
CA VAL C 125 83.55 11.58 11.40
C VAL C 125 84.58 11.63 12.52
N SER C 126 85.86 11.56 12.12
CA SER C 126 86.97 11.43 13.06
C SER C 126 87.74 12.75 13.12
N GLU D 2 9.74 48.54 42.00
CA GLU D 2 10.53 47.84 43.05
C GLU D 2 9.97 46.42 43.21
N GLN D 3 10.82 45.50 43.68
CA GLN D 3 10.38 44.13 43.93
C GLN D 3 10.86 43.69 45.32
N LEU D 4 12.07 44.14 45.69
CA LEU D 4 12.69 43.73 46.94
C LEU D 4 12.69 44.91 47.89
N VAL D 5 12.29 44.65 49.15
CA VAL D 5 12.11 45.69 50.14
C VAL D 5 12.72 45.22 51.47
N GLU D 6 13.79 45.88 51.91
CA GLU D 6 14.50 45.47 53.10
C GLU D 6 13.96 46.18 54.35
N SER D 7 14.39 45.69 55.52
CA SER D 7 14.11 46.32 56.80
C SER D 7 14.96 45.67 57.87
N GLY D 8 15.07 46.33 59.03
CA GLY D 8 15.75 45.74 60.16
C GLY D 8 17.17 46.31 60.34
N GLY D 9 17.54 47.28 59.50
CA GLY D 9 18.84 47.93 59.59
C GLY D 9 18.98 48.75 60.87
N GLY D 10 20.20 49.15 61.21
CA GLY D 10 20.42 50.03 62.35
C GLY D 10 21.79 49.87 62.99
N LEU D 11 21.92 50.43 64.20
CA LEU D 11 23.16 50.46 64.95
C LEU D 11 23.13 49.36 66.03
N VAL D 12 24.26 48.65 66.19
CA VAL D 12 24.33 47.56 67.16
C VAL D 12 25.72 47.58 67.81
N GLN D 13 25.79 47.19 69.09
CA GLN D 13 27.07 47.14 69.78
C GLN D 13 27.83 45.87 69.34
N GLY D 15 29.12 42.75 69.60
CA GLY D 15 28.76 41.56 70.38
C GLY D 15 27.30 41.20 70.16
N GLY D 16 26.45 42.23 70.08
CA GLY D 16 25.01 42.05 70.06
C GLY D 16 24.51 41.46 68.75
N SER D 17 23.18 41.47 68.56
CA SER D 17 22.54 40.87 67.40
C SER D 17 21.68 41.89 66.66
N LEU D 18 21.29 41.51 65.44
CA LEU D 18 20.40 42.29 64.61
C LEU D 18 19.82 41.31 63.59
N THR D 19 18.69 41.67 62.96
CA THR D 19 18.03 40.74 62.05
C THR D 19 17.31 41.54 60.97
N LEU D 20 17.60 41.17 59.71
CA LEU D 20 17.12 41.87 58.53
C LEU D 20 16.03 41.06 57.85
N SER D 21 14.91 41.71 57.50
CA SER D 21 13.92 41.11 56.63
C SER D 21 14.24 41.52 55.20
N CYS D 22 13.73 40.75 54.23
CA CYS D 22 13.60 41.22 52.87
C CYS D 22 12.37 40.55 52.26
N ALA D 23 11.31 41.34 52.09
CA ALA D 23 10.07 40.80 51.56
C ALA D 23 10.00 41.08 50.07
N SER D 24 9.15 40.30 49.41
CA SER D 24 8.91 40.40 47.99
C SER D 24 7.43 40.07 47.77
N SER D 25 6.68 41.09 47.37
CA SER D 25 5.24 40.91 47.22
C SER D 25 4.94 40.26 45.89
N GLY D 26 3.88 39.46 45.87
CA GLY D 26 3.49 38.65 44.74
C GLY D 26 3.96 37.20 44.93
N GLY D 27 3.54 36.36 43.99
CA GLY D 27 3.94 34.97 43.94
C GLY D 27 4.75 34.69 42.67
N THR D 28 5.69 35.58 42.34
CA THR D 28 6.50 35.45 41.14
C THR D 28 7.89 34.92 41.49
N PHE D 29 8.38 35.29 42.68
CA PHE D 29 9.69 34.87 43.16
C PHE D 29 9.57 33.56 43.95
N GLU D 30 8.48 32.84 43.73
CA GLU D 30 8.29 31.58 44.42
C GLU D 30 9.29 30.52 43.92
N THR D 31 9.81 30.71 42.70
CA THR D 31 10.76 29.77 42.15
C THR D 31 12.19 30.32 42.27
N TYR D 32 12.33 31.58 42.69
CA TYR D 32 13.60 32.26 42.76
C TYR D 32 14.22 31.99 44.13
N ALA D 33 15.56 31.96 44.18
CA ALA D 33 16.29 31.93 45.44
C ALA D 33 16.45 33.37 45.87
N MET D 34 16.75 33.57 47.16
CA MET D 34 16.93 34.90 47.71
C MET D 34 18.12 34.91 48.66
N GLY D 35 18.79 36.07 48.76
CA GLY D 35 19.93 36.19 49.66
C GLY D 35 20.40 37.62 49.89
N TRP D 36 21.66 37.72 50.34
CA TRP D 36 22.22 38.97 50.85
C TRP D 36 23.65 39.13 50.36
N PHE D 37 24.00 40.35 49.95
CA PHE D 37 25.37 40.73 49.62
C PHE D 37 25.74 41.88 50.56
N ARG D 38 27.00 42.35 50.59
CA ARG D 38 27.32 43.46 51.49
C ARG D 38 28.37 44.39 50.88
N GLN D 39 28.21 45.72 51.08
CA GLN D 39 29.20 46.69 50.62
C GLN D 39 29.61 47.55 51.81
N ALA D 40 30.84 47.39 52.28
CA ALA D 40 31.35 48.09 53.45
C ALA D 40 31.78 49.52 53.10
N PRO D 41 32.03 50.41 54.08
CA PRO D 41 32.47 51.78 53.78
C PRO D 41 33.55 51.87 52.70
N ARG D 45 31.76 44.62 46.81
CA ARG D 45 30.44 43.94 46.82
C ARG D 45 30.65 42.46 47.15
N GLU D 46 30.52 42.12 48.43
CA GLU D 46 30.74 40.76 48.93
C GLU D 46 29.43 39.98 48.83
N PHE D 47 29.47 38.63 48.83
CA PHE D 47 28.26 37.83 48.96
C PHE D 47 28.16 37.46 50.43
N ALA D 48 26.93 37.39 50.96
CA ALA D 48 26.78 37.15 52.38
C ALA D 48 26.12 35.80 52.63
N ALA D 49 24.95 35.57 52.00
CA ALA D 49 24.22 34.33 52.20
C ALA D 49 23.12 34.25 51.16
N ALA D 50 22.46 33.08 51.10
CA ALA D 50 21.37 32.83 50.17
C ALA D 50 20.62 31.53 50.53
N VAL D 51 19.38 31.40 50.05
CA VAL D 51 18.55 30.25 50.38
C VAL D 51 17.73 29.86 49.15
N SER D 52 17.44 28.55 49.05
CA SER D 52 16.77 27.94 47.90
C SER D 52 15.32 28.41 47.83
N TRP D 53 14.71 28.21 46.66
CA TRP D 53 13.32 28.58 46.47
C TRP D 53 12.42 27.84 47.45
N SER D 54 12.75 26.57 47.71
CA SER D 54 11.99 25.74 48.62
C SER D 54 12.22 26.20 50.06
N GLY D 55 13.30 26.96 50.28
CA GLY D 55 13.72 27.41 51.59
C GLY D 55 14.36 26.27 52.38
N GLY D 56 14.88 25.26 51.67
CA GLY D 56 15.36 24.04 52.28
C GLY D 56 16.89 23.98 52.41
N SER D 57 17.59 24.71 51.53
CA SER D 57 19.05 24.67 51.50
C SER D 57 19.60 26.09 51.40
N ALA D 58 20.68 26.36 52.16
CA ALA D 58 21.28 27.69 52.22
C ALA D 58 22.80 27.59 52.31
N HIS D 59 23.50 28.62 51.83
CA HIS D 59 24.94 28.65 51.96
C HIS D 59 25.42 30.04 52.34
N TYR D 60 26.65 30.11 52.88
CA TYR D 60 27.15 31.31 53.52
C TYR D 60 28.52 31.67 52.97
N ALA D 61 28.94 32.94 53.14
CA ALA D 61 30.33 33.31 52.91
C ALA D 61 31.17 32.71 54.03
N ASP D 62 32.48 32.54 53.77
CA ASP D 62 33.33 31.90 54.75
C ASP D 62 33.42 32.76 56.01
N SER D 63 33.34 34.09 55.82
CA SER D 63 33.61 35.05 56.87
C SER D 63 32.43 35.23 57.83
N VAL D 64 31.29 34.59 57.58
CA VAL D 64 30.14 34.69 58.46
C VAL D 64 29.60 33.29 58.77
N LYS D 65 30.40 32.27 58.45
CA LYS D 65 29.93 30.90 58.33
C LYS D 65 29.35 30.39 59.64
N GLY D 66 29.74 30.99 60.78
CA GLY D 66 29.27 30.52 62.08
C GLY D 66 28.20 31.43 62.71
N ARG D 67 28.29 32.73 62.42
CA ARG D 67 27.56 33.74 63.17
C ARG D 67 26.14 33.88 62.63
N PHE D 68 26.01 33.95 61.29
CA PHE D 68 24.75 34.30 60.64
C PHE D 68 24.04 33.03 60.15
N THR D 69 22.70 33.10 60.13
CA THR D 69 21.87 32.06 59.53
C THR D 69 20.68 32.74 58.83
N ILE D 70 20.27 32.19 57.69
CA ILE D 70 19.22 32.78 56.87
C ILE D 70 18.06 31.80 56.80
N SER D 71 16.84 32.31 56.70
CA SER D 71 15.65 31.46 56.65
C SER D 71 14.57 32.13 55.81
N ARG D 72 13.52 31.39 55.47
CA ARG D 72 12.56 31.85 54.49
C ARG D 72 11.15 31.43 54.91
N ASP D 73 10.19 32.34 54.77
CA ASP D 73 8.83 32.13 55.24
C ASP D 73 8.12 31.07 54.39
N LYS D 74 7.30 30.26 55.07
CA LYS D 74 6.66 29.09 54.51
C LYS D 74 5.69 29.47 53.39
N VAL D 75 5.23 30.72 53.37
CA VAL D 75 4.16 31.11 52.47
C VAL D 75 4.58 32.27 51.58
N LYS D 76 5.12 33.34 52.18
CA LYS D 76 5.41 34.56 51.46
C LYS D 76 6.91 34.62 51.19
N ASN D 77 7.29 35.20 50.04
CA ASN D 77 8.66 35.23 49.59
C ASN D 77 9.43 36.29 50.35
N THR D 78 9.81 35.96 51.58
CA THR D 78 10.45 36.89 52.50
C THR D 78 11.52 36.11 53.25
N VAL D 79 12.72 36.70 53.38
CA VAL D 79 13.84 35.99 53.97
C VAL D 79 14.36 36.79 55.16
N TYR D 80 15.03 36.09 56.08
CA TYR D 80 15.48 36.69 57.32
C TYR D 80 16.94 36.33 57.56
N LEU D 81 17.78 37.34 57.73
CA LEU D 81 19.20 37.15 58.00
C LEU D 81 19.51 37.45 59.47
N GLN D 82 19.42 36.42 60.32
CA GLN D 82 19.75 36.54 61.73
C GLN D 82 21.26 36.70 61.89
N MET D 83 21.69 37.81 62.51
CA MET D 83 23.11 38.10 62.70
C MET D 83 23.44 38.15 64.18
N ASN D 84 24.42 37.32 64.60
CA ASN D 84 24.87 37.29 65.99
C ASN D 84 26.37 37.55 66.06
N SER D 85 26.85 37.99 67.23
CA SER D 85 28.28 38.20 67.48
C SER D 85 28.85 39.26 66.54
N LEU D 86 28.04 40.27 66.21
CA LEU D 86 28.35 41.23 65.15
C LEU D 86 29.60 42.02 65.53
N LYS D 87 30.51 42.14 64.56
CA LYS D 87 31.82 42.74 64.77
C LYS D 87 31.87 44.08 64.03
N PRO D 88 32.84 44.96 64.34
CA PRO D 88 33.04 46.20 63.59
C PRO D 88 33.33 46.01 62.10
N GLU D 89 33.82 44.81 61.75
CA GLU D 89 34.13 44.46 60.38
C GLU D 89 32.88 43.92 59.67
N ASP D 90 31.72 44.00 60.34
CA ASP D 90 30.45 43.61 59.72
C ASP D 90 29.68 44.85 59.26
N THR D 91 30.19 46.04 59.60
CA THR D 91 29.58 47.30 59.19
C THR D 91 29.59 47.42 57.67
N ALA D 92 28.39 47.45 57.08
CA ALA D 92 28.23 47.58 55.64
C ALA D 92 26.77 47.80 55.30
N VAL D 93 26.50 48.06 54.01
CA VAL D 93 25.14 48.14 53.48
C VAL D 93 24.78 46.76 52.92
N TYR D 94 23.75 46.13 53.49
CA TYR D 94 23.36 44.79 53.11
C TYR D 94 22.29 44.90 52.02
N TYR D 95 22.55 44.30 50.85
CA TYR D 95 21.63 44.39 49.72
C TYR D 95 20.99 43.02 49.42
N CYS D 96 19.67 42.92 49.59
CA CYS D 96 18.89 41.74 49.29
C CYS D 96 18.85 41.52 47.77
N ALA D 97 18.94 40.26 47.35
CA ALA D 97 18.92 39.90 45.94
C ALA D 97 18.02 38.68 45.71
N ALA D 98 17.45 38.57 44.51
CA ALA D 98 16.64 37.41 44.16
C ALA D 98 17.03 36.91 42.76
N ASP D 99 17.16 35.59 42.61
CA ASP D 99 17.53 35.00 41.33
C ASP D 99 16.94 33.61 41.18
N ARG D 100 16.79 33.14 39.94
CA ARG D 100 16.31 31.79 39.68
C ARG D 100 17.42 30.75 39.92
N SER D 101 18.67 31.14 39.68
CA SER D 101 19.79 30.25 39.93
C SER D 101 20.03 30.15 41.42
N TYR D 102 20.36 28.93 41.90
CA TYR D 102 20.80 28.72 43.27
C TYR D 102 22.25 28.25 43.25
N GLY D 103 22.95 28.41 44.38
CA GLY D 103 24.28 27.81 44.54
C GLY D 103 25.41 28.79 44.28
N SER D 104 26.54 28.26 43.80
CA SER D 104 27.75 29.05 43.60
C SER D 104 27.71 29.79 42.27
N SER D 105 26.62 29.61 41.50
CA SER D 105 26.44 30.42 40.31
C SER D 105 26.39 31.90 40.70
N TRP D 106 26.05 32.15 41.97
CA TRP D 106 26.00 33.52 42.50
C TRP D 106 27.40 34.15 42.56
N TYR D 107 28.42 33.31 42.72
CA TYR D 107 29.80 33.77 42.76
C TYR D 107 30.34 34.04 41.35
N HIS D 108 29.65 33.53 40.32
CA HIS D 108 30.17 33.54 38.96
C HIS D 108 29.42 34.50 38.05
N TYR D 109 28.10 34.60 38.25
CA TYR D 109 27.29 35.58 37.55
C TYR D 109 27.84 36.99 37.80
N PRO D 110 27.79 37.91 36.81
CA PRO D 110 28.07 39.32 37.07
C PRO D 110 26.96 39.96 37.91
N GLU D 111 27.22 41.09 38.58
CA GLU D 111 26.21 41.67 39.45
C GLU D 111 25.00 42.14 38.62
N ASP D 112 25.29 42.69 37.45
CA ASP D 112 24.28 43.26 36.58
C ASP D 112 23.29 42.20 36.09
N ALA D 113 23.54 40.94 36.43
CA ALA D 113 22.86 39.85 35.75
C ALA D 113 21.75 39.26 36.62
N LEU D 114 21.89 39.38 37.95
CA LEU D 114 20.99 38.71 38.88
C LEU D 114 19.59 39.28 38.67
N ASP D 115 18.58 38.43 38.78
CA ASP D 115 17.24 38.76 38.31
C ASP D 115 16.68 40.02 38.99
N ALA D 116 17.04 40.27 40.25
CA ALA D 116 16.44 41.35 41.02
C ALA D 116 17.28 41.74 42.23
N TRP D 117 17.35 43.05 42.47
CA TRP D 117 18.12 43.63 43.58
C TRP D 117 17.25 44.57 44.41
N GLY D 118 17.64 44.76 45.68
CA GLY D 118 17.03 45.71 46.60
C GLY D 118 17.77 47.04 46.62
N GLN D 119 17.28 47.97 47.46
CA GLN D 119 17.79 49.33 47.51
C GLN D 119 18.95 49.40 48.50
N GLY D 120 18.89 48.61 49.58
CA GLY D 120 19.95 48.57 50.57
C GLY D 120 19.44 48.98 51.96
N THR D 121 20.18 48.61 53.02
CA THR D 121 19.93 49.05 54.39
C THR D 121 21.26 49.14 55.12
N GLN D 122 21.52 50.27 55.80
CA GLN D 122 22.79 50.45 56.49
C GLN D 122 22.78 49.64 57.78
N VAL D 123 23.93 49.03 58.12
CA VAL D 123 24.17 48.49 59.44
C VAL D 123 25.49 49.08 59.94
N THR D 124 25.45 49.69 61.14
CA THR D 124 26.64 50.28 61.75
C THR D 124 26.88 49.60 63.09
N VAL D 125 28.17 49.43 63.43
CA VAL D 125 28.61 48.61 64.54
C VAL D 125 29.90 49.22 65.09
N SER D 126 29.85 49.77 66.32
CA SER D 126 31.02 50.34 66.97
C SER D 126 31.61 49.38 68.00
N SER D 127 32.94 49.19 67.91
CA SER D 127 33.68 48.32 68.80
C SER D 127 33.80 48.96 70.18
N GLN E 1 56.31 -2.00 17.08
CA GLN E 1 56.78 -1.48 18.39
C GLN E 1 55.59 -1.12 19.30
N VAL E 2 54.65 -2.06 19.55
CA VAL E 2 53.75 -1.98 20.70
C VAL E 2 53.06 -3.33 20.96
N GLN E 3 52.97 -3.72 22.24
CA GLN E 3 52.20 -4.90 22.64
C GLN E 3 51.06 -4.43 23.53
N LEU E 4 49.89 -5.08 23.42
CA LEU E 4 48.67 -4.70 24.11
C LEU E 4 48.24 -5.81 25.07
N VAL E 5 47.69 -5.44 26.24
CA VAL E 5 47.07 -6.36 27.18
C VAL E 5 45.67 -5.86 27.58
N GLU E 6 44.64 -6.68 27.37
CA GLU E 6 43.31 -6.37 27.84
C GLU E 6 43.18 -6.65 29.33
N SER E 7 42.07 -6.20 29.92
CA SER E 7 41.65 -6.59 31.26
C SER E 7 40.22 -6.14 31.50
N GLY E 8 39.65 -6.59 32.62
CA GLY E 8 38.43 -6.04 33.18
C GLY E 8 37.16 -6.58 32.49
N GLY E 9 37.25 -7.81 31.99
CA GLY E 9 36.07 -8.47 31.44
C GLY E 9 35.36 -9.27 32.53
N GLY E 10 34.45 -10.15 32.09
CA GLY E 10 33.76 -11.04 33.01
C GLY E 10 32.43 -11.51 32.41
N SER E 11 31.59 -12.07 33.28
CA SER E 11 30.20 -12.36 32.96
C SER E 11 29.32 -11.47 33.82
N VAL E 12 28.42 -10.75 33.14
CA VAL E 12 27.52 -9.83 33.81
C VAL E 12 26.11 -10.29 33.47
N GLN E 13 25.13 -9.64 34.13
CA GLN E 13 23.73 -9.86 33.81
C GLN E 13 23.35 -8.86 32.72
N ALA E 14 22.20 -9.05 32.08
CA ALA E 14 21.62 -8.04 31.20
C ALA E 14 21.54 -6.68 31.91
N GLY E 15 21.78 -5.62 31.12
CA GLY E 15 21.66 -4.26 31.60
C GLY E 15 22.85 -3.83 32.44
N GLY E 16 23.78 -4.76 32.69
CA GLY E 16 24.93 -4.51 33.52
C GLY E 16 25.96 -3.65 32.78
N SER E 17 26.90 -3.10 33.54
CA SER E 17 27.97 -2.29 33.02
C SER E 17 29.25 -3.11 33.06
N LEU E 18 30.24 -2.70 32.25
CA LEU E 18 31.57 -3.25 32.33
C LEU E 18 32.52 -2.27 31.65
N ARG E 19 33.72 -2.11 32.23
CA ARG E 19 34.74 -1.22 31.68
C ARG E 19 36.02 -2.01 31.41
N LEU E 20 36.26 -2.30 30.12
CA LEU E 20 37.47 -2.94 29.66
C LEU E 20 38.60 -1.93 29.71
N SER E 21 39.80 -2.37 30.12
CA SER E 21 41.01 -1.58 30.08
C SER E 21 42.00 -2.24 29.12
N CYS E 22 43.10 -1.54 28.85
CA CYS E 22 44.11 -1.99 27.89
C CYS E 22 45.39 -1.21 28.11
N ALA E 23 46.44 -1.92 28.54
CA ALA E 23 47.74 -1.32 28.78
C ALA E 23 48.55 -1.43 27.49
N ALA E 24 49.16 -0.30 27.09
CA ALA E 24 49.97 -0.22 25.90
C ALA E 24 51.43 -0.13 26.34
N SER E 25 52.21 -1.16 25.98
CA SER E 25 53.63 -1.24 26.26
C SER E 25 54.41 -1.22 24.95
N GLY E 26 55.33 -0.27 24.86
CA GLY E 26 56.19 -0.11 23.70
C GLY E 26 56.40 1.37 23.38
N ARG E 27 56.27 1.71 22.09
CA ARG E 27 56.46 3.05 21.55
C ARG E 27 55.49 4.02 22.22
N THR E 28 55.71 5.31 21.95
CA THR E 28 54.87 6.38 22.46
C THR E 28 53.42 6.13 22.05
N PHE E 29 52.48 6.49 22.94
CA PHE E 29 51.07 6.15 22.72
C PHE E 29 50.45 7.13 21.74
N SER E 30 50.86 8.40 21.88
CA SER E 30 50.44 9.53 21.07
C SER E 30 50.45 9.20 19.58
N SER E 31 51.28 8.22 19.19
CA SER E 31 51.59 8.01 17.78
C SER E 31 50.79 6.84 17.20
N TYR E 32 49.70 6.44 17.87
CA TYR E 32 48.83 5.42 17.29
C TYR E 32 47.35 5.68 17.64
N SER E 33 46.49 5.80 16.61
CA SER E 33 45.05 5.70 16.80
C SER E 33 44.78 4.30 17.35
N MET E 34 43.81 4.20 18.29
CA MET E 34 43.53 2.94 18.94
C MET E 34 42.15 2.46 18.48
N ALA E 35 41.68 1.32 19.00
CA ALA E 35 40.42 0.73 18.60
C ALA E 35 40.06 -0.45 19.50
N TRP E 36 38.84 -0.96 19.30
CA TRP E 36 38.37 -2.16 19.99
C TRP E 36 37.57 -2.95 18.97
N PHE E 37 37.73 -4.29 18.91
CA PHE E 37 36.89 -5.08 18.02
C PHE E 37 36.45 -6.31 18.79
N ARG E 38 35.42 -7.01 18.29
CA ARG E 38 34.90 -8.12 19.06
C ARG E 38 34.79 -9.36 18.18
N GLN E 39 34.88 -10.54 18.80
CA GLN E 39 34.80 -11.80 18.07
C GLN E 39 33.86 -12.74 18.83
N ALA E 40 32.66 -12.95 18.29
CA ALA E 40 31.69 -13.88 18.87
C ALA E 40 31.77 -15.24 18.21
N PRO E 41 31.98 -16.35 18.98
CA PRO E 41 32.29 -17.65 18.39
C PRO E 41 31.52 -18.00 17.12
N GLY E 42 30.23 -17.64 17.03
CA GLY E 42 29.41 -18.05 15.90
C GLY E 42 29.79 -17.33 14.60
N LYS E 43 30.04 -16.02 14.69
CA LYS E 43 30.02 -15.11 13.56
C LYS E 43 31.43 -14.65 13.22
N GLU E 44 31.55 -13.74 12.23
CA GLU E 44 32.80 -13.13 11.82
C GLU E 44 33.05 -11.83 12.62
N ARG E 45 34.27 -11.30 12.48
CA ARG E 45 34.74 -10.16 13.26
C ARG E 45 33.79 -8.96 13.18
N GLU E 46 33.66 -8.25 14.31
CA GLU E 46 32.85 -7.04 14.37
C GLU E 46 33.71 -5.89 14.86
N ASN E 47 33.89 -4.89 14.00
CA ASN E 47 34.63 -3.69 14.40
C ASN E 47 33.68 -2.93 15.33
N VAL E 48 34.17 -2.47 16.49
CA VAL E 48 33.24 -1.93 17.47
C VAL E 48 33.48 -0.44 17.72
N ALA E 49 34.74 0.01 17.66
CA ALA E 49 35.10 1.36 18.04
C ALA E 49 36.47 1.70 17.47
N VAL E 50 36.68 2.98 17.19
CA VAL E 50 37.97 3.53 16.77
C VAL E 50 38.11 4.92 17.37
N ILE E 51 39.30 5.28 17.83
CA ILE E 51 39.53 6.60 18.39
C ILE E 51 40.78 7.19 17.74
N SER E 52 40.81 8.51 17.57
CA SER E 52 41.92 9.20 16.92
C SER E 52 43.13 9.22 17.84
N TRP E 53 44.23 9.83 17.34
CA TRP E 53 45.54 9.78 17.95
C TRP E 53 45.51 10.43 19.34
N SER E 54 44.92 11.62 19.41
CA SER E 54 44.81 12.37 20.65
C SER E 54 43.50 12.03 21.37
N GLY E 55 42.45 11.73 20.60
CA GLY E 55 41.15 11.43 21.21
C GLY E 55 40.01 12.29 20.67
N SER E 56 40.32 13.27 19.81
CA SER E 56 39.30 14.12 19.19
C SER E 56 38.15 13.29 18.61
N THR E 57 38.41 12.46 17.59
CA THR E 57 37.36 11.80 16.85
C THR E 57 37.21 10.35 17.31
N SER E 58 35.96 9.83 17.36
CA SER E 58 35.65 8.46 17.72
C SER E 58 34.50 7.95 16.86
N TYR E 59 34.48 6.66 16.50
CA TYR E 59 33.41 6.14 15.67
C TYR E 59 33.00 4.79 16.20
N TYR E 60 31.81 4.32 15.81
CA TYR E 60 31.17 3.19 16.46
C TYR E 60 30.28 2.47 15.44
N ALA E 61 30.27 1.14 15.52
CA ALA E 61 29.29 0.34 14.81
C ALA E 61 27.93 0.63 15.43
N GLU E 62 26.89 0.58 14.59
CA GLU E 62 25.56 0.97 15.01
C GLU E 62 24.96 -0.03 15.97
N SER E 63 25.68 -1.09 16.27
CA SER E 63 25.18 -2.12 17.17
C SER E 63 25.55 -1.79 18.61
N VAL E 64 26.34 -0.71 18.81
CA VAL E 64 26.80 -0.35 20.15
C VAL E 64 26.77 1.17 20.37
N LYS E 65 26.20 1.92 19.42
CA LYS E 65 26.33 3.37 19.44
C LYS E 65 25.43 3.94 20.54
N GLY E 66 26.03 4.67 21.48
CA GLY E 66 25.30 5.24 22.60
C GLY E 66 24.86 4.16 23.58
N ARG E 67 25.66 3.09 23.64
CA ARG E 67 25.71 2.19 24.77
C ARG E 67 27.17 2.11 25.22
N PHE E 68 28.08 1.88 24.24
CA PHE E 68 29.51 1.77 24.49
C PHE E 68 30.17 3.11 24.19
N THR E 69 31.30 3.39 24.84
CA THR E 69 32.10 4.58 24.54
C THR E 69 33.59 4.26 24.74
N ILE E 70 34.39 4.67 23.75
CA ILE E 70 35.83 4.44 23.76
C ILE E 70 36.55 5.73 24.16
N SER E 71 37.43 5.64 25.16
CA SER E 71 38.24 6.77 25.63
C SER E 71 39.70 6.34 25.81
N ARG E 72 40.59 7.33 26.07
CA ARG E 72 42.02 7.07 26.20
C ARG E 72 42.73 8.13 27.04
N ASP E 73 43.74 7.70 27.81
CA ASP E 73 44.58 8.58 28.61
C ASP E 73 46.04 8.40 28.16
N ASN E 74 46.59 9.44 27.51
CA ASN E 74 47.88 9.34 26.85
C ASN E 74 49.04 9.58 27.82
N ALA E 75 48.74 10.04 29.03
CA ALA E 75 49.78 10.16 30.04
C ALA E 75 49.93 8.85 30.80
N LYS E 76 48.88 8.03 30.78
CA LYS E 76 48.87 6.76 31.52
C LYS E 76 48.77 5.58 30.55
N ASN E 77 48.90 5.84 29.23
CA ASN E 77 48.98 4.79 28.22
C ASN E 77 47.86 3.77 28.37
N THR E 78 46.61 4.20 28.21
CA THR E 78 45.49 3.28 28.35
C THR E 78 44.40 3.64 27.35
N VAL E 79 43.69 2.59 26.89
CA VAL E 79 42.44 2.74 26.17
C VAL E 79 41.36 2.07 27.00
N TYR E 80 40.15 2.65 26.98
CA TYR E 80 39.02 2.09 27.67
C TYR E 80 37.89 1.85 26.68
N LEU E 81 37.03 0.90 27.04
CA LEU E 81 35.75 0.70 26.37
C LEU E 81 34.71 0.51 27.46
N GLN E 82 34.08 1.62 27.86
CA GLN E 82 32.94 1.63 28.76
C GLN E 82 31.73 1.08 28.02
N MET E 83 31.13 0.01 28.57
CA MET E 83 30.08 -0.73 27.89
C MET E 83 28.90 -0.83 28.84
N ASN E 84 27.75 -0.24 28.43
CA ASN E 84 26.60 -0.07 29.29
C ASN E 84 25.37 -0.67 28.61
N SER E 85 24.33 -0.91 29.42
CA SER E 85 23.09 -1.47 28.91
C SER E 85 23.38 -2.73 28.10
N LEU E 86 24.30 -3.56 28.61
CA LEU E 86 24.78 -4.77 27.94
C LEU E 86 23.62 -5.70 27.59
N LYS E 87 23.74 -6.36 26.44
CA LYS E 87 22.72 -7.31 25.99
C LYS E 87 23.39 -8.67 25.78
N PRO E 88 22.62 -9.77 25.66
CA PRO E 88 23.17 -11.08 25.32
C PRO E 88 24.02 -11.06 24.05
N GLU E 89 23.56 -10.35 23.02
CA GLU E 89 24.23 -10.29 21.72
C GLU E 89 25.61 -9.63 21.82
N ASP E 90 25.98 -9.14 23.01
CA ASP E 90 27.28 -8.51 23.23
C ASP E 90 28.27 -9.53 23.80
N THR E 91 27.85 -10.80 23.89
CA THR E 91 28.72 -11.91 24.31
C THR E 91 29.74 -12.13 23.19
N ALA E 92 31.04 -11.97 23.54
CA ALA E 92 32.10 -12.08 22.57
C ALA E 92 33.46 -11.85 23.25
N VAL E 93 34.53 -12.11 22.51
CA VAL E 93 35.87 -11.81 22.98
C VAL E 93 36.23 -10.44 22.41
N TYR E 94 36.65 -9.52 23.27
CA TYR E 94 36.87 -8.17 22.82
C TYR E 94 38.38 -7.95 22.71
N TYR E 95 38.83 -7.30 21.63
CA TYR E 95 40.26 -7.16 21.38
C TYR E 95 40.65 -5.68 21.26
N CYS E 96 41.50 -5.21 22.17
CA CYS E 96 42.17 -3.92 22.07
C CYS E 96 43.08 -3.92 20.83
N ALA E 97 43.30 -2.77 20.20
CA ALA E 97 44.02 -2.73 18.92
C ALA E 97 44.83 -1.44 18.76
N ALA E 98 45.65 -1.39 17.69
CA ALA E 98 46.52 -0.25 17.42
C ALA E 98 46.64 -0.03 15.91
N GLY E 99 46.59 1.25 15.49
CA GLY E 99 46.75 1.69 14.12
C GLY E 99 45.70 1.15 13.16
N PRO E 100 44.39 1.48 13.35
CA PRO E 100 43.38 1.12 12.36
C PRO E 100 43.61 1.86 11.05
N ARG E 101 43.35 1.20 9.90
CA ARG E 101 43.35 1.84 8.59
C ARG E 101 42.30 1.22 7.67
N THR E 102 41.91 1.94 6.60
CA THR E 102 41.10 1.44 5.50
C THR E 102 41.31 2.32 4.28
N THR E 103 40.82 1.81 3.15
CA THR E 103 40.88 2.50 1.88
C THR E 103 39.52 3.13 1.68
N PRO E 104 39.42 4.21 0.86
CA PRO E 104 38.14 4.87 0.60
C PRO E 104 37.14 3.96 -0.13
N GLN E 105 37.64 2.89 -0.73
CA GLN E 105 36.80 1.93 -1.44
C GLN E 105 36.06 1.08 -0.41
N ALA E 106 34.79 0.78 -0.72
CA ALA E 106 33.87 0.20 0.25
C ALA E 106 34.12 -1.30 0.39
N MET E 107 34.74 -1.87 -0.65
CA MET E 107 34.99 -3.29 -0.77
C MET E 107 36.08 -3.75 0.20
N GLY E 108 36.87 -2.80 0.71
CA GLY E 108 37.98 -3.06 1.63
C GLY E 108 37.49 -3.39 3.04
N ALA E 109 38.41 -3.34 4.01
CA ALA E 109 38.17 -3.86 5.35
C ALA E 109 39.12 -3.21 6.36
N VAL E 110 38.86 -3.38 7.66
CA VAL E 110 39.51 -2.55 8.67
C VAL E 110 40.70 -3.32 9.24
N GLU E 111 41.92 -2.90 8.85
CA GLU E 111 43.14 -3.61 9.21
C GLU E 111 43.82 -2.91 10.38
N TYR E 112 44.10 -3.64 11.45
CA TYR E 112 44.83 -3.06 12.57
C TYR E 112 46.29 -3.45 12.42
N ASP E 113 47.20 -2.71 13.08
CA ASP E 113 48.62 -3.04 13.06
C ASP E 113 48.99 -4.03 14.16
N TYR E 114 48.21 -4.01 15.24
CA TYR E 114 48.50 -4.78 16.45
C TYR E 114 47.16 -5.06 17.15
N TRP E 115 47.10 -6.14 17.94
CA TRP E 115 45.95 -6.49 18.77
C TRP E 115 46.38 -7.45 19.87
N GLY E 116 46.00 -7.15 21.12
CA GLY E 116 46.36 -7.98 22.26
C GLY E 116 45.61 -9.31 22.28
N GLN E 117 45.71 -10.02 23.41
CA GLN E 117 45.24 -11.39 23.57
C GLN E 117 43.71 -11.47 23.55
N GLY E 118 43.06 -10.42 24.07
CA GLY E 118 41.61 -10.35 24.19
C GLY E 118 41.12 -10.66 25.61
N THR E 119 39.86 -10.30 25.89
CA THR E 119 39.16 -10.65 27.12
C THR E 119 37.75 -11.07 26.77
N GLN E 120 37.22 -12.04 27.54
CA GLN E 120 35.88 -12.54 27.35
C GLN E 120 34.87 -11.63 28.04
N VAL E 121 33.73 -11.42 27.39
CA VAL E 121 32.57 -10.81 28.01
C VAL E 121 31.36 -11.70 27.68
N THR E 122 30.76 -12.29 28.70
CA THR E 122 29.52 -13.03 28.54
C THR E 122 28.41 -12.22 29.20
N VAL E 123 27.14 -12.38 28.76
CA VAL E 123 26.04 -11.56 29.24
C VAL E 123 24.80 -12.45 29.33
N SER E 124 24.24 -12.57 30.53
CA SER E 124 23.03 -13.32 30.85
C SER E 124 21.80 -12.79 30.14
N SER E 125 20.78 -13.66 30.05
CA SER E 125 19.49 -13.37 29.44
C SER E 125 18.45 -12.93 30.50
N GLU F 6 33.49 53.99 17.89
CA GLU F 6 33.20 53.68 16.46
C GLU F 6 34.34 54.23 15.61
N SER F 7 34.69 53.50 14.53
CA SER F 7 35.79 53.87 13.64
C SER F 7 35.76 52.94 12.43
N GLY F 8 36.54 53.32 11.41
CA GLY F 8 36.88 52.44 10.32
C GLY F 8 35.88 52.45 9.16
N GLY F 9 35.01 53.46 9.09
CA GLY F 9 34.00 53.47 8.03
C GLY F 9 34.52 54.18 6.79
N GLY F 10 33.62 54.36 5.81
CA GLY F 10 33.95 55.10 4.60
C GLY F 10 33.08 54.68 3.42
N SER F 11 33.46 55.17 2.23
CA SER F 11 32.76 54.88 0.99
C SER F 11 33.70 54.12 0.07
N VAL F 12 33.25 52.95 -0.37
CA VAL F 12 34.05 52.07 -1.19
C VAL F 12 33.25 51.73 -2.44
N GLN F 13 33.88 51.03 -3.38
CA GLN F 13 33.19 50.52 -4.55
C GLN F 13 32.76 49.08 -4.23
N ALA F 14 31.98 48.46 -5.12
CA ALA F 14 31.55 47.08 -4.97
C ALA F 14 32.78 46.18 -4.81
N GLY F 15 32.64 45.13 -4.01
CA GLY F 15 33.66 44.11 -3.81
C GLY F 15 34.71 44.58 -2.82
N GLY F 16 34.61 45.85 -2.38
CA GLY F 16 35.59 46.44 -1.48
C GLY F 16 35.48 45.86 -0.07
N SER F 17 36.54 46.03 0.70
CA SER F 17 36.57 45.54 2.07
C SER F 17 36.43 46.75 2.98
N LEU F 18 36.03 46.48 4.22
CA LEU F 18 36.06 47.50 5.26
C LEU F 18 36.01 46.82 6.62
N ARG F 19 36.75 47.36 7.59
CA ARG F 19 36.80 46.81 8.93
C ARG F 19 36.44 47.89 9.94
N LEU F 20 35.21 47.81 10.45
CA LEU F 20 34.72 48.72 11.48
C LEU F 20 35.33 48.31 12.82
N SER F 21 35.72 49.30 13.63
CA SER F 21 36.19 49.05 14.99
C SER F 21 35.27 49.78 15.98
N CYS F 22 35.46 49.52 17.28
CA CYS F 22 34.63 50.11 18.33
C CYS F 22 35.27 49.87 19.70
N ALA F 23 35.67 50.93 20.40
CA ALA F 23 36.38 50.78 21.67
C ALA F 23 35.42 50.75 22.84
N ALA F 24 35.93 51.01 24.05
CA ALA F 24 35.11 51.02 25.27
C ALA F 24 35.86 51.65 26.43
N SER F 25 35.44 51.34 27.67
CA SER F 25 36.10 51.79 28.87
C SER F 25 35.46 51.08 30.06
N GLY F 26 36.18 50.11 30.65
CA GLY F 26 35.63 49.30 31.72
C GLY F 26 34.64 48.26 31.19
N ARG F 27 33.35 48.66 31.08
CA ARG F 27 32.26 47.78 30.66
C ARG F 27 32.64 46.88 29.45
N TYR F 32 30.14 41.07 28.82
CA TYR F 32 28.92 41.34 28.02
C TYR F 32 29.10 40.90 26.56
N SER F 33 28.12 40.13 26.08
CA SER F 33 27.97 39.80 24.67
C SER F 33 27.87 41.09 23.87
N MET F 34 28.49 41.14 22.70
CA MET F 34 28.52 42.37 21.89
C MET F 34 27.71 42.13 20.61
N ALA F 35 27.65 43.11 19.70
CA ALA F 35 26.77 43.02 18.53
C ALA F 35 27.00 44.17 17.54
N TRP F 36 26.37 44.06 16.37
CA TRP F 36 26.36 45.10 15.35
C TRP F 36 24.98 45.10 14.73
N PHE F 37 24.41 46.29 14.51
CA PHE F 37 23.19 46.46 13.72
C PHE F 37 23.42 47.59 12.73
N ARG F 38 22.56 47.67 11.72
CA ARG F 38 22.75 48.69 10.70
C ARG F 38 21.41 49.41 10.49
N GLN F 39 21.49 50.68 10.04
CA GLN F 39 20.31 51.47 9.73
C GLN F 39 20.48 52.11 8.36
N ALA F 40 19.75 51.59 7.38
CA ALA F 40 19.64 52.23 6.07
C ALA F 40 18.35 53.04 6.01
N PRO F 41 18.40 54.37 5.69
CA PRO F 41 17.16 55.14 5.58
C PRO F 41 16.27 54.59 4.46
N GLY F 42 14.97 54.49 4.73
CA GLY F 42 14.03 53.90 3.79
C GLY F 42 13.56 52.51 4.21
N LYS F 43 14.51 51.67 4.66
CA LYS F 43 14.24 50.30 5.08
C LYS F 43 14.20 50.19 6.60
N GLU F 44 13.84 49.01 7.10
CA GLU F 44 13.69 48.77 8.53
C GLU F 44 15.05 48.47 9.15
N ARG F 45 15.21 48.82 10.44
CA ARG F 45 16.44 48.56 11.18
C ARG F 45 16.77 47.07 11.06
N GLU F 46 18.07 46.77 10.93
CA GLU F 46 18.53 45.42 10.62
C GLU F 46 19.60 45.02 11.63
N ASN F 47 19.30 43.94 12.38
CA ASN F 47 20.32 43.32 13.22
C ASN F 47 21.26 42.60 12.28
N VAL F 48 22.56 42.69 12.54
CA VAL F 48 23.52 42.22 11.56
C VAL F 48 24.35 41.08 12.15
N ALA F 49 24.69 41.17 13.44
CA ALA F 49 25.64 40.28 14.05
C ALA F 49 25.52 40.34 15.56
N VAL F 50 25.81 39.20 16.20
CA VAL F 50 25.89 39.07 17.64
C VAL F 50 27.02 38.09 17.96
N ILE F 51 27.76 38.37 19.03
CA ILE F 51 28.85 37.48 19.43
C ILE F 51 28.73 37.24 20.94
N SER F 52 29.11 36.06 21.39
CA SER F 52 29.01 35.68 22.80
C SER F 52 30.06 36.41 23.63
N TRP F 53 30.08 36.13 24.94
CA TRP F 53 31.00 36.72 25.91
C TRP F 53 32.45 36.46 25.53
N SER F 54 32.77 35.20 25.24
CA SER F 54 34.11 34.75 24.91
C SER F 54 34.41 34.90 23.43
N GLY F 55 33.36 34.84 22.58
CA GLY F 55 33.48 34.80 21.14
C GLY F 55 33.10 33.44 20.54
N SER F 56 32.85 32.45 21.42
CA SER F 56 32.43 31.12 21.00
C SER F 56 31.29 31.19 19.98
N THR F 57 30.12 31.70 20.36
CA THR F 57 28.95 31.66 19.49
C THR F 57 28.75 33.00 18.77
N SER F 58 28.32 32.96 17.51
CA SER F 58 28.09 34.14 16.68
C SER F 58 26.89 33.91 15.79
N TYR F 59 26.08 34.94 15.52
CA TYR F 59 24.93 34.76 14.64
C TYR F 59 24.85 35.95 13.69
N TYR F 60 24.15 35.79 12.57
CA TYR F 60 24.25 36.70 11.44
C TYR F 60 22.94 36.71 10.66
N ALA F 61 22.55 37.89 10.19
CA ALA F 61 21.48 38.05 9.22
C ALA F 61 21.90 37.37 7.93
N GLU F 62 20.96 36.77 7.22
CA GLU F 62 21.32 35.99 6.04
C GLU F 62 21.67 36.90 4.88
N SER F 63 21.63 38.20 5.10
CA SER F 63 21.99 39.15 4.06
C SER F 63 23.48 39.46 4.10
N VAL F 64 24.20 38.92 5.10
CA VAL F 64 25.61 39.21 5.28
C VAL F 64 26.40 37.96 5.69
N LYS F 65 25.75 36.78 5.64
CA LYS F 65 26.33 35.56 6.18
C LYS F 65 27.44 35.09 5.24
N GLY F 66 28.67 35.00 5.80
CA GLY F 66 29.82 34.58 5.04
C GLY F 66 30.23 35.63 4.02
N ARG F 67 29.98 36.88 4.39
CA ARG F 67 30.66 38.05 3.83
C ARG F 67 31.22 38.84 5.01
N PHE F 68 30.38 39.07 6.03
CA PHE F 68 30.76 39.82 7.22
C PHE F 68 31.09 38.84 8.33
N THR F 69 31.94 39.28 9.27
CA THR F 69 32.29 38.45 10.43
C THR F 69 32.57 39.39 11.60
N ILE F 70 31.96 39.05 12.74
CA ILE F 70 32.13 39.82 13.96
C ILE F 70 33.12 39.12 14.88
N SER F 71 34.10 39.87 15.38
CA SER F 71 35.08 39.38 16.33
C SER F 71 35.29 40.38 17.47
N ARG F 72 36.08 39.98 18.48
CA ARG F 72 36.38 40.85 19.62
C ARG F 72 37.72 40.52 20.27
N ASP F 73 38.36 41.54 20.87
CA ASP F 73 39.59 41.42 21.64
C ASP F 73 39.32 41.91 23.07
N ASN F 74 39.32 40.99 24.03
CA ASN F 74 38.89 41.29 25.38
C ASN F 74 40.02 41.86 26.23
N ALA F 75 41.26 41.83 25.72
CA ALA F 75 42.35 42.47 26.43
C ALA F 75 42.43 43.94 26.01
N LYS F 76 41.90 44.26 24.82
CA LYS F 76 41.97 45.61 24.28
C LYS F 76 40.56 46.22 24.17
N ASN F 77 39.54 45.53 24.72
CA ASN F 77 38.18 46.06 24.77
C ASN F 77 37.71 46.61 23.43
N THR F 78 37.60 45.73 22.43
CA THR F 78 37.18 46.15 21.11
C THR F 78 36.29 45.08 20.48
N VAL F 79 35.37 45.54 19.63
CA VAL F 79 34.60 44.68 18.74
C VAL F 79 34.94 45.10 17.32
N TYR F 80 34.96 44.11 16.42
CA TYR F 80 35.19 44.35 15.00
C TYR F 80 34.02 43.82 14.20
N LEU F 81 33.81 44.41 13.02
CA LEU F 81 32.97 43.83 11.99
C LEU F 81 33.71 43.94 10.67
N GLN F 82 34.46 42.86 10.34
CA GLN F 82 35.08 42.67 9.05
C GLN F 82 34.00 42.43 7.99
N MET F 83 33.98 43.28 6.96
CA MET F 83 32.92 43.27 5.97
C MET F 83 33.58 43.19 4.60
N ASN F 84 33.27 42.10 3.87
CA ASN F 84 33.94 41.77 2.62
C ASN F 84 32.92 41.57 1.51
N SER F 85 33.39 41.65 0.27
CA SER F 85 32.53 41.49 -0.89
C SER F 85 31.34 42.44 -0.77
N LEU F 86 31.60 43.69 -0.33
CA LEU F 86 30.57 44.69 -0.08
C LEU F 86 29.75 44.93 -1.35
N LYS F 87 28.44 45.16 -1.16
CA LYS F 87 27.53 45.43 -2.27
C LYS F 87 26.85 46.78 -2.01
N PRO F 88 26.22 47.42 -3.04
CA PRO F 88 25.52 48.68 -2.84
C PRO F 88 24.50 48.66 -1.71
N GLU F 89 23.74 47.54 -1.64
CA GLU F 89 22.67 47.35 -0.70
C GLU F 89 23.20 47.32 0.74
N ASP F 90 24.51 47.43 0.95
CA ASP F 90 25.08 47.44 2.28
C ASP F 90 25.29 48.85 2.80
N THR F 91 24.87 49.85 2.00
CA THR F 91 24.92 51.26 2.34
C THR F 91 24.00 51.53 3.53
N ALA F 92 24.59 51.99 4.63
CA ALA F 92 23.86 52.15 5.89
C ALA F 92 24.79 52.66 6.98
N VAL F 93 24.17 53.03 8.12
CA VAL F 93 24.92 53.45 9.29
C VAL F 93 25.08 52.24 10.20
N TYR F 94 26.32 51.94 10.58
CA TYR F 94 26.58 50.73 11.34
C TYR F 94 26.74 51.11 12.82
N TYR F 95 26.02 50.40 13.70
CA TYR F 95 26.08 50.67 15.13
C TYR F 95 26.65 49.46 15.87
N CYS F 96 27.76 49.71 16.56
CA CYS F 96 28.32 48.87 17.60
C CYS F 96 27.32 48.79 18.76
N ALA F 97 27.33 47.70 19.53
CA ALA F 97 26.32 47.48 20.57
C ALA F 97 26.87 46.59 21.68
N ALA F 98 26.14 46.53 22.80
CA ALA F 98 26.51 45.74 23.96
C ALA F 98 25.26 45.17 24.61
N GLY F 99 25.35 43.91 25.07
CA GLY F 99 24.28 43.19 25.77
C GLY F 99 23.05 42.98 24.89
N PRO F 100 23.13 42.23 23.77
CA PRO F 100 21.91 41.84 23.06
C PRO F 100 21.07 40.89 23.90
N ARG F 101 19.73 41.03 23.82
CA ARG F 101 18.78 40.20 24.58
C ARG F 101 17.49 40.05 23.78
N THR F 102 16.78 38.91 23.94
CA THR F 102 15.48 38.69 23.32
C THR F 102 14.69 37.65 24.09
N THR F 103 13.39 37.65 23.79
CA THR F 103 12.42 36.72 24.32
C THR F 103 12.22 35.66 23.26
N PRO F 104 11.80 34.44 23.65
CA PRO F 104 11.60 33.34 22.71
C PRO F 104 10.50 33.60 21.69
N GLN F 105 9.66 34.61 22.00
CA GLN F 105 8.53 34.95 21.13
C GLN F 105 9.10 35.66 19.90
N ALA F 106 8.48 35.37 18.75
CA ALA F 106 9.01 35.79 17.45
C ALA F 106 8.59 37.22 17.16
N MET F 107 7.52 37.64 17.85
CA MET F 107 6.95 38.98 17.65
C MET F 107 7.78 40.01 18.44
N GLY F 108 8.69 39.55 19.30
CA GLY F 108 9.59 40.38 20.10
C GLY F 108 10.68 41.04 19.25
N ALA F 109 11.71 41.56 19.91
CA ALA F 109 12.71 42.38 19.22
C ALA F 109 14.05 42.33 19.95
N VAL F 110 15.12 42.77 19.27
CA VAL F 110 16.46 42.62 19.83
C VAL F 110 16.85 43.92 20.54
N GLU F 111 16.86 43.90 21.87
CA GLU F 111 17.15 45.08 22.67
C GLU F 111 18.61 45.10 23.14
N TYR F 112 19.35 46.15 22.79
CA TYR F 112 20.73 46.28 23.22
C TYR F 112 20.77 47.11 24.50
N ASP F 113 21.80 46.93 25.33
CA ASP F 113 21.97 47.69 26.56
C ASP F 113 22.68 49.03 26.31
N TYR F 114 23.49 49.10 25.25
CA TYR F 114 24.29 50.27 24.91
C TYR F 114 24.56 50.22 23.41
N TRP F 115 24.78 51.39 22.78
CA TRP F 115 25.13 51.46 21.36
C TRP F 115 25.76 52.81 21.06
N GLY F 116 26.85 52.80 20.27
CA GLY F 116 27.58 54.03 19.97
C GLY F 116 26.82 54.92 18.98
N GLN F 117 27.49 56.01 18.57
CA GLN F 117 26.89 57.02 17.71
C GLN F 117 26.71 56.51 16.29
N GLY F 118 27.56 55.54 15.88
CA GLY F 118 27.45 54.89 14.57
C GLY F 118 28.52 55.41 13.61
N THR F 119 28.71 54.69 12.49
CA THR F 119 29.71 55.00 11.48
C THR F 119 29.08 54.71 10.12
N GLN F 120 29.29 55.62 9.15
CA GLN F 120 28.65 55.53 7.85
C GLN F 120 29.45 54.62 6.94
N VAL F 121 28.74 53.88 6.10
CA VAL F 121 29.33 53.07 5.05
C VAL F 121 28.49 53.26 3.80
N THR F 122 29.07 53.87 2.76
CA THR F 122 28.40 53.98 1.47
C THR F 122 29.11 53.02 0.50
N VAL F 123 28.43 52.53 -0.54
CA VAL F 123 28.96 51.53 -1.46
C VAL F 123 28.40 51.81 -2.85
N SER F 124 29.26 52.13 -3.84
CA SER F 124 28.82 52.68 -5.12
C SER F 124 29.00 51.68 -6.25
N SER F 125 28.08 51.69 -7.23
CA SER F 125 28.18 50.80 -8.38
C SER F 125 29.40 51.16 -9.24
N SER G 9 -40.90 -28.17 -44.50
CA SER G 9 -39.59 -27.56 -44.87
C SER G 9 -39.54 -26.11 -44.39
N TYR G 10 -40.45 -25.26 -44.92
CA TYR G 10 -40.34 -23.80 -44.79
C TYR G 10 -40.66 -23.42 -43.35
N VAL G 11 -39.75 -22.66 -42.71
CA VAL G 11 -40.00 -22.11 -41.39
C VAL G 11 -40.14 -20.60 -41.52
N TYR G 12 -40.74 -19.95 -40.49
CA TYR G 12 -41.00 -18.53 -40.53
C TYR G 12 -39.72 -17.75 -40.78
N ASN G 13 -39.72 -16.98 -41.87
CA ASN G 13 -38.70 -15.95 -42.15
C ASN G 13 -39.45 -14.68 -42.58
N TRP G 14 -38.83 -13.49 -42.40
CA TRP G 14 -39.51 -12.22 -42.68
C TRP G 14 -39.71 -12.01 -44.18
N GLU G 15 -38.82 -12.58 -45.00
CA GLU G 15 -38.99 -12.47 -46.44
C GLU G 15 -40.28 -13.19 -46.85
N LEU G 16 -40.50 -14.35 -46.22
CA LEU G 16 -41.63 -15.19 -46.55
C LEU G 16 -42.91 -14.57 -45.98
N GLY G 17 -42.79 -14.00 -44.78
CA GLY G 17 -43.92 -13.35 -44.10
C GLY G 17 -44.56 -12.30 -44.99
N GLN G 18 -43.72 -11.42 -45.54
CA GLN G 18 -44.19 -10.36 -46.40
C GLN G 18 -44.79 -10.94 -47.67
N LYS G 19 -44.12 -11.92 -48.25
CA LYS G 19 -44.58 -12.49 -49.50
C LYS G 19 -45.93 -13.15 -49.29
N SER G 20 -46.12 -13.73 -48.10
CA SER G 20 -47.38 -14.37 -47.74
C SER G 20 -48.51 -13.35 -47.71
N LEU G 21 -48.21 -12.16 -47.18
CA LEU G 21 -49.19 -11.13 -46.90
C LEU G 21 -49.63 -10.45 -48.20
N ILE G 22 -48.68 -10.18 -49.09
CA ILE G 22 -48.98 -9.49 -50.34
C ILE G 22 -50.05 -10.26 -51.11
N LYS G 23 -50.05 -11.58 -50.99
CA LYS G 23 -51.01 -12.41 -51.71
C LYS G 23 -52.43 -12.16 -51.19
N MET G 24 -52.54 -11.69 -49.93
CA MET G 24 -53.81 -11.54 -49.27
C MET G 24 -54.28 -10.08 -49.25
N LEU G 25 -53.51 -9.17 -49.88
CA LEU G 25 -53.74 -7.75 -49.72
C LEU G 25 -54.64 -7.26 -50.85
N ASP G 26 -55.61 -6.40 -50.49
CA ASP G 26 -56.37 -5.67 -51.50
C ASP G 26 -56.99 -4.40 -50.92
N TYR G 27 -57.42 -3.50 -51.82
CA TYR G 27 -58.31 -2.39 -51.51
C TYR G 27 -59.69 -2.93 -51.13
N ALA G 28 -60.24 -2.39 -50.03
CA ALA G 28 -61.47 -2.88 -49.43
C ALA G 28 -62.62 -2.67 -50.40
N ASP G 29 -62.47 -1.67 -51.27
CA ASP G 29 -63.47 -1.38 -52.28
C ASP G 29 -63.85 -2.68 -53.01
N ASN G 30 -62.83 -3.39 -53.49
CA ASN G 30 -62.98 -4.44 -54.49
C ASN G 30 -63.19 -5.82 -53.88
N PHE G 31 -63.36 -5.92 -52.55
CA PHE G 31 -63.47 -7.22 -51.93
C PHE G 31 -64.94 -7.66 -51.75
N TYR G 32 -65.25 -8.81 -52.36
CA TYR G 32 -66.53 -9.50 -52.16
C TYR G 32 -66.33 -10.91 -51.62
N PHE G 33 -66.61 -11.14 -50.34
CA PHE G 33 -66.73 -12.48 -49.81
C PHE G 33 -68.10 -13.03 -50.14
N ASN G 34 -68.19 -14.31 -50.53
CA ASN G 34 -69.41 -14.89 -51.06
C ASN G 34 -69.83 -14.03 -52.26
N GLY G 35 -71.07 -13.54 -52.24
CA GLY G 35 -71.47 -12.49 -53.16
C GLY G 35 -71.53 -11.11 -52.51
N VAL G 36 -71.45 -11.07 -51.16
CA VAL G 36 -71.65 -9.85 -50.41
C VAL G 36 -70.41 -8.97 -50.56
N LYS G 37 -70.62 -7.71 -50.96
CA LYS G 37 -69.56 -6.71 -50.99
C LYS G 37 -69.18 -6.27 -49.58
N TYR G 38 -67.88 -6.03 -49.38
CA TYR G 38 -67.31 -5.68 -48.09
C TYR G 38 -68.14 -4.56 -47.45
N SER G 39 -68.28 -3.48 -48.21
CA SER G 39 -69.01 -2.28 -47.81
C SER G 39 -70.38 -2.62 -47.19
N ASP G 40 -70.99 -3.74 -47.60
CA ASP G 40 -72.35 -4.03 -47.16
C ASP G 40 -72.38 -5.09 -46.05
N TRP G 41 -71.33 -5.23 -45.25
CA TRP G 41 -71.42 -6.11 -44.11
C TRP G 41 -71.91 -5.30 -42.92
N LYS G 42 -72.68 -5.97 -42.04
CA LYS G 42 -73.08 -5.36 -40.77
C LYS G 42 -72.08 -5.84 -39.72
N LEU G 43 -71.11 -4.98 -39.41
CA LEU G 43 -70.07 -5.31 -38.43
C LEU G 43 -70.57 -4.94 -37.03
N THR G 44 -70.56 -5.93 -36.13
CA THR G 44 -70.93 -5.73 -34.74
C THR G 44 -69.64 -5.64 -33.93
N SER G 45 -69.59 -4.67 -32.99
CA SER G 45 -68.43 -4.46 -32.14
C SER G 45 -68.21 -5.65 -31.20
N MET G 46 -66.96 -5.89 -30.81
CA MET G 46 -66.60 -6.98 -29.91
C MET G 46 -66.20 -6.43 -28.52
N LEU G 56 -56.84 3.46 -25.31
CA LEU G 56 -56.81 2.09 -24.76
C LEU G 56 -56.23 1.17 -25.85
N LYS G 57 -57.10 0.32 -26.43
CA LYS G 57 -56.80 -0.40 -27.67
C LYS G 57 -56.78 0.61 -28.82
N ASP G 58 -55.63 0.73 -29.48
CA ASP G 58 -55.50 1.53 -30.69
C ASP G 58 -56.16 0.83 -31.88
N HIS G 59 -56.63 -0.40 -31.67
CA HIS G 59 -57.28 -1.16 -32.72
C HIS G 59 -58.70 -1.49 -32.25
N LYS G 60 -59.56 -1.74 -33.24
CA LYS G 60 -60.94 -2.13 -33.02
C LYS G 60 -61.20 -3.49 -33.66
N THR G 61 -61.85 -4.38 -32.90
CA THR G 61 -62.31 -5.65 -33.42
C THR G 61 -63.84 -5.63 -33.57
N TYR G 62 -64.33 -6.40 -34.57
CA TYR G 62 -65.74 -6.58 -34.83
C TYR G 62 -66.01 -7.99 -35.33
N LYS G 63 -67.22 -8.51 -35.03
CA LYS G 63 -67.78 -9.70 -35.67
C LYS G 63 -68.66 -9.30 -36.86
N SER G 64 -68.97 -10.26 -37.74
CA SER G 64 -69.88 -10.04 -38.86
C SER G 64 -70.32 -11.37 -39.45
N ILE G 65 -71.44 -11.38 -40.18
CA ILE G 65 -72.10 -12.61 -40.63
C ILE G 65 -72.57 -12.42 -42.06
N ILE G 66 -71.88 -13.10 -42.99
CA ILE G 66 -72.17 -12.93 -44.39
C ILE G 66 -73.17 -14.00 -44.80
N ASN G 67 -74.26 -13.50 -45.37
CA ASN G 67 -75.37 -14.34 -45.83
C ASN G 67 -75.38 -14.32 -47.37
N SER G 68 -75.01 -15.46 -47.98
CA SER G 68 -74.75 -15.52 -49.42
C SER G 68 -76.05 -15.44 -50.22
N LYS G 75 -74.32 -21.00 -47.12
CA LYS G 75 -73.05 -20.28 -46.81
C LYS G 75 -73.27 -19.10 -45.84
N LYS G 76 -73.66 -19.42 -44.61
CA LYS G 76 -73.86 -18.43 -43.55
C LYS G 76 -72.57 -18.36 -42.72
N VAL G 77 -71.68 -17.44 -43.09
CA VAL G 77 -70.30 -17.48 -42.60
C VAL G 77 -70.03 -16.30 -41.67
N LYS G 78 -69.48 -16.60 -40.48
CA LYS G 78 -69.20 -15.63 -39.44
C LYS G 78 -67.71 -15.27 -39.41
N LEU G 79 -67.40 -13.98 -39.66
CA LEU G 79 -66.03 -13.52 -39.76
C LEU G 79 -65.63 -12.71 -38.53
N PHE G 80 -64.32 -12.45 -38.40
CA PHE G 80 -63.72 -11.64 -37.35
C PHE G 80 -62.88 -10.56 -38.03
N ILE G 81 -62.98 -9.32 -37.53
CA ILE G 81 -62.39 -8.18 -38.21
C ILE G 81 -61.55 -7.39 -37.20
N LYS G 82 -60.25 -7.28 -37.46
CA LYS G 82 -59.40 -6.37 -36.72
C LYS G 82 -59.11 -5.18 -37.61
N LYS G 83 -59.21 -3.96 -37.06
CA LYS G 83 -58.98 -2.74 -37.83
C LYS G 83 -57.91 -1.90 -37.15
N ILE G 84 -56.95 -1.44 -37.97
CA ILE G 84 -55.74 -0.80 -37.48
C ILE G 84 -55.57 0.51 -38.23
N PRO G 85 -55.45 1.66 -37.52
CA PRO G 85 -55.16 2.93 -38.16
C PRO G 85 -53.87 2.90 -38.97
N ILE G 86 -53.92 3.43 -40.20
CA ILE G 86 -52.76 3.39 -41.06
C ILE G 86 -51.64 4.24 -40.46
N ASP G 87 -51.97 5.19 -39.59
CA ASP G 87 -50.90 5.96 -38.96
C ASP G 87 -50.03 5.01 -38.17
N ILE G 88 -50.67 4.12 -37.39
CA ILE G 88 -49.94 3.15 -36.58
C ILE G 88 -49.28 2.14 -37.49
N TRP G 89 -50.00 1.71 -38.54
CA TRP G 89 -49.41 0.78 -39.49
C TRP G 89 -48.12 1.36 -40.05
N VAL G 90 -48.21 2.53 -40.70
CA VAL G 90 -47.09 3.04 -41.46
C VAL G 90 -45.84 3.09 -40.57
N GLU G 91 -46.00 3.55 -39.33
CA GLU G 91 -44.87 3.69 -38.43
C GLU G 91 -44.25 2.32 -38.16
N GLN G 92 -45.12 1.33 -37.93
CA GLN G 92 -44.69 0.02 -37.47
C GLN G 92 -43.99 -0.70 -38.61
N PHE G 93 -44.35 -0.37 -39.85
CA PHE G 93 -43.79 -1.05 -41.00
C PHE G 93 -42.39 -0.52 -41.27
N ASN G 94 -42.21 0.79 -41.20
CA ASN G 94 -40.90 1.40 -41.35
C ASN G 94 -39.91 0.78 -40.37
N LEU G 95 -40.38 0.51 -39.14
CA LEU G 95 -39.49 0.01 -38.10
C LEU G 95 -39.16 -1.47 -38.36
N MET G 96 -40.19 -2.26 -38.65
CA MET G 96 -40.00 -3.66 -38.95
C MET G 96 -39.09 -3.81 -40.17
N LYS G 97 -39.15 -2.85 -41.09
CA LYS G 97 -38.26 -2.92 -42.25
C LYS G 97 -36.82 -2.59 -41.84
N LYS G 98 -36.65 -1.57 -41.00
CA LYS G 98 -35.35 -1.20 -40.48
C LYS G 98 -34.72 -2.39 -39.77
N TYR G 99 -35.50 -3.14 -38.99
CA TYR G 99 -35.00 -4.21 -38.15
C TYR G 99 -35.21 -5.60 -38.79
N GLU G 100 -35.54 -5.60 -40.08
CA GLU G 100 -35.80 -6.83 -40.82
C GLU G 100 -36.66 -7.78 -39.98
N GLY G 101 -37.79 -7.27 -39.47
CA GLY G 101 -38.78 -8.10 -38.82
C GLY G 101 -38.53 -8.24 -37.31
N GLU G 102 -37.43 -7.67 -36.82
CA GLU G 102 -37.04 -7.89 -35.44
C GLU G 102 -37.33 -6.64 -34.61
N TYR G 103 -38.46 -5.98 -34.84
CA TYR G 103 -38.87 -4.81 -34.07
C TYR G 103 -39.68 -5.26 -32.88
N LEU G 104 -39.44 -4.67 -31.70
CA LEU G 104 -40.12 -5.11 -30.48
C LEU G 104 -40.71 -3.93 -29.70
N ILE G 105 -41.95 -4.13 -29.22
CA ILE G 105 -42.66 -3.17 -28.39
C ILE G 105 -43.48 -3.93 -27.36
N ASP G 106 -43.82 -3.22 -26.28
CA ASP G 106 -44.59 -3.82 -25.21
C ASP G 106 -46.03 -3.99 -25.67
N LYS G 107 -46.50 -3.05 -26.51
CA LYS G 107 -47.88 -2.98 -27.00
C LYS G 107 -48.02 -3.89 -28.21
N GLU G 108 -49.02 -3.64 -29.05
CA GLU G 108 -49.34 -4.50 -30.17
C GLU G 108 -48.46 -4.16 -31.37
N ASN G 109 -47.77 -5.20 -31.89
CA ASN G 109 -47.10 -5.11 -33.17
C ASN G 109 -48.06 -5.66 -34.23
N TYR G 110 -48.59 -4.76 -35.06
CA TYR G 110 -49.65 -5.13 -35.99
C TYR G 110 -49.04 -5.70 -37.27
N VAL G 111 -47.87 -5.17 -37.66
CA VAL G 111 -47.18 -5.64 -38.84
C VAL G 111 -46.80 -7.10 -38.68
N MET G 112 -46.29 -7.47 -37.49
CA MET G 112 -45.97 -8.84 -37.16
C MET G 112 -47.23 -9.70 -37.26
N GLU G 113 -48.22 -9.43 -36.41
CA GLU G 113 -49.46 -10.19 -36.42
C GLU G 113 -49.92 -10.43 -37.85
N ALA G 114 -49.90 -9.40 -38.70
CA ALA G 114 -50.35 -9.60 -40.07
C ALA G 114 -49.55 -10.72 -40.75
N VAL G 115 -48.21 -10.61 -40.76
CA VAL G 115 -47.36 -11.56 -41.47
C VAL G 115 -47.43 -12.93 -40.79
N SER G 116 -47.29 -12.97 -39.46
CA SER G 116 -47.48 -14.20 -38.73
C SER G 116 -48.72 -14.94 -39.22
N LEU G 117 -49.85 -14.24 -39.34
CA LEU G 117 -51.11 -14.88 -39.67
C LEU G 117 -51.13 -15.29 -41.13
N ALA G 118 -50.56 -14.46 -42.01
CA ALA G 118 -50.60 -14.74 -43.43
C ALA G 118 -49.80 -16.00 -43.72
N PHE G 119 -48.63 -16.10 -43.07
CA PHE G 119 -47.69 -17.20 -43.22
C PHE G 119 -48.34 -18.47 -42.72
N LEU G 120 -48.71 -18.49 -41.43
CA LEU G 120 -49.31 -19.65 -40.81
C LEU G 120 -50.46 -20.18 -41.67
N ASN G 121 -51.19 -19.28 -42.34
CA ASN G 121 -52.36 -19.68 -43.10
C ASN G 121 -51.92 -20.42 -44.36
N GLU G 122 -50.93 -19.85 -45.06
CA GLU G 122 -50.47 -20.40 -46.33
C GLU G 122 -49.72 -21.73 -46.16
N TYR G 123 -48.94 -21.86 -45.07
CA TYR G 123 -48.01 -22.96 -44.93
C TYR G 123 -48.33 -23.87 -43.74
N TYR G 124 -49.17 -23.43 -42.79
CA TYR G 124 -49.46 -24.26 -41.63
C TYR G 124 -50.89 -24.08 -41.16
N PRO G 125 -51.92 -24.36 -42.00
CA PRO G 125 -53.30 -24.42 -41.54
C PRO G 125 -53.44 -25.11 -40.20
N GLY G 126 -54.34 -24.59 -39.35
CA GLY G 126 -54.88 -25.35 -38.23
C GLY G 126 -54.31 -24.91 -36.89
N ILE G 127 -53.51 -23.84 -36.89
CA ILE G 127 -53.01 -23.23 -35.66
C ILE G 127 -53.85 -21.97 -35.37
N THR G 128 -53.93 -21.09 -36.36
CA THR G 128 -54.77 -19.90 -36.26
C THR G 128 -56.07 -20.18 -37.01
N PRO G 129 -57.17 -19.49 -36.65
CA PRO G 129 -58.35 -19.49 -37.50
C PRO G 129 -57.97 -19.07 -38.91
N LYS G 130 -58.74 -19.54 -39.90
CA LYS G 130 -58.44 -19.30 -41.30
C LYS G 130 -58.29 -17.79 -41.52
N PHE G 131 -57.35 -17.38 -42.36
CA PHE G 131 -57.13 -15.96 -42.65
C PHE G 131 -57.57 -15.74 -44.10
N TYR G 132 -58.35 -14.67 -44.34
CA TYR G 132 -59.03 -14.49 -45.61
C TYR G 132 -58.50 -13.30 -46.40
N LYS G 133 -58.16 -12.18 -45.73
CA LYS G 133 -57.70 -11.01 -46.47
C LYS G 133 -57.12 -9.94 -45.54
N ILE G 134 -56.18 -9.16 -46.07
CA ILE G 134 -55.80 -7.89 -45.48
C ILE G 134 -56.22 -6.78 -46.44
N LEU G 135 -56.85 -5.71 -45.91
CA LEU G 135 -57.48 -4.69 -46.74
C LEU G 135 -57.10 -3.29 -46.30
N TYR G 136 -56.85 -2.42 -47.28
CA TYR G 136 -56.79 -0.97 -47.09
C TYR G 136 -58.19 -0.39 -47.26
N GLU G 137 -58.58 0.48 -46.33
CA GLU G 137 -59.90 1.10 -46.32
C GLU G 137 -59.74 2.58 -46.03
N SER G 138 -60.54 3.40 -46.72
CA SER G 138 -60.52 4.85 -46.55
C SER G 138 -61.44 5.24 -45.37
N PHE G 153 -50.83 -3.64 -55.62
CA PHE G 153 -49.65 -3.35 -54.75
C PHE G 153 -48.66 -4.51 -54.90
N GLN G 154 -47.43 -4.18 -55.32
CA GLN G 154 -46.40 -5.16 -55.61
C GLN G 154 -45.75 -5.65 -54.32
N ASP G 155 -45.37 -4.72 -53.44
CA ASP G 155 -44.80 -5.05 -52.14
C ASP G 155 -45.40 -4.13 -51.08
N LEU G 156 -45.17 -4.50 -49.82
CA LEU G 156 -45.57 -3.73 -48.66
C LEU G 156 -44.95 -2.32 -48.65
N ASN G 157 -43.89 -2.08 -49.43
CA ASN G 157 -43.34 -0.74 -49.55
C ASN G 157 -44.23 0.12 -50.44
N GLU G 158 -44.69 -0.46 -51.55
CA GLU G 158 -45.61 0.23 -52.46
C GLU G 158 -46.85 0.68 -51.68
N LEU G 159 -47.32 -0.20 -50.79
CA LEU G 159 -48.41 0.12 -49.89
C LEU G 159 -48.03 1.35 -49.07
N ASN G 160 -46.96 1.22 -48.27
CA ASN G 160 -46.56 2.30 -47.38
C ASN G 160 -46.41 3.62 -48.14
N ASP G 161 -45.84 3.56 -49.35
CA ASP G 161 -45.72 4.76 -50.15
C ASP G 161 -47.08 5.45 -50.24
N ILE G 162 -48.10 4.68 -50.64
CA ILE G 162 -49.42 5.25 -50.81
C ILE G 162 -49.93 5.78 -49.47
N LEU G 163 -50.00 4.90 -48.46
CA LEU G 163 -50.47 5.27 -47.13
C LEU G 163 -49.83 6.56 -46.63
N THR G 164 -48.54 6.75 -46.93
CA THR G 164 -47.82 7.92 -46.48
C THR G 164 -48.30 9.17 -47.23
N LYS G 165 -48.54 9.02 -48.54
CA LYS G 165 -49.07 10.12 -49.34
C LYS G 165 -50.46 10.50 -48.85
N LYS G 166 -51.27 9.48 -48.44
CA LYS G 166 -52.62 9.70 -47.94
C LYS G 166 -52.59 10.40 -46.59
N LEU G 167 -51.65 9.99 -45.70
CA LEU G 167 -51.55 10.59 -44.38
C LEU G 167 -51.10 12.05 -44.47
N GLU G 168 -50.26 12.35 -45.48
CA GLU G 168 -49.72 13.68 -45.70
C GLU G 168 -50.86 14.62 -46.13
N ASN G 169 -52.01 14.06 -46.53
CA ASN G 169 -53.17 14.84 -46.96
C ASN G 169 -54.33 14.70 -45.98
N ASN G 170 -54.01 14.34 -44.72
CA ASN G 170 -54.98 14.05 -43.68
C ASN G 170 -56.14 13.23 -44.24
N ILE G 171 -55.83 12.04 -44.77
CA ILE G 171 -56.82 11.09 -45.24
C ILE G 171 -56.58 9.78 -44.49
N ASN G 172 -57.22 9.66 -43.32
CA ASN G 172 -57.04 8.51 -42.46
C ASN G 172 -57.79 7.33 -43.06
N GLY G 173 -57.63 6.17 -42.41
CA GLY G 173 -58.12 4.91 -42.95
C GLY G 173 -57.66 3.79 -42.03
N ASN G 174 -57.93 2.55 -42.46
CA ASN G 174 -57.56 1.42 -41.63
C ASN G 174 -56.97 0.31 -42.49
N ILE G 175 -56.23 -0.56 -41.81
CA ILE G 175 -55.81 -1.84 -42.34
C ILE G 175 -56.68 -2.86 -41.64
N VAL G 176 -57.33 -3.72 -42.44
CA VAL G 176 -58.33 -4.65 -41.94
C VAL G 176 -57.82 -6.07 -42.11
N LEU G 177 -57.81 -6.83 -41.01
CA LEU G 177 -57.42 -8.23 -41.02
C LEU G 177 -58.67 -9.10 -40.85
N ILE G 178 -58.98 -9.91 -41.87
CA ILE G 178 -60.25 -10.64 -41.88
C ILE G 178 -60.00 -12.14 -41.73
N SER G 179 -60.47 -12.70 -40.62
CA SER G 179 -60.28 -14.10 -40.31
C SER G 179 -61.61 -14.81 -40.09
N GLU G 180 -61.57 -16.14 -40.15
CA GLU G 180 -62.66 -16.99 -39.70
C GLU G 180 -62.92 -16.67 -38.22
N PHE G 181 -64.20 -16.69 -37.84
CA PHE G 181 -64.51 -16.67 -36.41
C PHE G 181 -64.59 -18.11 -35.96
N PHE G 182 -63.77 -18.47 -34.96
CA PHE G 182 -63.63 -19.85 -34.56
C PHE G 182 -64.09 -20.00 -33.10
N GLY G 183 -65.18 -20.75 -32.89
CA GLY G 183 -65.55 -21.16 -31.54
C GLY G 183 -65.74 -20.00 -30.56
N GLU G 184 -65.14 -20.16 -29.38
CA GLU G 184 -65.21 -19.26 -28.25
C GLU G 184 -64.00 -19.50 -27.35
N ASN G 185 -63.46 -18.45 -26.72
CA ASN G 185 -62.23 -18.64 -25.94
C ASN G 185 -62.47 -19.54 -24.74
N VAL G 186 -61.39 -19.91 -24.07
CA VAL G 186 -61.41 -20.88 -22.99
C VAL G 186 -62.14 -20.26 -21.80
N PHE G 187 -61.91 -18.97 -21.56
CA PHE G 187 -62.54 -18.22 -20.50
C PHE G 187 -64.05 -18.40 -20.63
N ASP G 188 -64.56 -18.10 -21.83
CA ASP G 188 -65.98 -18.19 -22.13
C ASP G 188 -66.46 -19.62 -21.92
N TYR G 189 -65.72 -20.58 -22.50
CA TYR G 189 -66.07 -21.99 -22.51
C TYR G 189 -66.35 -22.44 -21.08
N ILE G 190 -65.43 -22.08 -20.17
CA ILE G 190 -65.56 -22.52 -18.79
C ILE G 190 -66.80 -21.91 -18.15
N LYS G 191 -66.96 -20.58 -18.29
CA LYS G 191 -68.12 -19.89 -17.73
C LYS G 191 -69.41 -20.58 -18.18
N ARG G 192 -69.58 -20.72 -19.51
CA ARG G 192 -70.76 -21.33 -20.11
C ARG G 192 -71.05 -22.69 -19.47
N LYS G 193 -70.08 -23.60 -19.48
CA LYS G 193 -70.32 -24.97 -19.05
C LYS G 193 -70.70 -24.98 -17.57
N LYS G 194 -69.97 -24.18 -16.77
CA LYS G 194 -69.99 -24.27 -15.32
C LYS G 194 -71.09 -23.37 -14.75
N ASN G 195 -72.32 -23.55 -15.25
CA ASN G 195 -73.45 -22.65 -15.02
C ASN G 195 -73.14 -21.30 -15.69
N SER G 201 -69.42 -27.60 -9.42
CA SER G 201 -68.03 -28.04 -9.65
C SER G 201 -67.37 -27.13 -10.69
N ASP G 202 -66.03 -27.13 -10.73
CA ASP G 202 -65.33 -26.60 -11.91
C ASP G 202 -65.50 -27.61 -13.05
N ILE G 203 -64.86 -27.34 -14.18
CA ILE G 203 -64.75 -28.30 -15.25
C ILE G 203 -64.04 -29.57 -14.76
N SER G 204 -64.49 -30.72 -15.28
CA SER G 204 -63.96 -32.03 -14.94
C SER G 204 -62.47 -32.10 -15.26
N ASN G 205 -61.72 -32.79 -14.40
CA ASN G 205 -60.30 -33.01 -14.65
C ASN G 205 -60.12 -33.61 -16.03
N GLU G 206 -61.03 -34.50 -16.42
CA GLU G 206 -61.03 -35.10 -17.73
C GLU G 206 -60.97 -34.01 -18.80
N ASP G 207 -61.87 -33.02 -18.68
CA ASP G 207 -61.99 -31.94 -19.65
C ASP G 207 -60.74 -31.06 -19.65
N LYS G 208 -60.33 -30.66 -18.44
CA LYS G 208 -59.16 -29.81 -18.26
C LYS G 208 -58.01 -30.35 -19.12
N LYS G 209 -57.79 -31.68 -18.99
CA LYS G 209 -56.66 -32.38 -19.57
C LYS G 209 -56.67 -32.31 -21.09
N LYS G 210 -57.86 -32.49 -21.71
CA LYS G 210 -58.02 -32.37 -23.15
C LYS G 210 -57.64 -30.97 -23.64
N ILE G 211 -57.89 -29.93 -22.82
CA ILE G 211 -57.62 -28.56 -23.21
C ILE G 211 -56.13 -28.29 -23.08
N LEU G 212 -55.56 -28.64 -21.92
CA LEU G 212 -54.15 -28.47 -21.64
C LEU G 212 -53.30 -29.19 -22.70
N TYR G 213 -53.79 -30.34 -23.16
CA TYR G 213 -53.08 -31.14 -24.15
C TYR G 213 -53.08 -30.43 -25.50
N ASN G 214 -54.26 -30.10 -26.03
CA ASN G 214 -54.38 -29.43 -27.33
C ASN G 214 -53.64 -28.09 -27.35
N SER G 215 -53.50 -27.45 -26.18
CA SER G 215 -52.80 -26.18 -26.12
C SER G 215 -51.31 -26.37 -26.36
N LEU G 216 -50.73 -27.38 -25.66
CA LEU G 216 -49.34 -27.77 -25.81
C LEU G 216 -49.07 -28.19 -27.26
N ASN G 217 -50.05 -28.87 -27.88
CA ASN G 217 -49.92 -29.25 -29.27
C ASN G 217 -49.72 -28.01 -30.14
N LEU G 218 -50.52 -26.96 -29.88
CA LEU G 218 -50.57 -25.75 -30.68
C LEU G 218 -49.25 -25.01 -30.60
N LEU G 219 -48.78 -24.81 -29.36
CA LEU G 219 -47.51 -24.16 -29.14
C LEU G 219 -46.39 -24.90 -29.88
N MET G 220 -46.37 -26.23 -29.68
CA MET G 220 -45.42 -27.09 -30.37
C MET G 220 -45.48 -26.79 -31.87
N ARG G 221 -46.66 -26.93 -32.49
CA ARG G 221 -46.74 -26.74 -33.92
C ARG G 221 -46.38 -25.30 -34.30
N LEU G 222 -46.74 -24.34 -33.44
CA LEU G 222 -46.41 -22.94 -33.71
C LEU G 222 -44.89 -22.74 -33.75
N HIS G 223 -44.24 -23.16 -32.65
CA HIS G 223 -42.78 -23.09 -32.55
C HIS G 223 -42.13 -23.75 -33.77
N ASN G 224 -42.64 -24.92 -34.17
CA ASN G 224 -42.13 -25.64 -35.32
C ASN G 224 -42.22 -24.81 -36.60
N ALA G 225 -43.32 -24.04 -36.74
CA ALA G 225 -43.56 -23.24 -37.94
C ALA G 225 -42.55 -22.09 -38.02
N GLY G 226 -42.00 -21.74 -36.85
CA GLY G 226 -40.94 -20.75 -36.72
C GLY G 226 -41.37 -19.44 -36.05
N LEU G 227 -42.36 -19.49 -35.13
CA LEU G 227 -42.90 -18.30 -34.50
C LEU G 227 -43.17 -18.55 -33.02
N THR G 228 -43.07 -17.49 -32.23
CA THR G 228 -43.48 -17.47 -30.84
C THR G 228 -44.89 -16.86 -30.72
N HIS G 229 -45.44 -16.90 -29.51
CA HIS G 229 -46.73 -16.30 -29.22
C HIS G 229 -46.51 -15.15 -28.24
N LEU G 230 -46.09 -15.50 -27.01
CA LEU G 230 -45.75 -14.55 -25.97
C LEU G 230 -46.98 -13.77 -25.49
N ASP G 231 -48.16 -14.40 -25.62
CA ASP G 231 -49.39 -13.82 -25.10
C ASP G 231 -50.38 -14.93 -24.78
N LEU G 232 -49.90 -15.98 -24.11
CA LEU G 232 -50.75 -17.10 -23.77
C LEU G 232 -51.59 -16.75 -22.55
N SER G 233 -52.88 -17.07 -22.66
CA SER G 233 -53.87 -16.75 -21.67
C SER G 233 -55.22 -17.26 -22.18
N PRO G 234 -56.23 -17.49 -21.30
CA PRO G 234 -57.43 -18.19 -21.69
C PRO G 234 -58.19 -17.46 -22.79
N ASP G 235 -57.96 -16.15 -22.88
CA ASP G 235 -58.66 -15.28 -23.83
C ASP G 235 -58.09 -15.41 -25.24
N ASN G 236 -56.86 -15.95 -25.35
CA ASN G 236 -56.18 -16.01 -26.63
C ASN G 236 -56.14 -17.44 -27.16
N MET G 237 -56.86 -18.35 -26.50
CA MET G 237 -57.00 -19.71 -26.99
C MET G 237 -58.48 -19.97 -27.22
N LEU G 238 -58.83 -20.34 -28.47
CA LEU G 238 -60.19 -20.61 -28.86
C LEU G 238 -60.45 -22.12 -28.87
N ILE G 239 -61.71 -22.52 -28.69
CA ILE G 239 -62.13 -23.92 -28.64
C ILE G 239 -63.45 -24.10 -29.38
N SER G 240 -63.64 -25.28 -29.99
CA SER G 240 -64.81 -25.57 -30.79
C SER G 240 -65.72 -26.48 -30.00
N PRO G 241 -67.03 -26.52 -30.35
CA PRO G 241 -67.91 -27.60 -29.93
C PRO G 241 -67.42 -28.96 -30.41
N LYS G 242 -66.84 -28.99 -31.62
CA LYS G 242 -66.39 -30.18 -32.31
C LYS G 242 -65.10 -30.73 -31.67
N ASN G 243 -65.28 -31.63 -30.71
CA ASN G 243 -64.22 -32.48 -30.20
C ASN G 243 -63.03 -31.65 -29.68
N TYR G 244 -63.33 -30.62 -28.88
CA TYR G 244 -62.32 -29.86 -28.16
C TYR G 244 -61.22 -29.36 -29.09
N GLU G 245 -61.55 -29.03 -30.34
CA GLU G 245 -60.56 -28.63 -31.33
C GLU G 245 -60.22 -27.15 -31.17
N MET G 246 -58.93 -26.86 -30.99
CA MET G 246 -58.51 -25.56 -30.52
C MET G 246 -57.72 -24.80 -31.59
N ARG G 247 -57.50 -23.51 -31.29
CA ARG G 247 -56.73 -22.62 -32.13
C ARG G 247 -56.08 -21.59 -31.21
N LEU G 248 -55.04 -20.95 -31.72
CA LEU G 248 -54.46 -19.83 -31.05
C LEU G 248 -54.99 -18.55 -31.73
N CYS G 249 -54.91 -17.46 -30.97
CA CYS G 249 -55.49 -16.18 -31.32
C CYS G 249 -54.53 -15.08 -30.88
N ASP G 250 -54.52 -13.96 -31.64
CA ASP G 250 -53.78 -12.76 -31.32
C ASP G 250 -52.54 -12.74 -32.24
N LEU G 251 -51.35 -13.01 -31.68
CA LEU G 251 -50.10 -12.94 -32.43
C LEU G 251 -49.67 -11.48 -32.58
N SER G 252 -49.92 -10.68 -31.54
CA SER G 252 -49.58 -9.27 -31.54
C SER G 252 -48.27 -9.05 -30.77
N GLN G 253 -47.93 -10.04 -29.94
CA GLN G 253 -46.70 -9.99 -29.15
C GLN G 253 -45.71 -10.98 -29.73
N SER G 254 -46.01 -11.49 -30.94
CA SER G 254 -45.23 -12.55 -31.55
C SER G 254 -43.87 -12.04 -32.02
N THR G 255 -42.89 -12.96 -32.00
CA THR G 255 -41.56 -12.75 -32.56
C THR G 255 -41.26 -13.93 -33.48
N PRO G 256 -40.24 -13.81 -34.36
CA PRO G 256 -39.64 -15.00 -34.96
C PRO G 256 -38.96 -15.80 -33.87
N ILE G 257 -38.75 -17.08 -34.10
CA ILE G 257 -38.12 -17.94 -33.10
C ILE G 257 -36.65 -18.14 -33.46
N TYR G 258 -36.30 -17.87 -34.74
CA TYR G 258 -34.94 -17.98 -35.24
C TYR G 258 -34.48 -16.64 -35.79
N THR G 259 -33.17 -16.35 -35.67
CA THR G 259 -32.56 -15.13 -36.19
C THR G 259 -31.18 -15.43 -36.77
N ASN G 260 -30.75 -14.59 -37.73
CA ASN G 260 -29.40 -14.70 -38.29
C ASN G 260 -28.63 -13.42 -37.96
N LYS G 261 -29.05 -12.74 -36.87
CA LYS G 261 -28.38 -11.57 -36.36
C LYS G 261 -28.14 -11.72 -34.86
N LEU G 262 -26.95 -11.29 -34.42
CA LEU G 262 -26.58 -11.42 -33.02
C LEU G 262 -27.15 -10.21 -32.26
N ARG G 263 -28.00 -10.51 -31.26
CA ARG G 263 -28.83 -9.50 -30.62
C ARG G 263 -29.56 -8.77 -31.74
N HIS G 264 -29.16 -7.53 -32.06
CA HIS G 264 -29.82 -6.86 -33.17
C HIS G 264 -28.83 -6.18 -34.09
N LYS G 265 -27.57 -6.65 -34.07
CA LYS G 265 -26.54 -5.96 -34.82
C LYS G 265 -25.99 -6.97 -35.84
N GLU G 266 -25.05 -7.81 -35.41
CA GLU G 266 -24.11 -8.39 -36.37
C GLU G 266 -24.70 -9.61 -37.09
N LYS G 267 -24.41 -9.70 -38.40
CA LYS G 267 -24.94 -10.77 -39.25
C LYS G 267 -24.12 -12.05 -39.10
N LEU G 268 -24.80 -13.12 -38.70
CA LEU G 268 -24.24 -14.44 -38.43
C LEU G 268 -24.33 -15.31 -39.69
N ASN G 269 -23.56 -16.41 -39.69
CA ASN G 269 -23.40 -17.22 -40.91
C ASN G 269 -24.47 -18.29 -40.99
N SER G 270 -24.98 -18.66 -39.81
CA SER G 270 -26.18 -19.51 -39.79
C SER G 270 -27.08 -19.10 -38.63
N ILE G 271 -28.32 -19.57 -38.74
CA ILE G 271 -29.43 -19.25 -37.85
C ILE G 271 -29.05 -19.56 -36.40
N LYS G 272 -29.72 -18.89 -35.44
CA LYS G 272 -29.68 -19.25 -34.03
C LYS G 272 -30.99 -18.88 -33.37
N PRO G 273 -31.28 -19.29 -32.09
CA PRO G 273 -32.50 -18.87 -31.41
C PRO G 273 -32.59 -17.36 -31.22
N PHE G 274 -33.81 -16.83 -31.14
CA PHE G 274 -34.03 -15.39 -31.13
C PHE G 274 -34.12 -14.87 -29.69
N GLU G 275 -33.44 -13.75 -29.45
CA GLU G 275 -33.47 -13.15 -28.13
C GLU G 275 -34.15 -11.78 -28.22
N SER G 276 -34.99 -11.45 -27.22
CA SER G 276 -35.74 -10.21 -27.14
C SER G 276 -35.24 -9.35 -25.98
N PHE G 277 -35.28 -8.01 -26.14
CA PHE G 277 -34.93 -7.05 -25.11
C PHE G 277 -36.19 -6.37 -24.54
N GLU G 278 -37.38 -6.87 -24.91
CA GLU G 278 -38.65 -6.31 -24.46
C GLU G 278 -39.30 -7.22 -23.42
N PRO G 279 -39.07 -7.00 -22.11
CA PRO G 279 -39.61 -7.89 -21.08
C PRO G 279 -41.10 -7.80 -20.79
N CYS G 280 -41.77 -6.74 -21.31
CA CYS G 280 -43.20 -6.56 -21.13
C CYS G 280 -43.97 -7.32 -22.21
N ILE G 281 -44.37 -8.57 -21.91
CA ILE G 281 -44.99 -9.47 -22.87
C ILE G 281 -46.23 -10.13 -22.24
N GLY G 282 -47.30 -10.23 -23.03
CA GLY G 282 -48.58 -10.72 -22.56
C GLY G 282 -49.08 -9.95 -21.34
N LYS G 283 -49.85 -10.66 -20.51
CA LYS G 283 -50.43 -10.11 -19.29
C LYS G 283 -49.43 -10.26 -18.14
N ILE G 284 -49.43 -9.32 -17.18
CA ILE G 284 -48.39 -9.26 -16.15
C ILE G 284 -48.34 -10.58 -15.37
N GLU G 285 -49.49 -11.25 -15.26
CA GLU G 285 -49.59 -12.47 -14.47
C GLU G 285 -48.71 -13.56 -15.10
N TYR G 286 -48.62 -13.55 -16.44
CA TYR G 286 -47.92 -14.57 -17.20
C TYR G 286 -46.49 -14.15 -17.51
N ILE G 287 -46.03 -12.99 -17.03
CA ILE G 287 -44.69 -12.56 -17.36
C ILE G 287 -43.71 -13.51 -16.68
N PRO G 288 -42.62 -13.93 -17.39
CA PRO G 288 -41.63 -14.87 -16.86
C PRO G 288 -40.55 -14.19 -16.02
N PRO G 289 -39.90 -14.93 -15.10
CA PRO G 289 -39.04 -14.33 -14.09
C PRO G 289 -37.85 -13.59 -14.67
N GLU G 290 -37.29 -14.16 -15.75
CA GLU G 290 -36.11 -13.59 -16.37
C GLU G 290 -36.49 -12.27 -17.02
N CYS G 291 -37.75 -12.13 -17.43
CA CYS G 291 -38.24 -10.85 -17.96
C CYS G 291 -38.32 -9.79 -16.85
N TRP G 292 -38.73 -10.22 -15.66
CA TRP G 292 -38.73 -9.36 -14.49
C TRP G 292 -37.31 -8.95 -14.13
N LYS G 293 -36.35 -9.89 -14.16
CA LYS G 293 -34.97 -9.54 -13.87
C LYS G 293 -34.55 -8.42 -14.80
N ILE G 294 -34.95 -8.50 -16.07
CA ILE G 294 -34.55 -7.48 -17.03
C ILE G 294 -35.22 -6.16 -16.68
N VAL G 295 -36.52 -6.23 -16.31
CA VAL G 295 -37.27 -5.04 -15.94
C VAL G 295 -36.47 -4.27 -14.90
N TRP G 296 -36.18 -4.94 -13.78
CA TRP G 296 -35.41 -4.37 -12.69
C TRP G 296 -34.05 -3.85 -13.15
N LYS G 297 -33.43 -4.50 -14.16
CA LYS G 297 -32.13 -4.06 -14.59
C LYS G 297 -32.25 -2.66 -15.22
N TYR G 298 -33.28 -2.49 -16.07
CA TYR G 298 -33.54 -1.22 -16.74
C TYR G 298 -33.87 -0.17 -15.69
N LYS G 299 -34.78 -0.50 -14.76
CA LYS G 299 -35.21 0.42 -13.72
C LYS G 299 -34.00 0.90 -12.95
N MET G 300 -33.24 -0.05 -12.39
CA MET G 300 -32.23 0.26 -11.41
C MET G 300 -30.99 0.89 -12.04
N ASN G 301 -30.98 1.01 -13.37
CA ASN G 301 -29.95 1.80 -14.01
C ASN G 301 -30.52 3.05 -14.69
N ASN G 302 -31.80 3.34 -14.41
CA ASN G 302 -32.49 4.52 -14.95
C ASN G 302 -32.52 4.44 -16.47
N ILE G 303 -32.96 3.31 -17.03
CA ILE G 303 -33.15 3.20 -18.46
C ILE G 303 -34.66 3.20 -18.74
N LYS G 304 -35.11 4.27 -19.41
CA LYS G 304 -36.52 4.61 -19.55
C LYS G 304 -36.97 4.27 -20.97
N ASN G 305 -36.00 4.24 -21.92
CA ASN G 305 -36.28 3.83 -23.28
C ASN G 305 -35.25 2.80 -23.75
N PRO G 306 -35.49 1.49 -23.52
CA PRO G 306 -34.60 0.43 -23.99
C PRO G 306 -34.17 0.53 -25.46
N ILE G 307 -35.16 0.57 -26.35
CA ILE G 307 -34.94 0.61 -27.79
C ILE G 307 -33.93 1.70 -28.08
N GLU G 308 -34.05 2.82 -27.38
CA GLU G 308 -33.15 3.94 -27.63
C GLU G 308 -31.77 3.68 -27.04
N TYR G 309 -31.72 3.16 -25.81
CA TYR G 309 -30.47 2.95 -25.09
C TYR G 309 -29.55 1.99 -25.85
N LEU G 310 -30.11 0.86 -26.31
CA LEU G 310 -29.37 -0.22 -26.95
C LEU G 310 -28.94 0.19 -28.36
N LYS G 311 -29.70 1.07 -29.01
CA LYS G 311 -29.44 1.46 -30.39
C LYS G 311 -27.92 1.63 -30.64
N ASN G 312 -27.21 2.23 -29.68
CA ASN G 312 -25.81 2.59 -29.87
C ASN G 312 -24.89 1.79 -28.95
N ILE G 313 -25.26 0.55 -28.63
CA ILE G 313 -24.39 -0.34 -27.88
C ILE G 313 -23.91 -1.45 -28.82
N SER G 314 -22.59 -1.48 -29.11
CA SER G 314 -22.03 -2.56 -29.90
C SER G 314 -21.45 -3.66 -29.01
N ASN G 315 -20.80 -3.28 -27.90
CA ASN G 315 -20.19 -4.23 -26.98
C ASN G 315 -21.20 -5.29 -26.57
N GLN G 316 -21.01 -6.53 -27.05
CA GLN G 316 -22.02 -7.55 -26.95
C GLN G 316 -22.08 -8.14 -25.54
N GLU G 317 -21.12 -7.76 -24.70
CA GLU G 317 -21.10 -8.20 -23.31
C GLU G 317 -22.18 -7.47 -22.51
N GLU G 318 -22.31 -6.16 -22.76
CA GLU G 318 -23.36 -5.33 -22.20
C GLU G 318 -24.71 -5.90 -22.65
N ARG G 319 -24.95 -5.94 -23.96
CA ARG G 319 -26.23 -6.35 -24.52
C ARG G 319 -26.79 -7.58 -23.82
N LYS G 320 -25.94 -8.58 -23.61
CA LYS G 320 -26.30 -9.85 -22.99
C LYS G 320 -27.23 -9.62 -21.80
N LYS G 321 -26.97 -8.56 -21.02
CA LYS G 321 -27.65 -8.33 -19.76
C LYS G 321 -29.12 -7.94 -19.96
N TYR G 322 -29.53 -7.58 -21.18
CA TYR G 322 -30.87 -7.06 -21.40
C TYR G 322 -31.69 -7.96 -22.32
N TYR G 323 -31.31 -9.25 -22.42
CA TYR G 323 -31.92 -10.14 -23.41
C TYR G 323 -32.29 -11.49 -22.80
N TYR G 324 -33.40 -12.06 -23.27
CA TYR G 324 -33.90 -13.34 -22.79
C TYR G 324 -34.16 -14.24 -23.99
N ASP G 325 -34.26 -15.56 -23.77
CA ASP G 325 -34.65 -16.43 -24.85
C ASP G 325 -36.18 -16.44 -24.98
N VAL G 326 -36.68 -16.20 -26.20
CA VAL G 326 -38.11 -16.06 -26.47
C VAL G 326 -38.81 -17.41 -26.30
N SER G 327 -38.19 -18.48 -26.81
CA SER G 327 -38.85 -19.77 -26.84
C SER G 327 -39.07 -20.29 -25.43
N CYS G 328 -38.13 -19.99 -24.53
CA CYS G 328 -38.24 -20.41 -23.14
C CYS G 328 -39.33 -19.62 -22.45
N ALA G 329 -39.50 -18.38 -22.90
CA ALA G 329 -40.53 -17.49 -22.40
C ALA G 329 -41.91 -18.07 -22.71
N ASP G 330 -42.15 -18.44 -23.97
CA ASP G 330 -43.38 -19.13 -24.34
C ASP G 330 -43.66 -20.27 -23.37
N LYS G 331 -42.67 -21.14 -23.19
CA LYS G 331 -42.86 -22.33 -22.39
C LYS G 331 -43.31 -21.93 -20.99
N TYR G 332 -42.70 -20.90 -20.43
CA TYR G 332 -43.04 -20.50 -19.08
C TYR G 332 -44.50 -20.03 -19.00
N MET G 333 -44.96 -19.29 -20.00
CA MET G 333 -46.34 -18.86 -20.06
C MET G 333 -47.28 -20.06 -20.05
N LEU G 334 -46.98 -21.06 -20.89
CA LEU G 334 -47.82 -22.25 -20.99
C LEU G 334 -47.88 -22.93 -19.62
N GLY G 335 -46.79 -22.85 -18.87
CA GLY G 335 -46.76 -23.36 -17.51
C GLY G 335 -47.80 -22.69 -16.62
N ILE G 336 -47.81 -21.36 -16.65
CA ILE G 336 -48.76 -20.58 -15.86
C ILE G 336 -50.19 -20.94 -16.30
N PHE G 337 -50.40 -21.00 -17.61
CA PHE G 337 -51.68 -21.43 -18.15
C PHE G 337 -52.11 -22.74 -17.49
N PHE G 338 -51.18 -23.69 -17.39
CA PHE G 338 -51.49 -25.01 -16.84
C PHE G 338 -51.95 -24.86 -15.38
N ILE G 339 -51.20 -24.08 -14.61
CA ILE G 339 -51.47 -23.92 -13.18
C ILE G 339 -52.81 -23.21 -13.01
N TRP G 340 -53.07 -22.22 -13.86
CA TRP G 340 -54.30 -21.45 -13.85
C TRP G 340 -55.50 -22.37 -14.11
N MET G 341 -55.34 -23.27 -15.08
CA MET G 341 -56.41 -24.17 -15.49
C MET G 341 -56.64 -25.24 -14.41
N TRP G 342 -55.58 -25.63 -13.71
CA TRP G 342 -55.71 -26.70 -12.75
C TRP G 342 -56.27 -26.17 -11.45
N ASN G 343 -55.75 -25.02 -11.03
CA ASN G 343 -56.04 -24.44 -9.73
C ASN G 343 -57.41 -23.74 -9.74
N ASN G 344 -57.90 -23.40 -10.95
CA ASN G 344 -59.09 -22.59 -11.11
C ASN G 344 -58.76 -21.19 -10.56
N GLY G 345 -57.77 -20.55 -11.20
CA GLY G 345 -57.20 -19.27 -10.76
C GLY G 345 -55.70 -19.37 -10.44
N PHE G 346 -54.98 -18.27 -10.61
CA PHE G 346 -53.54 -18.17 -10.35
C PHE G 346 -53.20 -18.62 -8.93
N ILE G 347 -51.92 -18.92 -8.70
CA ILE G 347 -51.44 -19.19 -7.35
C ILE G 347 -50.58 -18.01 -6.88
N TRP G 348 -49.67 -17.55 -7.74
CA TRP G 348 -48.98 -16.29 -7.55
C TRP G 348 -49.38 -15.33 -8.68
N LYS G 349 -49.26 -14.03 -8.40
CA LYS G 349 -49.86 -12.98 -9.21
C LYS G 349 -48.85 -12.36 -10.17
N CYS G 350 -47.56 -12.39 -9.79
CA CYS G 350 -46.49 -12.14 -10.75
C CYS G 350 -45.28 -12.99 -10.41
N SER G 351 -44.46 -13.31 -11.43
CA SER G 351 -43.30 -14.17 -11.25
C SER G 351 -42.08 -13.35 -10.87
N ASP G 352 -42.21 -12.51 -9.83
CA ASP G 352 -41.15 -11.61 -9.42
C ASP G 352 -40.98 -11.69 -7.90
N PRO G 353 -39.90 -12.34 -7.38
CA PRO G 353 -39.79 -12.60 -5.96
C PRO G 353 -39.72 -11.33 -5.11
N ILE G 354 -39.41 -10.21 -5.76
CA ILE G 354 -39.31 -8.93 -5.08
C ILE G 354 -40.71 -8.46 -4.67
N GLN G 355 -41.71 -8.78 -5.50
CA GLN G 355 -43.06 -8.24 -5.42
C GLN G 355 -44.08 -9.32 -5.11
N ASP G 356 -43.66 -10.56 -4.81
CA ASP G 356 -44.63 -11.62 -4.58
C ASP G 356 -44.08 -12.68 -3.64
N LYS G 357 -44.51 -12.65 -2.37
CA LYS G 357 -44.08 -13.55 -1.32
C LYS G 357 -44.34 -15.01 -1.72
N ILE G 358 -45.47 -15.25 -2.40
CA ILE G 358 -45.85 -16.59 -2.81
C ILE G 358 -44.82 -17.11 -3.80
N PHE G 359 -44.46 -16.30 -4.81
CA PHE G 359 -43.47 -16.70 -5.81
C PHE G 359 -42.14 -17.04 -5.15
N GLU G 360 -41.77 -16.27 -4.13
CA GLU G 360 -40.50 -16.45 -3.47
C GLU G 360 -40.48 -17.79 -2.74
N ILE G 361 -41.65 -18.30 -2.36
CA ILE G 361 -41.74 -19.60 -1.70
C ILE G 361 -41.59 -20.68 -2.78
N PHE G 362 -42.22 -20.43 -3.92
CA PHE G 362 -42.07 -21.30 -5.07
C PHE G 362 -40.59 -21.51 -5.34
N MET G 363 -39.81 -20.43 -5.27
CA MET G 363 -38.39 -20.47 -5.57
C MET G 363 -37.62 -21.06 -4.40
N LYS G 364 -38.04 -20.75 -3.17
CA LYS G 364 -37.37 -21.26 -1.98
C LYS G 364 -37.47 -22.77 -1.96
N SER G 365 -38.27 -23.34 -2.87
CA SER G 365 -38.36 -24.78 -3.09
C SER G 365 -38.03 -25.14 -4.55
N ASN G 366 -37.07 -24.43 -5.13
CA ASN G 366 -36.48 -24.76 -6.42
C ASN G 366 -37.54 -25.02 -7.49
N MET G 367 -38.59 -24.20 -7.51
CA MET G 367 -39.64 -24.21 -8.52
C MET G 367 -40.12 -25.65 -8.76
N ASP G 368 -40.42 -26.35 -7.66
CA ASP G 368 -40.71 -27.78 -7.68
C ASP G 368 -42.07 -28.03 -7.03
N LEU G 369 -43.06 -28.28 -7.89
CA LEU G 369 -44.46 -28.29 -7.49
C LEU G 369 -44.73 -29.37 -6.44
N ASN G 370 -43.87 -30.38 -6.39
CA ASN G 370 -44.05 -31.48 -5.45
C ASN G 370 -43.58 -31.05 -4.05
N LYS G 371 -42.45 -30.33 -4.00
CA LYS G 371 -41.94 -29.81 -2.74
C LYS G 371 -42.60 -28.45 -2.40
N PHE G 372 -43.48 -27.96 -3.27
CA PHE G 372 -44.18 -26.69 -3.01
C PHE G 372 -45.40 -26.96 -2.13
N ILE G 373 -45.63 -26.08 -1.16
CA ILE G 373 -46.75 -26.23 -0.25
C ILE G 373 -48.12 -26.20 -0.94
N MET G 374 -48.32 -25.36 -1.96
CA MET G 374 -49.65 -25.13 -2.51
C MET G 374 -50.03 -26.15 -3.58
N THR G 375 -49.15 -27.11 -3.87
CA THR G 375 -49.37 -28.05 -4.97
C THR G 375 -48.98 -29.46 -4.53
N LYS G 376 -48.65 -29.63 -3.25
CA LYS G 376 -48.15 -30.89 -2.71
C LYS G 376 -49.18 -32.02 -2.92
N SER G 377 -50.46 -31.71 -2.70
CA SER G 377 -51.52 -32.70 -2.81
C SER G 377 -52.12 -32.70 -4.22
N TRP G 378 -51.33 -32.32 -5.24
CA TRP G 378 -51.74 -32.50 -6.63
C TRP G 378 -51.16 -33.81 -7.18
N PRO G 379 -51.66 -34.30 -8.34
CA PRO G 379 -51.05 -35.46 -8.99
C PRO G 379 -49.54 -35.31 -9.20
N HIS G 380 -48.77 -36.25 -8.63
CA HIS G 380 -47.32 -36.28 -8.72
C HIS G 380 -46.88 -36.08 -10.16
N GLU G 381 -47.56 -36.77 -11.08
CA GLU G 381 -47.13 -36.83 -12.47
C GLU G 381 -47.37 -35.49 -13.15
N LEU G 382 -48.48 -34.81 -12.80
CA LEU G 382 -48.82 -33.52 -13.40
C LEU G 382 -47.82 -32.45 -12.98
N ASN G 383 -47.55 -32.40 -11.67
CA ASN G 383 -46.57 -31.50 -11.10
C ASN G 383 -45.23 -31.66 -11.83
N ASN G 384 -44.83 -32.91 -12.05
CA ASN G 384 -43.60 -33.17 -12.78
C ASN G 384 -43.71 -32.55 -14.17
N LEU G 385 -44.84 -32.76 -14.85
CA LEU G 385 -45.00 -32.23 -16.19
C LEU G 385 -44.80 -30.71 -16.18
N ILE G 386 -45.45 -30.02 -15.23
CA ILE G 386 -45.47 -28.57 -15.18
C ILE G 386 -44.06 -28.06 -14.91
N ASN G 387 -43.33 -28.76 -14.03
CA ASN G 387 -41.97 -28.36 -13.68
C ASN G 387 -41.09 -28.18 -14.92
N LYS G 388 -41.41 -28.88 -16.00
CA LYS G 388 -40.59 -28.93 -17.20
C LYS G 388 -40.98 -27.84 -18.19
N LEU G 389 -41.94 -27.01 -17.78
CA LEU G 389 -42.33 -25.81 -18.51
C LEU G 389 -41.89 -24.58 -17.72
N LEU G 390 -41.51 -24.76 -16.45
CA LEU G 390 -41.31 -23.63 -15.54
C LEU G 390 -39.83 -23.38 -15.29
N HIS G 391 -39.16 -24.32 -14.60
CA HIS G 391 -37.75 -24.18 -14.25
C HIS G 391 -36.91 -24.01 -15.52
N MET G 392 -35.84 -23.20 -15.46
CA MET G 392 -35.10 -22.80 -16.65
C MET G 392 -34.21 -23.93 -17.19
N GLU G 393 -33.64 -24.78 -16.30
CA GLU G 393 -32.85 -25.89 -16.78
C GLU G 393 -33.74 -26.73 -17.71
N HIS G 394 -34.96 -27.03 -17.26
CA HIS G 394 -35.89 -27.82 -18.05
C HIS G 394 -36.25 -27.10 -19.34
N ARG G 395 -36.63 -25.82 -19.23
CA ARG G 395 -37.03 -25.02 -20.39
C ARG G 395 -35.96 -25.08 -21.48
N LYS G 396 -34.69 -24.91 -21.07
CA LYS G 396 -33.58 -24.98 -22.00
C LYS G 396 -33.48 -26.37 -22.65
N THR G 397 -33.74 -27.43 -21.87
CA THR G 397 -33.43 -28.80 -22.30
C THR G 397 -34.66 -29.52 -22.86
N VAL G 398 -35.79 -29.50 -22.13
CA VAL G 398 -36.95 -30.33 -22.44
C VAL G 398 -37.66 -29.79 -23.68
N LYS G 399 -37.80 -30.61 -24.72
CA LYS G 399 -38.46 -30.25 -25.97
C LYS G 399 -39.97 -30.39 -25.76
N LEU G 400 -40.75 -29.73 -26.62
CA LEU G 400 -42.21 -29.72 -26.47
C LEU G 400 -42.83 -31.02 -26.97
N SER G 401 -42.23 -31.52 -28.06
CA SER G 401 -42.58 -32.83 -28.64
C SER G 401 -42.48 -33.97 -27.63
N ASP G 402 -41.55 -33.84 -26.66
CA ASP G 402 -41.34 -34.88 -25.67
C ASP G 402 -42.31 -34.73 -24.49
N LEU G 403 -42.71 -33.48 -24.23
CA LEU G 403 -43.68 -33.21 -23.18
C LEU G 403 -45.06 -33.69 -23.61
N SER G 404 -45.34 -33.62 -24.92
CA SER G 404 -46.58 -34.11 -25.49
C SER G 404 -46.76 -35.61 -25.29
N ARG G 405 -45.69 -36.36 -24.99
CA ARG G 405 -45.75 -37.81 -24.80
C ARG G 405 -45.46 -38.16 -23.35
N HIS G 406 -45.59 -37.18 -22.45
CA HIS G 406 -45.31 -37.33 -21.03
C HIS G 406 -46.23 -38.37 -20.40
N PRO G 407 -45.74 -39.18 -19.43
CA PRO G 407 -46.57 -40.17 -18.74
C PRO G 407 -47.99 -39.71 -18.31
N TRP G 408 -48.14 -38.47 -17.83
CA TRP G 408 -49.39 -38.02 -17.21
C TRP G 408 -50.53 -37.96 -18.23
N TRP G 409 -50.20 -37.59 -19.48
CA TRP G 409 -51.16 -37.36 -20.54
C TRP G 409 -51.86 -38.66 -20.91
N SER G 410 -51.52 -39.78 -20.26
CA SER G 410 -52.17 -41.09 -20.43
C SER G 410 -52.00 -41.85 -19.12
N SER G 411 -52.75 -41.45 -18.07
CA SER G 411 -52.61 -42.04 -16.73
C SER G 411 -53.98 -42.42 -16.12
N TYR H 10 -1.08 0.35 -24.49
CA TYR H 10 -1.58 -0.72 -25.40
C TYR H 10 -1.71 -2.01 -24.59
N VAL H 11 -2.75 -2.79 -24.94
CA VAL H 11 -3.08 -4.03 -24.22
C VAL H 11 -2.81 -5.19 -25.16
N TYR H 12 -2.74 -6.42 -24.61
CA TYR H 12 -2.32 -7.59 -25.37
C TYR H 12 -3.20 -7.79 -26.61
N ASN H 13 -2.56 -7.77 -27.77
CA ASN H 13 -3.14 -8.14 -29.04
C ASN H 13 -2.15 -9.10 -29.74
N TRP H 14 -2.63 -10.01 -30.61
CA TRP H 14 -1.77 -10.99 -31.25
C TRP H 14 -0.83 -10.34 -32.27
N GLU H 15 -1.26 -9.23 -32.89
CA GLU H 15 -0.39 -8.55 -33.83
C GLU H 15 0.81 -8.01 -33.06
N LEU H 16 0.55 -7.48 -31.87
CA LEU H 16 1.60 -6.85 -31.06
C LEU H 16 2.50 -7.93 -30.48
N GLY H 17 1.90 -9.06 -30.08
CA GLY H 17 2.64 -10.16 -29.51
C GLY H 17 3.76 -10.64 -30.45
N GLN H 18 3.41 -10.84 -31.71
CA GLN H 18 4.36 -11.25 -32.73
C GLN H 18 5.42 -10.17 -32.92
N LYS H 19 4.99 -8.92 -33.02
CA LYS H 19 5.92 -7.82 -33.28
C LYS H 19 6.90 -7.73 -32.11
N SER H 20 6.42 -8.02 -30.89
CA SER H 20 7.25 -7.99 -29.69
C SER H 20 8.34 -9.05 -29.78
N LEU H 21 7.99 -10.22 -30.30
CA LEU H 21 8.85 -11.38 -30.28
C LEU H 21 9.94 -11.27 -31.35
N ILE H 22 9.60 -10.74 -32.52
CA ILE H 22 10.55 -10.60 -33.62
C ILE H 22 11.76 -9.80 -33.14
N LYS H 23 11.54 -8.84 -32.24
CA LYS H 23 12.60 -7.99 -31.74
C LYS H 23 13.59 -8.80 -30.91
N MET H 24 13.12 -9.93 -30.36
CA MET H 24 13.90 -10.72 -29.43
C MET H 24 14.54 -11.96 -30.09
N LEU H 25 14.34 -12.12 -31.40
CA LEU H 25 14.70 -13.37 -32.06
C LEU H 25 16.13 -13.29 -32.59
N ASP H 26 16.91 -14.37 -32.42
CA ASP H 26 18.19 -14.50 -33.12
C ASP H 26 18.60 -15.97 -33.27
N TYR H 27 19.56 -16.20 -34.18
CA TYR H 27 20.23 -17.48 -34.35
C TYR H 27 21.15 -17.72 -33.15
N ALA H 28 21.11 -18.92 -32.57
CA ALA H 28 21.87 -19.21 -31.36
C ALA H 28 23.37 -19.23 -31.69
N ASP H 29 23.68 -19.43 -32.96
CA ASP H 29 25.04 -19.34 -33.45
C ASP H 29 25.69 -18.06 -32.95
N ASN H 30 24.99 -16.93 -33.17
CA ASN H 30 25.57 -15.60 -33.09
C ASN H 30 25.42 -14.98 -31.70
N PHE H 31 24.94 -15.74 -30.71
CA PHE H 31 24.49 -15.13 -29.49
C PHE H 31 25.56 -15.18 -28.41
N TYR H 32 25.98 -14.01 -27.93
CA TYR H 32 26.82 -13.86 -26.75
C TYR H 32 26.05 -13.07 -25.68
N PHE H 33 26.26 -13.45 -24.42
CA PHE H 33 25.72 -12.73 -23.29
C PHE H 33 26.92 -12.43 -22.41
N ASN H 34 27.21 -11.14 -22.19
CA ASN H 34 28.44 -10.68 -21.55
C ASN H 34 29.66 -11.26 -22.23
N GLY H 35 29.68 -11.31 -23.57
CA GLY H 35 30.86 -11.76 -24.29
C GLY H 35 30.93 -13.29 -24.40
N VAL H 36 30.40 -13.97 -23.38
CA VAL H 36 30.37 -15.42 -23.30
C VAL H 36 29.40 -15.99 -24.34
N LYS H 37 29.92 -16.90 -25.17
CA LYS H 37 29.18 -17.42 -26.31
C LYS H 37 28.18 -18.46 -25.82
N TYR H 38 27.01 -18.48 -26.46
CA TYR H 38 25.88 -19.32 -26.10
C TYR H 38 26.36 -20.76 -25.94
N SER H 39 27.01 -21.26 -27.00
CA SER H 39 27.55 -22.60 -27.08
C SER H 39 28.32 -22.99 -25.82
N ASP H 40 28.94 -22.02 -25.14
CA ASP H 40 29.82 -22.33 -24.02
C ASP H 40 29.16 -22.06 -22.68
N TRP H 41 27.83 -22.17 -22.57
CA TRP H 41 27.23 -22.05 -21.24
C TRP H 41 27.18 -23.43 -20.60
N LYS H 42 27.32 -23.47 -19.27
CA LYS H 42 27.16 -24.71 -18.53
C LYS H 42 25.72 -24.77 -18.01
N LEU H 43 24.86 -25.47 -18.75
CA LEU H 43 23.44 -25.58 -18.44
C LEU H 43 23.23 -26.74 -17.47
N THR H 44 22.56 -26.45 -16.34
CA THR H 44 22.13 -27.47 -15.39
C THR H 44 20.64 -27.74 -15.62
N SER H 45 20.24 -29.01 -15.63
CA SER H 45 18.83 -29.38 -15.81
C SER H 45 17.99 -28.98 -14.60
N MET H 46 16.71 -28.67 -14.85
CA MET H 46 15.76 -28.26 -13.82
C MET H 46 14.72 -29.38 -13.61
N LEU H 56 6.61 -36.70 -20.31
CA LEU H 56 5.38 -35.85 -20.40
C LEU H 56 5.70 -34.49 -21.02
N LYS H 57 6.71 -33.78 -20.47
CA LYS H 57 7.12 -32.48 -20.97
C LYS H 57 7.85 -32.66 -22.31
N ASP H 58 7.26 -32.12 -23.38
CA ASP H 58 7.88 -32.07 -24.69
C ASP H 58 8.97 -30.99 -24.73
N HIS H 59 9.13 -30.26 -23.62
CA HIS H 59 10.15 -29.22 -23.54
C HIS H 59 11.10 -29.56 -22.40
N LYS H 60 12.32 -29.04 -22.48
CA LYS H 60 13.31 -29.17 -21.43
C LYS H 60 13.71 -27.79 -20.91
N THR H 61 13.76 -27.65 -19.58
CA THR H 61 14.24 -26.43 -18.95
C THR H 61 15.60 -26.67 -18.31
N TYR H 62 16.42 -25.62 -18.25
CA TYR H 62 17.72 -25.64 -17.61
C TYR H 62 18.02 -24.28 -16.97
N LYS H 63 18.81 -24.30 -15.88
CA LYS H 63 19.43 -23.12 -15.28
C LYS H 63 20.85 -22.96 -15.83
N SER H 64 21.44 -21.76 -15.67
CA SER H 64 22.82 -21.51 -16.04
C SER H 64 23.32 -20.24 -15.35
N ILE H 65 24.64 -20.09 -15.27
CA ILE H 65 25.27 -18.92 -14.65
C ILE H 65 26.40 -18.45 -15.56
N ILE H 66 26.21 -17.27 -16.16
CA ILE H 66 27.23 -16.71 -17.05
C ILE H 66 28.19 -15.83 -16.24
N ASN H 67 29.47 -15.79 -16.65
CA ASN H 67 30.51 -15.03 -15.96
C ASN H 67 31.20 -14.06 -16.92
N SER H 68 30.97 -12.74 -16.73
CA SER H 68 31.60 -11.70 -17.54
C SER H 68 33.09 -11.59 -17.18
N LYS H 75 29.72 -9.52 -12.84
CA LYS H 75 28.45 -9.95 -13.46
C LYS H 75 28.43 -11.49 -13.51
N LYS H 76 28.05 -12.09 -12.38
CA LYS H 76 27.69 -13.50 -12.31
C LYS H 76 26.16 -13.59 -12.44
N VAL H 77 25.69 -13.79 -13.68
CA VAL H 77 24.29 -13.62 -14.04
C VAL H 77 23.63 -14.96 -14.31
N LYS H 78 22.49 -15.19 -13.66
CA LYS H 78 21.85 -16.50 -13.60
C LYS H 78 20.61 -16.53 -14.49
N LEU H 79 20.63 -17.37 -15.52
CA LEU H 79 19.58 -17.39 -16.54
C LEU H 79 18.72 -18.64 -16.38
N PHE H 80 17.56 -18.64 -17.07
CA PHE H 80 16.63 -19.74 -17.15
C PHE H 80 16.35 -20.02 -18.62
N ILE H 81 16.33 -21.30 -19.01
CA ILE H 81 16.32 -21.67 -20.41
C ILE H 81 15.23 -22.69 -20.63
N LYS H 82 14.25 -22.38 -21.49
CA LYS H 82 13.30 -23.37 -21.94
C LYS H 82 13.66 -23.69 -23.39
N LYS H 83 13.64 -24.99 -23.74
CA LYS H 83 13.98 -25.43 -25.09
C LYS H 83 12.82 -26.24 -25.67
N ILE H 84 12.43 -25.88 -26.91
CA ILE H 84 11.22 -26.42 -27.52
C ILE H 84 11.57 -26.94 -28.91
N PRO H 85 11.26 -28.22 -29.21
CA PRO H 85 11.48 -28.79 -30.54
C PRO H 85 10.79 -27.98 -31.64
N ILE H 86 11.51 -27.70 -32.73
CA ILE H 86 10.94 -26.90 -33.79
C ILE H 86 9.78 -27.65 -34.44
N ASP H 87 9.76 -28.99 -34.33
CA ASP H 87 8.63 -29.72 -34.87
C ASP H 87 7.36 -29.24 -34.16
N ILE H 88 7.43 -29.16 -32.82
CA ILE H 88 6.29 -28.71 -32.03
C ILE H 88 6.03 -27.23 -32.31
N TRP H 89 7.11 -26.44 -32.41
CA TRP H 89 6.96 -25.02 -32.71
C TRP H 89 6.19 -24.85 -34.01
N VAL H 90 6.73 -25.41 -35.10
CA VAL H 90 6.20 -25.10 -36.41
C VAL H 90 4.70 -25.39 -36.43
N GLU H 91 4.30 -26.53 -35.85
CA GLU H 91 2.91 -26.92 -35.88
C GLU H 91 2.06 -25.88 -35.12
N GLN H 92 2.57 -25.44 -33.96
CA GLN H 92 1.82 -24.60 -33.06
C GLN H 92 1.65 -23.21 -33.65
N PHE H 93 2.60 -22.82 -34.51
CA PHE H 93 2.58 -21.49 -35.09
C PHE H 93 1.54 -21.44 -36.22
N ASN H 94 1.54 -22.47 -37.06
CA ASN H 94 0.55 -22.57 -38.13
C ASN H 94 -0.87 -22.51 -37.55
N LEU H 95 -1.07 -23.10 -36.37
CA LEU H 95 -2.40 -23.19 -35.79
C LEU H 95 -2.77 -21.82 -35.20
N MET H 96 -1.84 -21.22 -34.44
CA MET H 96 -2.07 -19.90 -33.87
C MET H 96 -2.30 -18.88 -34.99
N LYS H 97 -1.70 -19.10 -36.16
CA LYS H 97 -1.93 -18.21 -37.27
C LYS H 97 -3.33 -18.43 -37.85
N LYS H 98 -3.74 -19.69 -37.99
CA LYS H 98 -5.08 -20.04 -38.44
C LYS H 98 -6.13 -19.39 -37.54
N TYR H 99 -5.90 -19.42 -36.21
CA TYR H 99 -6.86 -18.98 -35.23
C TYR H 99 -6.55 -17.56 -34.72
N GLU H 100 -5.66 -16.86 -35.42
CA GLU H 100 -5.24 -15.52 -35.04
C GLU H 100 -5.01 -15.43 -33.53
N GLY H 101 -4.21 -16.35 -32.99
CA GLY H 101 -3.78 -16.27 -31.61
C GLY H 101 -4.73 -17.01 -30.65
N GLU H 102 -5.84 -17.53 -31.18
CA GLU H 102 -6.87 -18.11 -30.33
C GLU H 102 -6.84 -19.64 -30.39
N TYR H 103 -5.63 -20.23 -30.44
CA TYR H 103 -5.49 -21.68 -30.48
C TYR H 103 -5.42 -22.21 -29.05
N LEU H 104 -6.11 -23.32 -28.75
CA LEU H 104 -6.15 -23.83 -27.39
C LEU H 104 -5.86 -25.34 -27.34
N ILE H 105 -5.03 -25.73 -26.37
CA ILE H 105 -4.71 -27.12 -26.09
C ILE H 105 -4.60 -27.31 -24.59
N ASP H 106 -4.71 -28.57 -24.16
CA ASP H 106 -4.63 -28.88 -22.74
C ASP H 106 -3.19 -28.77 -22.27
N LYS H 107 -2.27 -29.11 -23.19
CA LYS H 107 -0.84 -29.17 -22.92
C LYS H 107 -0.26 -27.76 -23.12
N GLU H 108 1.04 -27.66 -23.37
CA GLU H 108 1.72 -26.37 -23.43
C GLU H 108 1.59 -25.75 -24.82
N ASN H 109 1.11 -24.51 -24.84
CA ASN H 109 1.13 -23.67 -26.03
C ASN H 109 2.39 -22.81 -25.96
N TYR H 110 3.36 -23.13 -26.82
CA TYR H 110 4.68 -22.54 -26.72
C TYR H 110 4.71 -21.21 -27.47
N VAL H 111 3.96 -21.14 -28.58
CA VAL H 111 3.87 -19.92 -29.37
C VAL H 111 3.27 -18.80 -28.52
N MET H 112 2.22 -19.11 -27.75
CA MET H 112 1.60 -18.15 -26.83
C MET H 112 2.62 -17.71 -25.79
N GLU H 113 3.11 -18.64 -24.97
CA GLU H 113 4.11 -18.32 -23.96
C GLU H 113 5.16 -17.37 -24.53
N ALA H 114 5.65 -17.66 -25.73
CA ALA H 114 6.68 -16.79 -26.28
C ALA H 114 6.17 -15.35 -26.39
N VAL H 115 5.04 -15.14 -27.06
CA VAL H 115 4.49 -13.82 -27.31
C VAL H 115 4.06 -13.16 -26.00
N SER H 116 3.31 -13.87 -25.16
CA SER H 116 3.00 -13.39 -23.84
C SER H 116 4.23 -12.79 -23.16
N LEU H 117 5.34 -13.53 -23.17
CA LEU H 117 6.52 -13.09 -22.46
C LEU H 117 7.16 -11.89 -23.12
N ALA H 118 7.18 -11.89 -24.46
CA ALA H 118 7.87 -10.86 -25.20
C ALA H 118 7.15 -9.53 -24.97
N PHE H 119 5.81 -9.59 -25.04
CA PHE H 119 4.94 -8.45 -24.89
C PHE H 119 5.07 -7.88 -23.49
N LEU H 120 4.76 -8.69 -22.48
CA LEU H 120 4.83 -8.25 -21.09
C LEU H 120 6.17 -7.58 -20.80
N ASN H 121 7.24 -8.07 -21.43
CA ASN H 121 8.59 -7.57 -21.16
C ASN H 121 8.73 -6.16 -21.74
N GLU H 122 8.28 -5.98 -22.98
CA GLU H 122 8.44 -4.71 -23.69
C GLU H 122 7.54 -3.62 -23.10
N TYR H 123 6.31 -3.99 -22.68
CA TYR H 123 5.30 -3.00 -22.35
C TYR H 123 4.85 -3.02 -20.88
N TYR H 124 5.17 -4.09 -20.14
CA TYR H 124 4.76 -4.15 -18.74
C TYR H 124 5.80 -4.88 -17.90
N PRO H 125 7.06 -4.40 -17.84
CA PRO H 125 8.05 -4.90 -16.90
C PRO H 125 7.45 -5.20 -15.52
N GLY H 126 7.91 -6.29 -14.90
CA GLY H 126 7.73 -6.50 -13.47
C GLY H 126 6.67 -7.54 -13.14
N ILE H 127 6.13 -8.20 -14.18
CA ILE H 127 5.16 -9.28 -13.98
C ILE H 127 5.90 -10.61 -14.14
N THR H 128 6.57 -10.77 -15.28
CA THR H 128 7.37 -11.95 -15.52
C THR H 128 8.82 -11.59 -15.24
N PRO H 129 9.68 -12.59 -14.92
CA PRO H 129 11.12 -12.36 -14.94
C PRO H 129 11.54 -11.80 -16.30
N LYS H 130 12.61 -11.00 -16.31
CA LYS H 130 13.06 -10.28 -17.50
C LYS H 130 13.23 -11.30 -18.62
N PHE H 131 12.83 -10.92 -19.85
CA PHE H 131 12.98 -11.81 -20.98
C PHE H 131 14.08 -11.26 -21.87
N TYR H 132 15.02 -12.12 -22.29
CA TYR H 132 16.26 -11.66 -22.92
C TYR H 132 16.31 -12.01 -24.40
N LYS H 133 15.86 -13.21 -24.78
CA LYS H 133 15.97 -13.60 -26.17
C LYS H 133 15.13 -14.84 -26.47
N ILE H 134 14.69 -14.93 -27.72
CA ILE H 134 14.26 -16.19 -28.30
C ILE H 134 15.28 -16.59 -29.39
N LEU H 135 15.66 -17.88 -29.44
CA LEU H 135 16.76 -18.33 -30.28
C LEU H 135 16.41 -19.60 -31.06
N TYR H 136 16.81 -19.63 -32.33
CA TYR H 136 16.80 -20.85 -33.14
C TYR H 136 18.17 -21.53 -32.98
N GLU H 137 18.13 -22.85 -32.76
CA GLU H 137 19.32 -23.64 -32.52
C GLU H 137 19.23 -24.91 -33.36
N SER H 138 20.38 -25.30 -33.96
CA SER H 138 20.47 -26.45 -34.84
C SER H 138 20.65 -27.74 -34.03
N ASP H 139 20.84 -28.87 -34.74
CA ASP H 139 21.12 -30.16 -34.12
C ASP H 139 22.37 -30.76 -34.77
N PHE H 153 15.38 -12.04 -40.10
CA PHE H 153 14.01 -12.62 -40.06
C PHE H 153 13.03 -11.45 -39.86
N GLN H 154 12.15 -11.26 -40.85
CA GLN H 154 11.27 -10.10 -40.89
C GLN H 154 10.05 -10.36 -40.00
N ASP H 155 9.42 -11.52 -40.17
CA ASP H 155 8.25 -11.90 -39.39
C ASP H 155 8.36 -13.37 -39.00
N LEU H 156 7.50 -13.78 -38.06
CA LEU H 156 7.43 -15.16 -37.61
C LEU H 156 7.04 -16.13 -38.74
N ASN H 157 6.53 -15.61 -39.87
CA ASN H 157 6.27 -16.47 -41.02
C ASN H 157 7.58 -16.79 -41.73
N GLU H 158 8.44 -15.79 -41.89
CA GLU H 158 9.76 -15.96 -42.49
C GLU H 158 10.53 -17.03 -41.70
N LEU H 159 10.40 -16.99 -40.37
CA LEU H 159 10.98 -18.01 -39.51
C LEU H 159 10.41 -19.36 -39.90
N ASN H 160 9.08 -19.51 -39.77
CA ASN H 160 8.45 -20.79 -40.05
C ASN H 160 8.83 -21.28 -41.44
N ASP H 161 8.88 -20.40 -42.44
CA ASP H 161 9.32 -20.82 -43.76
C ASP H 161 10.62 -21.61 -43.64
N ILE H 162 11.61 -21.02 -42.98
CA ILE H 162 12.90 -21.66 -42.85
C ILE H 162 12.73 -22.97 -42.09
N LEU H 163 12.21 -22.90 -40.86
CA LEU H 163 12.03 -24.07 -40.01
C LEU H 163 11.36 -25.22 -40.77
N THR H 164 10.40 -24.90 -41.65
CA THR H 164 9.67 -25.89 -42.41
C THR H 164 10.57 -26.51 -43.47
N LYS H 165 11.41 -25.69 -44.12
CA LYS H 165 12.38 -26.19 -45.09
C LYS H 165 13.39 -27.11 -44.40
N LYS H 166 13.78 -26.74 -43.16
CA LYS H 166 14.72 -27.53 -42.35
C LYS H 166 14.06 -28.86 -41.95
N LEU H 167 12.80 -28.85 -41.54
CA LEU H 167 12.11 -30.05 -41.10
C LEU H 167 11.87 -31.01 -42.28
N GLU H 168 11.69 -30.44 -43.48
CA GLU H 168 11.47 -31.23 -44.69
C GLU H 168 12.74 -31.99 -45.05
N ASN H 169 13.89 -31.62 -44.44
CA ASN H 169 15.18 -32.25 -44.68
C ASN H 169 15.67 -32.97 -43.42
N ASN H 170 14.74 -33.35 -42.54
CA ASN H 170 15.04 -33.97 -41.25
C ASN H 170 16.24 -33.26 -40.59
N ILE H 171 16.08 -31.96 -40.33
CA ILE H 171 17.07 -31.17 -39.60
C ILE H 171 16.34 -30.53 -38.42
N ASN H 172 16.24 -31.26 -37.30
CA ASN H 172 15.55 -30.74 -36.14
C ASN H 172 16.44 -29.70 -35.43
N GLY H 173 15.90 -29.13 -34.37
CA GLY H 173 16.60 -28.17 -33.54
C GLY H 173 15.66 -27.72 -32.42
N ASN H 174 15.96 -26.59 -31.80
CA ASN H 174 15.10 -26.11 -30.74
C ASN H 174 14.86 -24.61 -30.89
N ILE H 175 13.74 -24.15 -30.28
CA ILE H 175 13.50 -22.74 -30.02
C ILE H 175 13.76 -22.54 -28.53
N VAL H 176 14.62 -21.57 -28.23
CA VAL H 176 15.11 -21.39 -26.88
C VAL H 176 14.59 -20.04 -26.34
N LEU H 177 13.95 -20.10 -25.17
CA LEU H 177 13.46 -18.93 -24.49
C LEU H 177 14.36 -18.63 -23.30
N ILE H 178 15.01 -17.46 -23.30
CA ILE H 178 16.01 -17.15 -22.29
C ILE H 178 15.53 -16.00 -21.40
N SER H 179 15.33 -16.31 -20.12
CA SER H 179 14.85 -15.33 -19.15
C SER H 179 15.79 -15.20 -17.98
N GLU H 180 15.61 -14.10 -17.24
CA GLU H 180 16.22 -13.95 -15.93
C GLU H 180 15.74 -15.10 -15.05
N PHE H 181 16.65 -15.59 -14.19
CA PHE H 181 16.21 -16.49 -13.14
C PHE H 181 15.89 -15.63 -11.93
N PHE H 182 14.66 -15.72 -11.44
CA PHE H 182 14.20 -14.85 -10.36
C PHE H 182 13.90 -15.68 -9.12
N GLY H 183 14.65 -15.44 -8.04
CA GLY H 183 14.28 -15.94 -6.71
C GLY H 183 14.08 -17.45 -6.66
N GLU H 184 12.95 -17.87 -6.06
CA GLU H 184 12.59 -19.26 -5.85
C GLU H 184 11.07 -19.36 -5.70
N ASN H 185 10.45 -20.43 -6.18
CA ASN H 185 9.01 -20.53 -6.14
C ASN H 185 8.51 -20.59 -4.70
N VAL H 186 7.19 -20.49 -4.54
CA VAL H 186 6.56 -20.39 -3.23
C VAL H 186 6.70 -21.71 -2.50
N PHE H 187 6.58 -22.82 -3.24
CA PHE H 187 6.75 -24.18 -2.72
C PHE H 187 8.08 -24.22 -1.98
N ASP H 188 9.14 -23.85 -2.71
CA ASP H 188 10.50 -23.88 -2.19
C ASP H 188 10.61 -22.99 -0.96
N TYR H 189 10.10 -21.74 -1.11
CA TYR H 189 10.21 -20.70 -0.10
C TYR H 189 9.71 -21.25 1.23
N ILE H 190 8.54 -21.88 1.19
CA ILE H 190 7.91 -22.33 2.42
C ILE H 190 8.76 -23.45 3.02
N LYS H 191 9.15 -24.45 2.21
CA LYS H 191 9.96 -25.56 2.69
C LYS H 191 11.20 -25.04 3.40
N ARG H 192 11.98 -24.20 2.71
CA ARG H 192 13.21 -23.61 3.23
C ARG H 192 12.98 -23.00 4.62
N LYS H 193 12.01 -22.07 4.72
CA LYS H 193 11.76 -21.36 5.96
C LYS H 193 11.51 -22.30 7.14
N LYS H 194 10.79 -23.41 6.94
CA LYS H 194 10.57 -24.43 7.97
C LYS H 194 11.83 -25.29 8.24
N ASN H 195 12.58 -25.61 7.18
CA ASN H 195 13.74 -26.50 7.25
C ASN H 195 14.89 -25.81 7.98
N THR H 196 14.78 -24.50 8.19
CA THR H 196 15.84 -23.73 8.84
C THR H 196 15.60 -23.64 10.35
N LEU H 197 14.39 -23.99 10.80
CA LEU H 197 13.95 -23.71 12.16
C LEU H 197 13.97 -24.98 13.02
N PHE H 198 14.25 -24.79 14.33
CA PHE H 198 14.36 -25.86 15.31
C PHE H 198 12.95 -26.30 15.70
N VAL H 199 12.30 -25.51 16.57
CA VAL H 199 10.88 -25.65 16.81
C VAL H 199 10.16 -25.29 15.50
N VAL H 200 9.58 -26.30 14.83
CA VAL H 200 9.02 -26.06 13.50
C VAL H 200 7.70 -25.28 13.61
N SER H 201 7.41 -24.45 12.60
CA SER H 201 6.19 -23.66 12.49
C SER H 201 5.74 -23.59 11.03
N ASP H 202 4.45 -23.32 10.78
CA ASP H 202 4.05 -22.89 9.43
C ASP H 202 4.53 -21.45 9.26
N ILE H 203 4.34 -20.91 8.06
CA ILE H 203 4.61 -19.51 7.82
C ILE H 203 3.64 -18.67 8.66
N SER H 204 4.14 -17.54 9.20
CA SER H 204 3.34 -16.62 10.00
C SER H 204 2.18 -16.07 9.17
N ASN H 205 1.02 -15.89 9.82
CA ASN H 205 -0.13 -15.30 9.16
C ASN H 205 0.28 -13.98 8.51
N GLU H 206 1.13 -13.22 9.22
CA GLU H 206 1.67 -11.98 8.71
C GLU H 206 2.29 -12.20 7.33
N ASP H 207 3.16 -13.22 7.21
CA ASP H 207 3.88 -13.51 5.99
C ASP H 207 2.91 -13.95 4.90
N LYS H 208 2.02 -14.89 5.25
CA LYS H 208 1.05 -15.43 4.30
C LYS H 208 0.38 -14.28 3.55
N LYS H 209 -0.05 -13.28 4.33
CA LYS H 209 -0.84 -12.15 3.86
C LYS H 209 -0.09 -11.33 2.82
N LYS H 210 1.21 -11.07 3.06
CA LYS H 210 2.07 -10.36 2.14
C LYS H 210 2.15 -11.09 0.79
N ILE H 211 2.12 -12.43 0.84
CA ILE H 211 2.28 -13.24 -0.37
C ILE H 211 0.97 -13.24 -1.17
N LEU H 212 -0.13 -13.51 -0.45
CA LEU H 212 -1.46 -13.54 -1.04
C LEU H 212 -1.80 -12.20 -1.68
N TYR H 213 -1.32 -11.12 -1.06
CA TYR H 213 -1.58 -9.77 -1.54
C TYR H 213 -0.85 -9.53 -2.87
N ASN H 214 0.47 -9.71 -2.87
CA ASN H 214 1.27 -9.46 -4.05
C ASN H 214 0.86 -10.36 -5.22
N SER H 215 0.30 -11.54 -4.91
CA SER H 215 -0.14 -12.44 -5.97
C SER H 215 -1.37 -11.86 -6.69
N LEU H 216 -2.35 -11.38 -5.89
CA LEU H 216 -3.55 -10.70 -6.38
C LEU H 216 -3.14 -9.48 -7.21
N ASN H 217 -2.10 -8.76 -6.76
CA ASN H 217 -1.62 -7.62 -7.50
C ASN H 217 -1.19 -8.04 -8.90
N LEU H 218 -0.45 -9.17 -8.99
CA LEU H 218 0.17 -9.66 -10.22
C LEU H 218 -0.90 -10.04 -11.23
N LEU H 219 -1.87 -10.83 -10.76
CA LEU H 219 -2.96 -11.25 -11.62
C LEU H 219 -3.70 -10.01 -12.15
N MET H 220 -4.03 -9.08 -11.24
CA MET H 220 -4.63 -7.83 -11.63
C MET H 220 -3.83 -7.16 -12.75
N ARG H 221 -2.53 -6.93 -12.52
CA ARG H 221 -1.72 -6.26 -13.52
C ARG H 221 -1.63 -7.09 -14.79
N LEU H 222 -1.61 -8.42 -14.65
CA LEU H 222 -1.57 -9.28 -15.83
C LEU H 222 -2.84 -9.10 -16.67
N HIS H 223 -4.00 -9.29 -16.02
CA HIS H 223 -5.30 -9.09 -16.65
C HIS H 223 -5.37 -7.73 -17.33
N ASN H 224 -4.89 -6.69 -16.65
CA ASN H 224 -4.86 -5.35 -17.20
C ASN H 224 -4.04 -5.28 -18.49
N ALA H 225 -2.92 -6.02 -18.54
CA ALA H 225 -2.01 -5.98 -19.68
C ALA H 225 -2.69 -6.64 -20.88
N GLY H 226 -3.67 -7.50 -20.60
CA GLY H 226 -4.53 -8.09 -21.61
C GLY H 226 -4.35 -9.61 -21.77
N LEU H 227 -3.98 -10.30 -20.69
CA LEU H 227 -3.61 -11.71 -20.75
C LEU H 227 -4.09 -12.45 -19.52
N THR H 228 -4.42 -13.73 -19.69
CA THR H 228 -4.73 -14.65 -18.61
C THR H 228 -3.48 -15.48 -18.26
N HIS H 229 -3.59 -16.28 -17.19
CA HIS H 229 -2.54 -17.17 -16.76
C HIS H 229 -3.03 -18.60 -16.93
N LEU H 230 -4.03 -18.98 -16.11
CA LEU H 230 -4.70 -20.28 -16.17
C LEU H 230 -3.74 -21.40 -15.76
N ASP H 231 -2.74 -21.07 -14.93
CA ASP H 231 -1.81 -22.04 -14.39
C ASP H 231 -1.27 -21.56 -13.05
N LEU H 232 -2.16 -21.14 -12.17
CA LEU H 232 -1.75 -20.63 -10.88
C LEU H 232 -1.53 -21.83 -9.96
N SER H 233 -0.41 -21.79 -9.25
CA SER H 233 0.03 -22.86 -8.37
C SER H 233 1.36 -22.42 -7.77
N PRO H 234 1.77 -22.95 -6.60
CA PRO H 234 2.88 -22.37 -5.87
C PRO H 234 4.18 -22.45 -6.67
N ASP H 235 4.21 -23.38 -7.64
CA ASP H 235 5.40 -23.64 -8.46
C ASP H 235 5.54 -22.60 -9.57
N ASN H 236 4.46 -21.88 -9.88
CA ASN H 236 4.46 -20.90 -10.95
C ASN H 236 4.49 -19.46 -10.45
N MET H 237 4.67 -19.30 -9.13
CA MET H 237 4.83 -17.99 -8.54
C MET H 237 6.19 -17.95 -7.86
N LEU H 238 7.03 -17.01 -8.31
CA LEU H 238 8.38 -16.85 -7.79
C LEU H 238 8.40 -15.70 -6.79
N ILE H 239 9.34 -15.73 -5.84
CA ILE H 239 9.46 -14.74 -4.77
C ILE H 239 10.93 -14.46 -4.52
N SER H 240 11.22 -13.23 -4.10
CA SER H 240 12.58 -12.80 -3.82
C SER H 240 12.79 -12.79 -2.30
N PRO H 241 14.06 -12.86 -1.84
CA PRO H 241 14.37 -12.50 -0.46
C PRO H 241 14.05 -11.04 -0.15
N LYS H 242 14.20 -10.18 -1.16
CA LYS H 242 14.03 -8.73 -1.06
C LYS H 242 12.54 -8.37 -0.99
N ASN H 243 12.04 -8.28 0.25
CA ASN H 243 10.76 -7.67 0.53
C ASN H 243 9.63 -8.33 -0.28
N TYR H 244 9.62 -9.66 -0.28
CA TYR H 244 8.52 -10.45 -0.79
C TYR H 244 8.15 -10.04 -2.21
N GLU H 245 9.14 -9.67 -3.03
CA GLU H 245 8.88 -9.17 -4.37
C GLU H 245 8.67 -10.32 -5.35
N MET H 246 7.52 -10.38 -6.02
CA MET H 246 7.08 -11.62 -6.65
C MET H 246 6.99 -11.45 -8.16
N ARG H 247 6.79 -12.58 -8.85
CA ARG H 247 6.64 -12.62 -10.29
C ARG H 247 5.80 -13.84 -10.63
N LEU H 248 5.21 -13.81 -11.82
CA LEU H 248 4.49 -14.95 -12.32
C LEU H 248 5.41 -15.64 -13.33
N CYS H 249 5.24 -16.97 -13.51
CA CYS H 249 6.05 -17.71 -14.45
C CYS H 249 5.21 -18.80 -15.11
N ASP H 250 5.73 -19.25 -16.26
CA ASP H 250 5.12 -20.24 -17.14
C ASP H 250 4.48 -19.49 -18.31
N LEU H 251 3.14 -19.38 -18.33
CA LEU H 251 2.41 -18.67 -19.37
C LEU H 251 2.27 -19.55 -20.61
N SER H 252 2.25 -20.88 -20.40
CA SER H 252 2.05 -21.84 -21.47
C SER H 252 0.58 -22.23 -21.56
N GLN H 253 -0.19 -21.85 -20.52
CA GLN H 253 -1.62 -22.10 -20.51
C GLN H 253 -2.38 -20.80 -20.79
N SER H 254 -1.63 -19.75 -21.14
CA SER H 254 -2.17 -18.40 -21.24
C SER H 254 -3.08 -18.24 -22.45
N THR H 255 -4.08 -17.34 -22.31
CA THR H 255 -4.93 -16.91 -23.42
C THR H 255 -4.93 -15.38 -23.48
N PRO H 256 -5.37 -14.77 -24.60
CA PRO H 256 -5.76 -13.38 -24.58
C PRO H 256 -7.00 -13.24 -23.70
N ILE H 257 -7.24 -12.02 -23.19
CA ILE H 257 -8.39 -11.84 -22.31
C ILE H 257 -9.52 -11.18 -23.10
N TYR H 258 -9.17 -10.58 -24.25
CA TYR H 258 -10.14 -9.92 -25.13
C TYR H 258 -10.12 -10.56 -26.51
N THR H 259 -11.29 -10.66 -27.16
CA THR H 259 -11.43 -11.16 -28.52
C THR H 259 -12.41 -10.32 -29.33
N ASN H 260 -12.25 -10.35 -30.67
CA ASN H 260 -13.17 -9.69 -31.57
C ASN H 260 -13.83 -10.73 -32.47
N LYS H 261 -13.93 -11.95 -31.94
CA LYS H 261 -14.56 -13.06 -32.63
C LYS H 261 -15.54 -13.76 -31.69
N LEU H 262 -16.71 -14.14 -32.25
CA LEU H 262 -17.71 -14.87 -31.50
C LEU H 262 -17.33 -16.35 -31.49
N ARG H 263 -17.12 -16.87 -30.28
CA ARG H 263 -16.58 -18.21 -30.09
C ARG H 263 -15.29 -18.26 -30.91
N HIS H 264 -15.31 -18.96 -32.05
CA HIS H 264 -14.11 -18.91 -32.89
C HIS H 264 -14.45 -18.64 -34.35
N LYS H 265 -15.67 -18.18 -34.65
CA LYS H 265 -16.16 -18.22 -36.01
C LYS H 265 -16.67 -16.90 -36.64
N GLU H 266 -17.09 -15.86 -35.88
CA GLU H 266 -17.70 -14.67 -36.50
C GLU H 266 -17.12 -13.35 -35.98
N LYS H 267 -16.91 -12.39 -36.91
CA LYS H 267 -16.21 -11.15 -36.60
C LYS H 267 -17.18 -10.14 -35.98
N LEU H 268 -16.82 -9.69 -34.78
CA LEU H 268 -17.59 -8.74 -33.99
C LEU H 268 -17.08 -7.33 -34.29
N ASN H 269 -17.91 -6.31 -34.02
CA ASN H 269 -17.63 -4.93 -34.39
C ASN H 269 -16.81 -4.23 -33.30
N SER H 270 -16.89 -4.74 -32.08
CA SER H 270 -15.98 -4.33 -31.03
C SER H 270 -15.62 -5.50 -30.14
N ILE H 271 -14.58 -5.30 -29.35
CA ILE H 271 -13.92 -6.26 -28.47
C ILE H 271 -14.96 -6.84 -27.51
N LYS H 272 -14.72 -8.08 -27.01
CA LYS H 272 -15.48 -8.61 -25.88
C LYS H 272 -14.59 -9.58 -25.08
N PRO H 273 -15.02 -10.09 -23.89
CA PRO H 273 -14.20 -11.04 -23.14
C PRO H 273 -14.00 -12.35 -23.89
N PHE H 274 -12.91 -13.05 -23.60
CA PHE H 274 -12.52 -14.24 -24.36
C PHE H 274 -13.03 -15.52 -23.70
N GLU H 275 -13.60 -16.39 -24.53
CA GLU H 275 -14.14 -17.64 -24.01
C GLU H 275 -13.31 -18.80 -24.59
N SER H 276 -13.04 -19.83 -23.76
CA SER H 276 -12.25 -20.99 -24.11
C SER H 276 -13.12 -22.24 -24.10
N PHE H 277 -12.81 -23.19 -25.00
CA PHE H 277 -13.45 -24.50 -25.08
C PHE H 277 -12.53 -25.61 -24.56
N GLU H 278 -11.41 -25.22 -23.93
CA GLU H 278 -10.45 -26.16 -23.38
C GLU H 278 -10.50 -26.19 -21.85
N PRO H 279 -11.30 -27.08 -21.24
CA PRO H 279 -11.43 -27.09 -19.78
C PRO H 279 -10.25 -27.63 -18.98
N CYS H 280 -9.29 -28.31 -19.65
CA CYS H 280 -8.11 -28.84 -18.98
C CYS H 280 -7.03 -27.75 -18.90
N ILE H 281 -6.99 -27.04 -17.76
CA ILE H 281 -6.09 -25.90 -17.57
C ILE H 281 -5.38 -26.02 -16.22
N GLY H 282 -4.08 -25.71 -16.20
CA GLY H 282 -3.26 -25.85 -15.00
C GLY H 282 -3.30 -27.28 -14.46
N LYS H 283 -3.26 -27.41 -13.12
CA LYS H 283 -3.34 -28.68 -12.43
C LYS H 283 -4.81 -29.05 -12.17
N ILE H 284 -5.08 -30.35 -11.95
CA ILE H 284 -6.45 -30.80 -11.72
C ILE H 284 -6.99 -30.16 -10.44
N GLU H 285 -6.09 -29.93 -9.47
CA GLU H 285 -6.51 -29.46 -8.15
C GLU H 285 -7.10 -28.06 -8.28
N TYR H 286 -6.57 -27.25 -9.22
CA TYR H 286 -6.96 -25.85 -9.38
C TYR H 286 -8.02 -25.72 -10.48
N ILE H 287 -8.50 -26.82 -11.05
CA ILE H 287 -9.43 -26.68 -12.17
C ILE H 287 -10.73 -26.14 -11.61
N PRO H 288 -11.39 -25.19 -12.32
CA PRO H 288 -12.63 -24.58 -11.88
C PRO H 288 -13.87 -25.40 -12.22
N PRO H 289 -14.98 -25.25 -11.45
CA PRO H 289 -16.13 -26.15 -11.55
C PRO H 289 -16.79 -26.14 -12.91
N GLU H 290 -16.84 -24.96 -13.52
CA GLU H 290 -17.50 -24.81 -14.81
C GLU H 290 -16.69 -25.53 -15.87
N CYS H 291 -15.38 -25.64 -15.64
CA CYS H 291 -14.52 -26.37 -16.55
C CYS H 291 -14.81 -27.88 -16.42
N TRP H 292 -15.05 -28.34 -15.18
CA TRP H 292 -15.46 -29.71 -14.95
C TRP H 292 -16.81 -30.00 -15.62
N LYS H 293 -17.77 -29.07 -15.52
CA LYS H 293 -19.05 -29.26 -16.18
C LYS H 293 -18.81 -29.50 -17.66
N ILE H 294 -17.89 -28.76 -18.26
CA ILE H 294 -17.62 -28.91 -19.68
C ILE H 294 -16.95 -30.26 -19.94
N VAL H 295 -16.02 -30.64 -19.05
CA VAL H 295 -15.34 -31.93 -19.17
C VAL H 295 -16.39 -33.02 -19.35
N TRP H 296 -17.27 -33.10 -18.35
CA TRP H 296 -18.35 -34.09 -18.36
C TRP H 296 -19.24 -33.96 -19.60
N LYS H 297 -19.40 -32.75 -20.14
CA LYS H 297 -20.24 -32.59 -21.32
C LYS H 297 -19.59 -33.32 -22.50
N TYR H 298 -18.28 -33.13 -22.67
CA TYR H 298 -17.51 -33.79 -23.72
C TYR H 298 -17.56 -35.31 -23.52
N LYS H 299 -17.27 -35.76 -22.29
CA LYS H 299 -17.24 -37.17 -21.97
C LYS H 299 -18.59 -37.80 -22.33
N MET H 300 -19.67 -37.23 -21.75
CA MET H 300 -20.98 -37.87 -21.77
C MET H 300 -21.63 -37.76 -23.14
N ASN H 301 -20.98 -37.05 -24.08
CA ASN H 301 -21.43 -37.11 -25.47
C ASN H 301 -20.42 -37.81 -26.37
N ASN H 302 -19.40 -38.44 -25.78
CA ASN H 302 -18.37 -39.15 -26.52
C ASN H 302 -17.63 -38.19 -27.45
N ILE H 303 -17.15 -37.06 -26.91
CA ILE H 303 -16.32 -36.16 -27.69
C ILE H 303 -14.90 -36.27 -27.14
N LYS H 304 -13.99 -36.79 -27.99
CA LYS H 304 -12.64 -37.13 -27.55
C LYS H 304 -11.65 -36.06 -28.02
N ASN H 305 -12.03 -35.34 -29.09
CA ASN H 305 -11.19 -34.28 -29.62
C ASN H 305 -11.98 -33.00 -29.87
N PRO H 306 -12.11 -32.12 -28.85
CA PRO H 306 -12.86 -30.86 -28.98
C PRO H 306 -12.50 -30.01 -30.20
N ILE H 307 -11.20 -29.68 -30.32
CA ILE H 307 -10.68 -28.87 -31.41
C ILE H 307 -11.26 -29.39 -32.72
N GLU H 308 -11.29 -30.72 -32.85
CA GLU H 308 -11.73 -31.34 -34.08
C GLU H 308 -13.24 -31.23 -34.23
N TYR H 309 -13.96 -31.54 -33.14
CA TYR H 309 -15.42 -31.58 -33.14
C TYR H 309 -16.01 -30.22 -33.56
N LEU H 310 -15.51 -29.15 -32.91
CA LEU H 310 -16.03 -27.79 -33.05
C LEU H 310 -15.65 -27.20 -34.40
N LYS H 311 -14.53 -27.65 -34.98
CA LYS H 311 -14.02 -27.11 -36.24
C LYS H 311 -15.17 -26.82 -37.21
N ASN H 312 -16.15 -27.73 -37.29
CA ASN H 312 -17.16 -27.70 -38.32
C ASN H 312 -18.54 -27.39 -37.73
N ILE H 313 -18.61 -26.68 -36.60
CA ILE H 313 -19.88 -26.29 -36.00
C ILE H 313 -20.04 -24.78 -36.15
N SER H 314 -21.04 -24.36 -36.95
CA SER H 314 -21.32 -22.94 -37.09
C SER H 314 -22.47 -22.52 -36.16
N ASN H 315 -23.50 -23.37 -36.01
CA ASN H 315 -24.64 -23.07 -35.16
C ASN H 315 -24.16 -22.69 -33.77
N GLN H 316 -24.36 -21.40 -33.43
CA GLN H 316 -23.71 -20.85 -32.26
C GLN H 316 -24.43 -21.27 -30.98
N GLU H 317 -25.59 -21.92 -31.13
CA GLU H 317 -26.35 -22.42 -29.98
C GLU H 317 -25.65 -23.64 -29.39
N GLU H 318 -25.15 -24.52 -30.27
CA GLU H 318 -24.35 -25.67 -29.88
C GLU H 318 -23.10 -25.17 -29.14
N ARG H 319 -22.27 -24.39 -29.84
CA ARG H 319 -20.98 -23.96 -29.32
C ARG H 319 -21.10 -23.49 -27.87
N LYS H 320 -22.14 -22.67 -27.57
CA LYS H 320 -22.37 -22.10 -26.26
C LYS H 320 -22.08 -23.13 -25.17
N LYS H 321 -22.47 -24.39 -25.41
CA LYS H 321 -22.46 -25.43 -24.40
C LYS H 321 -21.03 -25.83 -23.99
N TYR H 322 -20.02 -25.45 -24.77
CA TYR H 322 -18.68 -25.95 -24.53
C TYR H 322 -17.70 -24.82 -24.22
N TYR H 323 -18.20 -23.68 -23.70
CA TYR H 323 -17.33 -22.52 -23.50
C TYR H 323 -17.48 -21.90 -22.11
N TYR H 324 -16.38 -21.37 -21.56
CA TYR H 324 -16.37 -20.75 -20.25
C TYR H 324 -15.69 -19.38 -20.35
N ASP H 325 -15.88 -18.50 -19.34
CA ASP H 325 -15.12 -17.25 -19.36
C ASP H 325 -13.75 -17.46 -18.73
N VAL H 326 -12.70 -17.03 -19.45
CA VAL H 326 -11.31 -17.27 -19.06
C VAL H 326 -10.95 -16.47 -17.81
N SER H 327 -11.40 -15.21 -17.79
CA SER H 327 -10.96 -14.31 -16.72
C SER H 327 -11.53 -14.77 -15.38
N CYS H 328 -12.73 -15.34 -15.41
CA CYS H 328 -13.35 -15.85 -14.19
C CYS H 328 -12.64 -17.10 -13.72
N ALA H 329 -12.09 -17.83 -14.70
CA ALA H 329 -11.33 -19.04 -14.44
C ALA H 329 -10.08 -18.68 -13.64
N ASP H 330 -9.31 -17.68 -14.14
CA ASP H 330 -8.16 -17.18 -13.41
C ASP H 330 -8.53 -16.91 -11.95
N LYS H 331 -9.61 -16.14 -11.76
CA LYS H 331 -9.99 -15.71 -10.42
C LYS H 331 -10.20 -16.94 -9.54
N TYR H 332 -10.85 -17.97 -10.10
CA TYR H 332 -11.14 -19.14 -9.30
C TYR H 332 -9.85 -19.83 -8.83
N MET H 333 -8.87 -19.91 -9.74
CA MET H 333 -7.57 -20.48 -9.42
C MET H 333 -6.95 -19.74 -8.24
N LEU H 334 -6.94 -18.39 -8.32
CA LEU H 334 -6.33 -17.58 -7.28
C LEU H 334 -7.02 -17.86 -5.95
N GLY H 335 -8.31 -18.15 -6.01
CA GLY H 335 -9.05 -18.52 -4.82
C GLY H 335 -8.50 -19.79 -4.16
N ILE H 336 -8.27 -20.82 -4.99
CA ILE H 336 -7.70 -22.07 -4.51
C ILE H 336 -6.32 -21.80 -3.93
N PHE H 337 -5.52 -21.02 -4.66
CA PHE H 337 -4.22 -20.63 -4.16
C PHE H 337 -4.32 -20.07 -2.74
N PHE H 338 -5.32 -19.19 -2.52
CA PHE H 338 -5.51 -18.56 -1.22
C PHE H 338 -5.77 -19.62 -0.15
N ILE H 339 -6.69 -20.55 -0.46
CA ILE H 339 -7.10 -21.57 0.50
C ILE H 339 -5.92 -22.48 0.81
N TRP H 340 -5.17 -22.80 -0.24
CA TRP H 340 -3.98 -23.66 -0.13
C TRP H 340 -2.95 -23.02 0.78
N MET H 341 -2.75 -21.71 0.63
CA MET H 341 -1.77 -20.97 1.40
C MET H 341 -2.21 -20.83 2.86
N TRP H 342 -3.53 -20.73 3.06
CA TRP H 342 -4.02 -20.47 4.40
C TRP H 342 -4.06 -21.77 5.20
N ASN H 343 -4.54 -22.83 4.53
CA ASN H 343 -4.80 -24.10 5.17
C ASN H 343 -3.50 -24.89 5.36
N ASN H 344 -2.47 -24.56 4.56
CA ASN H 344 -1.24 -25.34 4.49
C ASN H 344 -1.60 -26.69 3.85
N GLY H 345 -2.10 -26.61 2.61
CA GLY H 345 -2.61 -27.77 1.87
C GLY H 345 -4.07 -27.62 1.47
N PHE H 346 -4.47 -28.30 0.38
CA PHE H 346 -5.82 -28.22 -0.16
C PHE H 346 -6.85 -28.60 0.89
N ILE H 347 -8.12 -28.25 0.65
CA ILE H 347 -9.22 -28.73 1.48
C ILE H 347 -10.03 -29.77 0.72
N TRP H 348 -10.36 -29.44 -0.55
CA TRP H 348 -10.87 -30.41 -1.50
C TRP H 348 -9.86 -30.57 -2.63
N LYS H 349 -9.92 -31.72 -3.32
CA LYS H 349 -8.86 -32.19 -4.18
C LYS H 349 -9.20 -31.89 -5.65
N CYS H 350 -10.49 -31.81 -5.96
CA CYS H 350 -10.92 -31.24 -7.22
C CYS H 350 -12.27 -30.55 -7.03
N SER H 351 -12.53 -29.55 -7.89
CA SER H 351 -13.74 -28.74 -7.79
C SER H 351 -14.88 -29.38 -8.60
N ASP H 352 -15.11 -30.67 -8.37
CA ASP H 352 -16.10 -31.42 -9.13
C ASP H 352 -16.98 -32.24 -8.18
N PRO H 353 -18.25 -31.84 -7.95
CA PRO H 353 -19.06 -32.47 -6.91
C PRO H 353 -19.36 -33.95 -7.20
N ILE H 354 -19.13 -34.35 -8.46
CA ILE H 354 -19.34 -35.74 -8.85
C ILE H 354 -18.26 -36.62 -8.21
N GLN H 355 -17.05 -36.07 -8.06
CA GLN H 355 -15.87 -36.81 -7.67
C GLN H 355 -15.33 -36.36 -6.32
N ASP H 356 -16.02 -35.45 -5.60
CA ASP H 356 -15.44 -34.94 -4.37
C ASP H 356 -16.51 -34.53 -3.37
N LYS H 357 -16.74 -35.38 -2.35
CA LYS H 357 -17.73 -35.20 -1.31
C LYS H 357 -17.50 -33.88 -0.56
N ILE H 358 -16.22 -33.53 -0.37
CA ILE H 358 -15.89 -32.32 0.36
C ILE H 358 -16.39 -31.11 -0.44
N PHE H 359 -16.09 -31.08 -1.75
CA PHE H 359 -16.52 -30.00 -2.61
C PHE H 359 -18.05 -29.86 -2.57
N GLU H 360 -18.75 -30.99 -2.54
CA GLU H 360 -20.19 -30.98 -2.57
C GLU H 360 -20.74 -30.33 -1.31
N ILE H 361 -19.99 -30.41 -0.20
CA ILE H 361 -20.39 -29.78 1.04
C ILE H 361 -20.16 -28.28 0.93
N PHE H 362 -19.03 -27.93 0.31
CA PHE H 362 -18.74 -26.55 0.00
C PHE H 362 -19.94 -25.94 -0.73
N MET H 363 -20.49 -26.68 -1.68
CA MET H 363 -21.61 -26.22 -2.50
C MET H 363 -22.92 -26.29 -1.73
N LYS H 364 -23.08 -27.32 -0.88
CA LYS H 364 -24.31 -27.48 -0.10
C LYS H 364 -24.42 -26.32 0.88
N SER H 365 -23.37 -25.48 0.95
CA SER H 365 -23.38 -24.24 1.70
C SER H 365 -23.03 -23.06 0.80
N ASN H 366 -23.50 -23.10 -0.45
CA ASN H 366 -23.44 -21.99 -1.40
C ASN H 366 -22.05 -21.33 -1.42
N MET H 367 -21.01 -22.17 -1.47
CA MET H 367 -19.64 -21.74 -1.65
C MET H 367 -19.30 -20.60 -0.69
N ASP H 368 -19.67 -20.77 0.59
CA ASP H 368 -19.61 -19.69 1.57
C ASP H 368 -18.77 -20.14 2.76
N LEU H 369 -17.53 -19.64 2.81
CA LEU H 369 -16.51 -20.14 3.72
C LEU H 369 -16.93 -19.94 5.18
N ASN H 370 -17.84 -18.99 5.42
CA ASN H 370 -18.29 -18.72 6.79
C ASN H 370 -19.29 -19.77 7.23
N LYS H 371 -20.21 -20.15 6.32
CA LYS H 371 -21.18 -21.19 6.59
C LYS H 371 -20.60 -22.58 6.30
N PHE H 372 -19.34 -22.65 5.84
CA PHE H 372 -18.68 -23.92 5.57
C PHE H 372 -18.06 -24.44 6.86
N ILE H 373 -18.24 -25.75 7.10
CA ILE H 373 -17.54 -26.41 8.18
C ILE H 373 -16.09 -26.50 7.71
N MET H 374 -15.15 -26.33 8.63
CA MET H 374 -13.73 -26.44 8.28
C MET H 374 -13.15 -25.14 7.73
N THR H 375 -13.96 -24.08 7.58
CA THR H 375 -13.41 -22.74 7.48
C THR H 375 -14.15 -21.80 8.43
N LYS H 376 -15.08 -22.35 9.23
CA LYS H 376 -15.93 -21.56 10.12
C LYS H 376 -15.07 -20.80 11.13
N SER H 377 -14.01 -21.44 11.65
CA SER H 377 -13.15 -20.83 12.64
C SER H 377 -11.98 -20.05 12.01
N TRP H 378 -12.15 -19.60 10.76
CA TRP H 378 -11.17 -18.73 10.12
C TRP H 378 -11.60 -17.26 10.27
N PRO H 379 -10.69 -16.30 10.04
CA PRO H 379 -11.05 -14.88 10.03
C PRO H 379 -12.24 -14.58 9.12
N HIS H 380 -13.31 -14.02 9.73
CA HIS H 380 -14.55 -13.68 9.03
C HIS H 380 -14.23 -12.92 7.75
N GLU H 381 -13.31 -11.96 7.87
CA GLU H 381 -13.07 -11.02 6.77
C GLU H 381 -12.36 -11.72 5.62
N LEU H 382 -11.45 -12.67 5.94
CA LEU H 382 -10.67 -13.38 4.94
C LEU H 382 -11.59 -14.29 4.13
N ASN H 383 -12.41 -15.05 4.84
CA ASN H 383 -13.41 -15.92 4.23
C ASN H 383 -14.24 -15.14 3.22
N ASN H 384 -14.68 -13.96 3.65
CA ASN H 384 -15.46 -13.10 2.78
C ASN H 384 -14.62 -12.77 1.54
N LEU H 385 -13.36 -12.40 1.73
CA LEU H 385 -12.50 -12.06 0.61
C LEU H 385 -12.46 -13.21 -0.39
N ILE H 386 -12.22 -14.43 0.11
CA ILE H 386 -12.01 -15.59 -0.74
C ILE H 386 -13.29 -15.90 -1.52
N ASN H 387 -14.44 -15.74 -0.86
CA ASN H 387 -15.74 -15.99 -1.47
C ASN H 387 -15.89 -15.24 -2.78
N LYS H 388 -15.20 -14.10 -2.92
CA LYS H 388 -15.39 -13.18 -4.04
C LYS H 388 -14.43 -13.50 -5.18
N LEU H 389 -13.63 -14.59 -4.99
CA LEU H 389 -12.79 -15.15 -6.02
C LEU H 389 -13.36 -16.51 -6.45
N LEU H 390 -14.32 -17.05 -5.68
CA LEU H 390 -14.76 -18.43 -5.87
C LEU H 390 -16.13 -18.49 -6.53
N HIS H 391 -17.17 -18.02 -5.82
CA HIS H 391 -18.54 -18.05 -6.31
C HIS H 391 -18.65 -17.31 -7.63
N MET H 392 -19.47 -17.81 -8.57
CA MET H 392 -19.50 -17.29 -9.93
C MET H 392 -20.20 -15.92 -10.03
N GLU H 393 -21.24 -15.67 -9.22
CA GLU H 393 -21.87 -14.35 -9.24
C GLU H 393 -20.78 -13.33 -8.94
N HIS H 394 -19.97 -13.56 -7.89
CA HIS H 394 -18.93 -12.64 -7.50
C HIS H 394 -17.90 -12.52 -8.63
N ARG H 395 -17.39 -13.65 -9.12
CA ARG H 395 -16.39 -13.66 -10.17
C ARG H 395 -16.82 -12.80 -11.36
N LYS H 396 -18.07 -12.97 -11.78
CA LYS H 396 -18.61 -12.18 -12.88
C LYS H 396 -18.63 -10.68 -12.54
N THR H 397 -18.92 -10.33 -11.27
CA THR H 397 -19.21 -8.95 -10.91
C THR H 397 -18.00 -8.27 -10.27
N VAL H 398 -17.39 -8.88 -9.24
CA VAL H 398 -16.41 -8.18 -8.43
C VAL H 398 -15.07 -8.08 -9.17
N LYS H 399 -14.57 -6.86 -9.31
CA LYS H 399 -13.31 -6.54 -9.97
C LYS H 399 -12.15 -6.84 -9.02
N LEU H 400 -10.95 -7.09 -9.58
CA LEU H 400 -9.77 -7.38 -8.79
C LEU H 400 -9.23 -6.12 -8.12
N SER H 401 -9.32 -4.98 -8.81
CA SER H 401 -8.96 -3.67 -8.24
C SER H 401 -9.71 -3.34 -6.94
N ASP H 402 -10.94 -3.86 -6.80
CA ASP H 402 -11.73 -3.60 -5.61
C ASP H 402 -11.41 -4.62 -4.52
N LEU H 403 -10.98 -5.83 -4.92
CA LEU H 403 -10.57 -6.87 -3.99
C LEU H 403 -9.24 -6.49 -3.33
N SER H 404 -8.39 -5.79 -4.10
CA SER H 404 -7.13 -5.31 -3.57
C SER H 404 -7.31 -4.25 -2.48
N ARG H 405 -8.51 -3.64 -2.37
CA ARG H 405 -8.79 -2.66 -1.33
C ARG H 405 -9.76 -3.22 -0.29
N HIS H 406 -9.91 -4.54 -0.25
CA HIS H 406 -10.84 -5.22 0.63
C HIS H 406 -10.50 -4.96 2.10
N PRO H 407 -11.50 -4.84 3.00
CA PRO H 407 -11.26 -4.65 4.44
C PRO H 407 -10.17 -5.49 5.09
N TRP H 408 -10.02 -6.77 4.69
CA TRP H 408 -9.16 -7.71 5.42
C TRP H 408 -7.68 -7.32 5.33
N TRP H 409 -7.29 -6.68 4.21
CA TRP H 409 -5.93 -6.24 3.96
C TRP H 409 -5.45 -5.23 4.99
N SER H 410 -6.33 -4.83 5.91
CA SER H 410 -6.02 -3.80 6.90
C SER H 410 -6.22 -4.34 8.30
N SER H 411 -7.42 -4.85 8.58
CA SER H 411 -7.78 -5.40 9.90
C SER H 411 -6.64 -6.26 10.43
N LYS H 412 -6.36 -6.17 11.74
CA LYS H 412 -5.21 -6.84 12.36
C LYS H 412 -3.96 -6.65 11.48
N GLU I 2 -64.20 2.26 -2.07
CA GLU I 2 -64.13 0.77 -2.13
C GLU I 2 -64.83 0.30 -3.40
N GLN I 3 -64.31 -0.81 -3.97
CA GLN I 3 -65.01 -1.56 -5.02
C GLN I 3 -65.70 -2.79 -4.43
N LEU I 4 -65.44 -3.07 -3.14
CA LEU I 4 -66.14 -4.13 -2.43
C LEU I 4 -67.07 -3.49 -1.41
N VAL I 5 -68.31 -4.00 -1.35
CA VAL I 5 -69.38 -3.40 -0.57
C VAL I 5 -70.15 -4.50 0.13
N GLU I 6 -70.05 -4.56 1.47
CA GLU I 6 -70.67 -5.62 2.24
C GLU I 6 -72.10 -5.25 2.66
N SER I 7 -72.82 -6.25 3.17
CA SER I 7 -74.12 -6.07 3.80
C SER I 7 -74.49 -7.38 4.52
N GLY I 8 -75.45 -7.29 5.42
CA GLY I 8 -75.99 -8.50 6.02
C GLY I 8 -75.49 -8.72 7.45
N GLY I 9 -74.62 -7.82 7.93
CA GLY I 9 -74.11 -7.92 9.29
C GLY I 9 -75.21 -7.69 10.32
N GLY I 10 -74.93 -8.04 11.59
CA GLY I 10 -75.92 -7.85 12.64
C GLY I 10 -75.70 -8.74 13.85
N LEU I 11 -76.70 -8.70 14.74
CA LEU I 11 -76.69 -9.46 15.99
C LEU I 11 -77.57 -10.69 15.83
N VAL I 12 -77.09 -11.84 16.32
CA VAL I 12 -77.84 -13.09 16.25
C VAL I 12 -77.67 -13.86 17.55
N GLN I 13 -78.66 -14.70 17.87
CA GLN I 13 -78.62 -15.53 19.06
C GLN I 13 -77.68 -16.71 18.81
N ALA I 14 -76.97 -17.15 19.85
CA ALA I 14 -76.02 -18.25 19.76
C ALA I 14 -76.73 -19.53 19.33
N GLY I 15 -76.60 -19.90 18.05
CA GLY I 15 -77.30 -21.04 17.48
C GLY I 15 -77.87 -20.68 16.12
N GLY I 16 -78.38 -19.44 16.03
CA GLY I 16 -79.07 -18.95 14.85
C GLY I 16 -78.11 -18.70 13.70
N SER I 17 -78.60 -17.98 12.68
CA SER I 17 -77.89 -17.82 11.42
C SER I 17 -77.77 -16.33 11.06
N LEU I 18 -76.91 -16.06 10.08
CA LEU I 18 -76.79 -14.77 9.43
C LEU I 18 -76.22 -15.03 8.05
N THR I 19 -76.36 -14.08 7.12
CA THR I 19 -75.86 -14.28 5.77
C THR I 19 -75.42 -12.94 5.20
N LEU I 20 -74.17 -12.89 4.73
CA LEU I 20 -73.51 -11.67 4.29
C LEU I 20 -73.41 -11.65 2.78
N SER I 21 -73.76 -10.51 2.17
CA SER I 21 -73.48 -10.28 0.76
C SER I 21 -72.15 -9.55 0.68
N CYS I 22 -71.51 -9.63 -0.49
CA CYS I 22 -70.47 -8.70 -0.87
C CYS I 22 -70.52 -8.52 -2.38
N ALA I 23 -70.98 -7.35 -2.83
CA ALA I 23 -71.10 -7.09 -4.25
C ALA I 23 -69.88 -6.31 -4.71
N SER I 24 -69.63 -6.37 -6.02
CA SER I 24 -68.47 -5.74 -6.62
C SER I 24 -68.90 -5.25 -8.00
N SER I 25 -68.98 -3.93 -8.13
CA SER I 25 -69.55 -3.34 -9.32
C SER I 25 -68.48 -3.30 -10.40
N GLY I 26 -68.96 -3.41 -11.65
CA GLY I 26 -68.11 -3.53 -12.83
C GLY I 26 -67.99 -4.99 -13.24
N GLY I 27 -67.34 -5.22 -14.39
CA GLY I 27 -66.98 -6.54 -14.85
C GLY I 27 -65.46 -6.69 -14.89
N THR I 28 -64.80 -6.25 -13.82
CA THR I 28 -63.34 -6.28 -13.72
C THR I 28 -62.92 -7.44 -12.84
N PHE I 29 -63.73 -7.75 -11.80
CA PHE I 29 -63.43 -8.82 -10.87
C PHE I 29 -64.04 -10.13 -11.37
N GLU I 30 -64.32 -10.21 -12.67
CA GLU I 30 -64.87 -11.42 -13.22
C GLU I 30 -63.85 -12.56 -13.21
N THR I 31 -62.56 -12.21 -13.16
CA THR I 31 -61.48 -13.18 -13.18
C THR I 31 -60.92 -13.34 -11.76
N TYR I 32 -61.37 -12.50 -10.83
CA TYR I 32 -60.85 -12.49 -9.46
C TYR I 32 -61.67 -13.47 -8.63
N ALA I 33 -61.03 -14.09 -7.64
CA ALA I 33 -61.74 -14.87 -6.63
C ALA I 33 -62.19 -13.89 -5.56
N MET I 34 -63.17 -14.31 -4.76
CA MET I 34 -63.75 -13.46 -3.71
C MET I 34 -63.98 -14.29 -2.46
N GLY I 35 -63.89 -13.66 -1.29
CA GLY I 35 -64.03 -14.40 -0.04
C GLY I 35 -64.04 -13.50 1.19
N TRP I 36 -63.79 -14.11 2.35
CA TRP I 36 -64.08 -13.50 3.64
C TRP I 36 -62.95 -13.80 4.61
N PHE I 37 -62.55 -12.76 5.36
CA PHE I 37 -61.67 -12.89 6.49
C PHE I 37 -62.43 -12.44 7.72
N ARG I 38 -61.82 -12.51 8.91
CA ARG I 38 -62.50 -11.99 10.08
C ARG I 38 -61.50 -11.50 11.11
N GLN I 39 -61.89 -10.47 11.88
CA GLN I 39 -61.02 -9.87 12.89
C GLN I 39 -61.79 -9.59 14.18
N ALA I 40 -61.24 -10.07 15.32
CA ALA I 40 -61.77 -9.77 16.64
C ALA I 40 -60.83 -8.81 17.38
N PRO I 41 -61.34 -8.05 18.39
CA PRO I 41 -60.48 -7.22 19.22
C PRO I 41 -59.24 -7.95 19.71
N GLY I 42 -58.06 -7.48 19.29
CA GLY I 42 -56.79 -8.09 19.66
C GLY I 42 -56.25 -9.01 18.57
N LYS I 43 -57.10 -9.96 18.14
CA LYS I 43 -56.76 -11.00 17.17
C LYS I 43 -56.28 -10.38 15.86
N GLU I 44 -55.46 -11.13 15.12
CA GLU I 44 -55.09 -10.75 13.76
C GLU I 44 -56.17 -11.23 12.78
N ARG I 45 -56.32 -10.51 11.66
CA ARG I 45 -57.27 -10.86 10.62
C ARG I 45 -56.98 -12.26 10.05
N GLU I 46 -57.97 -13.15 10.12
CA GLU I 46 -57.83 -14.55 9.75
C GLU I 46 -58.83 -14.95 8.67
N PHE I 47 -58.48 -15.96 7.86
CA PHE I 47 -59.24 -16.35 6.67
C PHE I 47 -60.50 -17.08 7.08
N ALA I 48 -61.61 -16.83 6.37
CA ALA I 48 -62.87 -17.50 6.69
C ALA I 48 -63.29 -18.43 5.55
N ALA I 49 -63.37 -17.91 4.33
CA ALA I 49 -63.81 -18.71 3.19
C ALA I 49 -63.52 -17.93 1.91
N ALA I 50 -63.65 -18.58 0.75
CA ALA I 50 -63.38 -17.98 -0.55
C ALA I 50 -63.91 -18.87 -1.67
N VAL I 51 -64.10 -18.27 -2.86
CA VAL I 51 -64.66 -19.01 -3.98
C VAL I 51 -63.98 -18.53 -5.27
N SER I 52 -63.86 -19.47 -6.24
CA SER I 52 -63.15 -19.25 -7.48
C SER I 52 -63.87 -18.23 -8.34
N TRP I 53 -63.17 -17.71 -9.35
CA TRP I 53 -63.75 -16.74 -10.27
C TRP I 53 -64.94 -17.35 -10.99
N SER I 54 -64.83 -18.64 -11.33
CA SER I 54 -65.89 -19.35 -12.02
C SER I 54 -67.08 -19.58 -11.07
N GLY I 55 -66.80 -19.50 -9.77
CA GLY I 55 -67.76 -19.79 -8.72
C GLY I 55 -67.97 -21.30 -8.59
N GLY I 56 -66.97 -22.08 -9.02
CA GLY I 56 -67.08 -23.53 -9.13
C GLY I 56 -66.42 -24.28 -7.97
N SER I 57 -65.43 -23.64 -7.32
CA SER I 57 -64.69 -24.25 -6.24
C SER I 57 -64.55 -23.26 -5.08
N ALA I 58 -64.65 -23.78 -3.84
CA ALA I 58 -64.55 -22.96 -2.65
C ALA I 58 -63.85 -23.73 -1.53
N HIS I 59 -63.19 -23.00 -0.62
CA HIS I 59 -62.60 -23.67 0.53
C HIS I 59 -62.84 -22.84 1.80
N TYR I 60 -62.68 -23.50 2.97
CA TYR I 60 -63.07 -22.93 4.24
C TYR I 60 -61.91 -23.03 5.23
N ALA I 61 -61.94 -22.21 6.29
CA ALA I 61 -61.04 -22.38 7.42
C ALA I 61 -61.47 -23.63 8.18
N ASP I 62 -60.54 -24.18 8.97
CA ASP I 62 -60.81 -25.43 9.66
C ASP I 62 -61.96 -25.23 10.65
N SER I 63 -62.00 -24.04 11.25
CA SER I 63 -62.86 -23.74 12.38
C SER I 63 -64.30 -23.46 11.97
N VAL I 64 -64.60 -23.42 10.67
CA VAL I 64 -65.97 -23.17 10.21
C VAL I 64 -66.36 -24.20 9.15
N LYS I 65 -65.57 -25.29 9.09
CA LYS I 65 -65.56 -26.18 7.95
C LYS I 65 -66.94 -26.80 7.71
N GLY I 66 -67.78 -26.87 8.74
CA GLY I 66 -69.08 -27.52 8.60
C GLY I 66 -70.25 -26.54 8.54
N ARG I 67 -70.10 -25.40 9.21
CA ARG I 67 -71.20 -24.52 9.54
C ARG I 67 -71.48 -23.58 8.36
N PHE I 68 -70.43 -22.99 7.78
CA PHE I 68 -70.56 -21.94 6.78
C PHE I 68 -70.38 -22.51 5.37
N THR I 69 -71.07 -21.89 4.40
CA THR I 69 -70.91 -22.20 2.99
C THR I 69 -71.00 -20.91 2.17
N ILE I 70 -70.20 -20.79 1.10
CA ILE I 70 -70.10 -19.56 0.33
C ILE I 70 -70.53 -19.86 -1.11
N SER I 71 -71.12 -18.87 -1.79
CA SER I 71 -71.58 -19.07 -3.15
C SER I 71 -71.49 -17.76 -3.92
N ARG I 72 -71.68 -17.80 -5.24
CA ARG I 72 -71.36 -16.66 -6.08
C ARG I 72 -72.37 -16.56 -7.22
N ASP I 73 -72.84 -15.34 -7.51
CA ASP I 73 -73.91 -15.12 -8.47
C ASP I 73 -73.41 -15.38 -9.89
N LYS I 74 -74.30 -15.97 -10.71
CA LYS I 74 -73.97 -16.43 -12.05
C LYS I 74 -73.60 -15.26 -12.95
N VAL I 75 -74.02 -14.03 -12.59
CA VAL I 75 -73.98 -12.90 -13.50
C VAL I 75 -73.19 -11.74 -12.91
N LYS I 76 -73.47 -11.39 -11.65
CA LYS I 76 -72.81 -10.25 -11.01
C LYS I 76 -71.72 -10.77 -10.10
N ASN I 77 -70.62 -10.03 -9.96
CA ASN I 77 -69.54 -10.43 -9.08
C ASN I 77 -69.92 -10.15 -7.62
N THR I 78 -70.74 -11.03 -7.05
CA THR I 78 -71.28 -10.86 -5.72
C THR I 78 -71.29 -12.23 -5.04
N VAL I 79 -70.88 -12.29 -3.78
CA VAL I 79 -70.73 -13.56 -3.09
C VAL I 79 -71.55 -13.54 -1.81
N TYR I 80 -71.92 -14.74 -1.32
CA TYR I 80 -72.79 -14.87 -0.18
C TYR I 80 -72.21 -15.87 0.81
N LEU I 81 -72.00 -15.44 2.06
CA LEU I 81 -71.47 -16.30 3.09
C LEU I 81 -72.57 -16.70 4.08
N GLN I 82 -73.24 -17.82 3.81
CA GLN I 82 -74.26 -18.36 4.69
C GLN I 82 -73.61 -18.91 5.97
N MET I 83 -74.03 -18.38 7.12
CA MET I 83 -73.45 -18.78 8.40
C MET I 83 -74.53 -19.40 9.27
N ASN I 84 -74.31 -20.65 9.73
CA ASN I 84 -75.25 -21.35 10.61
C ASN I 84 -74.51 -21.79 11.87
N SER I 85 -75.27 -22.08 12.93
CA SER I 85 -74.76 -22.63 14.18
C SER I 85 -73.76 -21.66 14.81
N LEU I 86 -74.01 -20.35 14.69
CA LEU I 86 -73.06 -19.33 15.06
C LEU I 86 -72.76 -19.40 16.56
N LYS I 87 -71.46 -19.34 16.89
CA LYS I 87 -70.99 -19.48 18.26
C LYS I 87 -70.48 -18.13 18.75
N PRO I 88 -70.33 -17.92 20.07
CA PRO I 88 -69.74 -16.69 20.61
C PRO I 88 -68.32 -16.39 20.12
N GLU I 89 -67.61 -17.44 19.67
CA GLU I 89 -66.26 -17.30 19.16
C GLU I 89 -66.27 -16.95 17.67
N ASP I 90 -67.47 -16.69 17.13
CA ASP I 90 -67.59 -16.27 15.73
C ASP I 90 -67.82 -14.76 15.65
N THR I 91 -67.99 -14.11 16.80
CA THR I 91 -68.14 -12.66 16.88
C THR I 91 -66.86 -11.99 16.35
N ALA I 92 -67.00 -11.25 15.25
CA ALA I 92 -65.89 -10.54 14.65
C ALA I 92 -66.40 -9.62 13.54
N VAL I 93 -65.49 -8.81 12.97
CA VAL I 93 -65.78 -8.01 11.79
C VAL I 93 -65.35 -8.81 10.56
N TYR I 94 -66.31 -9.12 9.69
CA TYR I 94 -66.06 -9.93 8.51
C TYR I 94 -65.70 -9.02 7.36
N TYR I 95 -64.51 -9.24 6.77
CA TYR I 95 -64.00 -8.42 5.69
C TYR I 95 -64.02 -9.20 4.38
N CYS I 96 -64.76 -8.68 3.40
CA CYS I 96 -64.77 -9.21 2.05
C CYS I 96 -63.48 -8.83 1.34
N ALA I 97 -62.92 -9.77 0.57
CA ALA I 97 -61.67 -9.56 -0.17
C ALA I 97 -61.81 -10.11 -1.58
N ALA I 98 -61.05 -9.52 -2.51
CA ALA I 98 -61.04 -9.99 -3.88
C ALA I 98 -59.60 -10.09 -4.38
N ASP I 99 -59.27 -11.20 -5.06
CA ASP I 99 -57.91 -11.40 -5.55
C ASP I 99 -57.92 -12.27 -6.81
N ARG I 100 -56.85 -12.14 -7.61
CA ARG I 100 -56.65 -12.99 -8.78
C ARG I 100 -56.19 -14.40 -8.37
N SER I 101 -55.44 -14.51 -7.28
CA SER I 101 -55.03 -15.81 -6.79
C SER I 101 -56.22 -16.50 -6.13
N TYR I 102 -56.35 -17.81 -6.38
CA TYR I 102 -57.27 -18.67 -5.66
C TYR I 102 -56.46 -19.67 -4.83
N GLY I 103 -57.09 -20.23 -3.81
CA GLY I 103 -56.47 -21.30 -3.05
C GLY I 103 -55.86 -20.80 -1.75
N SER I 104 -54.92 -21.59 -1.18
CA SER I 104 -54.43 -21.35 0.16
C SER I 104 -53.31 -20.30 0.19
N SER I 105 -53.02 -19.76 -1.00
CA SER I 105 -52.21 -18.56 -1.13
C SER I 105 -52.79 -17.46 -0.24
N TRP I 106 -54.10 -17.52 0.02
CA TRP I 106 -54.79 -16.54 0.83
C TRP I 106 -54.36 -16.61 2.30
N TYR I 107 -53.89 -17.78 2.73
CA TYR I 107 -53.41 -17.93 4.09
C TYR I 107 -51.97 -17.41 4.22
N HIS I 108 -51.27 -17.21 3.08
CA HIS I 108 -49.84 -16.97 3.10
C HIS I 108 -49.50 -15.54 2.67
N TYR I 109 -50.21 -15.04 1.65
CA TYR I 109 -50.05 -13.66 1.21
C TYR I 109 -50.24 -12.72 2.40
N PRO I 110 -49.37 -11.70 2.60
CA PRO I 110 -49.57 -10.72 3.66
C PRO I 110 -50.74 -9.80 3.34
N GLU I 111 -51.31 -9.16 4.38
CA GLU I 111 -52.62 -8.54 4.26
C GLU I 111 -52.63 -7.52 3.13
N ASP I 112 -51.59 -6.67 3.09
CA ASP I 112 -51.59 -5.54 2.19
C ASP I 112 -51.38 -5.99 0.74
N ALA I 113 -51.39 -7.29 0.50
CA ALA I 113 -51.02 -7.81 -0.81
C ALA I 113 -52.25 -8.16 -1.63
N LEU I 114 -53.38 -8.47 -0.97
CA LEU I 114 -54.55 -8.95 -1.70
C LEU I 114 -55.07 -7.80 -2.55
N ASP I 115 -55.56 -8.09 -3.75
CA ASP I 115 -55.86 -7.08 -4.76
C ASP I 115 -56.83 -6.02 -4.24
N ALA I 116 -57.77 -6.43 -3.38
CA ALA I 116 -58.87 -5.55 -3.02
C ALA I 116 -59.55 -5.99 -1.72
N TRP I 117 -59.84 -5.01 -0.88
CA TRP I 117 -60.49 -5.23 0.41
C TRP I 117 -61.76 -4.40 0.56
N GLY I 118 -62.65 -4.88 1.44
CA GLY I 118 -63.85 -4.17 1.82
C GLY I 118 -63.65 -3.41 3.14
N GLN I 119 -64.72 -2.71 3.55
CA GLN I 119 -64.65 -1.81 4.70
C GLN I 119 -64.95 -2.58 5.98
N GLY I 120 -65.84 -3.57 5.88
CA GLY I 120 -66.14 -4.44 7.02
C GLY I 120 -67.63 -4.40 7.38
N THR I 121 -68.09 -5.39 8.15
CA THR I 121 -69.42 -5.42 8.76
C THR I 121 -69.33 -6.18 10.08
N GLN I 122 -69.88 -5.62 11.16
CA GLN I 122 -69.80 -6.24 12.47
C GLN I 122 -70.80 -7.40 12.52
N VAL I 123 -70.40 -8.49 13.17
CA VAL I 123 -71.31 -9.57 13.54
C VAL I 123 -71.13 -9.82 15.03
N THR I 124 -72.23 -9.79 15.78
CA THR I 124 -72.21 -10.01 17.22
C THR I 124 -73.16 -11.18 17.52
N VAL I 125 -72.81 -11.95 18.57
CA VAL I 125 -73.43 -13.24 18.82
C VAL I 125 -73.60 -13.42 20.34
N SER I 126 -74.86 -13.36 20.79
CA SER I 126 -75.18 -13.36 22.21
C SER I 126 -75.78 -14.72 22.60
N GLN J 3 2.83 -47.75 -2.27
CA GLN J 3 3.54 -46.44 -2.25
C GLN J 3 4.00 -46.15 -0.82
N LEU J 4 3.27 -46.68 0.18
CA LEU J 4 3.55 -46.42 1.58
C LEU J 4 4.09 -47.70 2.21
N VAL J 5 5.15 -47.56 3.01
CA VAL J 5 5.86 -48.69 3.60
C VAL J 5 6.15 -48.36 5.06
N GLU J 6 5.54 -49.11 5.98
CA GLU J 6 5.69 -48.83 7.40
C GLU J 6 6.85 -49.63 8.00
N SER J 7 7.22 -49.27 9.22
CA SER J 7 8.19 -50.02 10.02
C SER J 7 8.17 -49.49 11.45
N GLY J 8 8.75 -50.25 12.38
CA GLY J 8 8.89 -49.80 13.75
C GLY J 8 7.84 -50.41 14.68
N GLY J 9 7.01 -51.31 14.12
CA GLY J 9 6.00 -52.00 14.92
C GLY J 9 6.64 -52.98 15.91
N GLY J 10 5.85 -53.47 16.86
CA GLY J 10 6.32 -54.49 17.79
C GLY J 10 5.60 -54.44 19.14
N LEU J 11 6.20 -55.13 20.13
CA LEU J 11 5.67 -55.23 21.48
C LEU J 11 6.41 -54.25 22.39
N VAL J 12 5.67 -53.56 23.25
CA VAL J 12 6.25 -52.56 24.16
C VAL J 12 5.55 -52.67 25.51
N GLN J 13 6.30 -52.42 26.58
CA GLN J 13 5.76 -52.49 27.93
C GLN J 13 4.95 -51.22 28.19
N ALA J 14 3.90 -51.35 28.99
CA ALA J 14 3.02 -50.24 29.34
C ALA J 14 3.81 -49.16 30.08
N GLY J 15 4.15 -48.09 29.35
CA GLY J 15 4.98 -47.03 29.87
C GLY J 15 5.98 -46.55 28.84
N SER J 17 8.12 -46.52 25.28
CA SER J 17 7.99 -45.75 24.02
C SER J 17 8.20 -46.67 22.83
N LEU J 18 7.79 -46.18 21.65
CA LEU J 18 7.99 -46.85 20.38
C LEU J 18 7.87 -45.77 19.32
N THR J 19 8.37 -46.03 18.10
CA THR J 19 8.37 -45.02 17.06
C THR J 19 8.26 -45.71 15.71
N LEU J 20 7.29 -45.25 14.92
CA LEU J 20 6.95 -45.83 13.63
C LEU J 20 7.45 -44.92 12.49
N SER J 21 8.11 -45.50 11.49
CA SER J 21 8.41 -44.80 10.26
C SER J 21 7.29 -45.09 9.28
N CYS J 22 7.15 -44.21 8.29
CA CYS J 22 6.42 -44.53 7.08
C CYS J 22 7.06 -43.78 5.92
N ALA J 23 7.77 -44.51 5.08
CA ALA J 23 8.48 -43.88 3.97
C ALA J 23 7.63 -44.01 2.71
N SER J 24 7.93 -43.14 1.76
CA SER J 24 7.27 -43.10 0.48
C SER J 24 8.31 -42.72 -0.56
N SER J 25 8.64 -43.67 -1.43
CA SER J 25 9.74 -43.46 -2.35
C SER J 25 9.24 -42.67 -3.54
N GLY J 26 10.15 -41.85 -4.10
CA GLY J 26 9.82 -40.90 -5.15
C GLY J 26 9.57 -39.50 -4.58
N GLY J 27 9.34 -38.56 -5.50
CA GLY J 27 9.05 -37.19 -5.18
C GLY J 27 7.64 -36.82 -5.67
N THR J 28 6.67 -37.71 -5.44
CA THR J 28 5.31 -37.52 -5.93
C THR J 28 4.42 -37.03 -4.79
N PHE J 29 4.68 -37.50 -3.57
CA PHE J 29 3.94 -37.15 -2.38
C PHE J 29 4.54 -35.92 -1.71
N GLU J 30 5.33 -35.15 -2.47
CA GLU J 30 5.94 -33.96 -1.90
C GLU J 30 4.89 -32.88 -1.61
N THR J 31 3.73 -32.97 -2.28
CA THR J 31 2.68 -31.99 -2.07
C THR J 31 1.59 -32.58 -1.18
N TYR J 32 1.67 -33.88 -0.88
CA TYR J 32 0.65 -34.60 -0.13
C TYR J 32 0.98 -34.48 1.36
N ALA J 33 -0.05 -34.50 2.19
CA ALA J 33 0.12 -34.64 3.63
C ALA J 33 0.22 -36.13 3.94
N MET J 34 0.74 -36.45 5.13
CA MET J 34 0.86 -37.84 5.54
C MET J 34 0.46 -37.99 7.01
N GLY J 35 -0.03 -39.17 7.39
CA GLY J 35 -0.42 -39.40 8.76
C GLY J 35 -0.68 -40.88 9.11
N TRP J 36 -1.33 -41.09 10.25
CA TRP J 36 -1.55 -42.43 10.78
C TRP J 36 -3.00 -42.61 11.23
N PHE J 37 -3.48 -43.87 11.24
CA PHE J 37 -4.79 -44.21 11.78
C PHE J 37 -4.57 -45.43 12.66
N ARG J 38 -5.55 -45.80 13.51
CA ARG J 38 -5.38 -46.93 14.42
C ARG J 38 -6.60 -47.85 14.32
N GLN J 39 -6.37 -49.17 14.09
CA GLN J 39 -7.48 -50.13 14.09
C GLN J 39 -7.21 -51.13 15.21
N ALA J 40 -7.99 -51.04 16.30
CA ALA J 40 -7.79 -51.85 17.50
C ALA J 40 -8.36 -53.25 17.30
N PRO J 41 -8.02 -54.25 18.15
CA PRO J 41 -8.61 -55.58 18.05
C PRO J 41 -10.12 -55.58 17.82
N ARG J 45 -11.37 -47.92 12.71
CA ARG J 45 -10.70 -46.87 11.89
C ARG J 45 -10.71 -45.57 12.69
N GLU J 46 -9.62 -45.31 13.44
CA GLU J 46 -9.50 -44.12 14.28
C GLU J 46 -8.34 -43.26 13.79
N PHE J 47 -8.63 -42.05 13.27
CA PHE J 47 -7.53 -41.14 12.93
C PHE J 47 -6.61 -41.00 14.13
N ALA J 48 -5.30 -40.93 13.87
CA ALA J 48 -4.31 -40.81 14.94
C ALA J 48 -3.61 -39.46 14.86
N ALA J 49 -3.04 -39.16 13.68
CA ALA J 49 -2.29 -37.93 13.53
C ALA J 49 -2.03 -37.72 12.04
N ALA J 50 -1.51 -36.53 11.70
CA ALA J 50 -1.18 -36.16 10.33
C ALA J 50 -0.33 -34.89 10.30
N VAL J 51 0.37 -34.66 9.19
CA VAL J 51 1.27 -33.53 9.07
C VAL J 51 1.23 -32.99 7.65
N SER J 52 1.43 -31.67 7.51
CA SER J 52 1.31 -30.94 6.26
C SER J 52 2.43 -31.35 5.31
N TRP J 53 2.26 -31.02 4.02
CA TRP J 53 3.25 -31.33 3.01
C TRP J 53 4.58 -30.66 3.34
N SER J 54 4.52 -29.45 3.87
CA SER J 54 5.70 -28.69 4.23
C SER J 54 6.36 -29.30 5.48
N GLY J 55 5.56 -30.10 6.22
CA GLY J 55 5.99 -30.68 7.48
C GLY J 55 5.99 -29.62 8.59
N GLY J 56 5.17 -28.57 8.42
CA GLY J 56 5.18 -27.42 9.30
C GLY J 56 4.02 -27.41 10.29
N SER J 57 2.92 -28.08 9.94
CA SER J 57 1.74 -28.11 10.80
C SER J 57 1.21 -29.54 10.92
N ALA J 58 0.77 -29.92 12.12
CA ALA J 58 0.28 -31.25 12.41
C ALA J 58 -0.89 -31.21 13.40
N HIS J 59 -1.77 -32.21 13.34
CA HIS J 59 -2.85 -32.29 14.31
C HIS J 59 -3.05 -33.73 14.77
N TYR J 60 -3.72 -33.90 15.91
CA TYR J 60 -3.77 -35.16 16.62
C TYR J 60 -5.21 -35.52 16.98
N ALA J 61 -5.47 -36.81 17.24
CA ALA J 61 -6.71 -37.23 17.86
C ALA J 61 -6.71 -36.77 19.31
N ASP J 62 -7.91 -36.63 19.89
CA ASP J 62 -8.00 -36.10 21.24
C ASP J 62 -7.35 -37.08 22.22
N SER J 63 -7.44 -38.37 21.90
CA SER J 63 -7.05 -39.45 22.80
C SER J 63 -5.53 -39.67 22.84
N VAL J 64 -4.77 -38.97 22.02
CA VAL J 64 -3.30 -39.09 22.02
C VAL J 64 -2.71 -37.68 21.92
N LYS J 65 -3.45 -36.70 22.43
CA LYS J 65 -3.13 -35.30 22.18
C LYS J 65 -1.84 -34.91 22.88
N GLY J 66 -1.48 -35.60 23.98
CA GLY J 66 -0.31 -35.20 24.77
C GLY J 66 0.90 -36.12 24.55
N ARG J 67 0.63 -37.39 24.29
CA ARG J 67 1.62 -38.44 24.34
C ARG J 67 2.43 -38.49 23.03
N PHE J 68 1.72 -38.41 21.90
CA PHE J 68 2.37 -38.68 20.61
C PHE J 68 2.62 -37.39 19.86
N THR J 69 3.68 -37.41 19.04
CA THR J 69 4.02 -36.30 18.17
C THR J 69 4.53 -36.87 16.84
N ILE J 70 4.18 -36.21 15.73
CA ILE J 70 4.54 -36.69 14.41
C ILE J 70 5.46 -35.67 13.75
N SER J 71 6.37 -36.12 12.90
CA SER J 71 7.30 -35.22 12.24
C SER J 71 7.62 -35.77 10.84
N ARG J 72 8.27 -34.94 10.02
CA ARG J 72 8.49 -35.30 8.62
C ARG J 72 9.90 -34.90 8.21
N ASP J 73 10.52 -35.72 7.36
CA ASP J 73 11.89 -35.49 6.92
C ASP J 73 11.91 -34.34 5.92
N LYS J 74 13.00 -33.55 6.01
CA LYS J 74 13.19 -32.30 5.29
C LYS J 74 13.31 -32.55 3.79
N VAL J 75 13.59 -33.79 3.38
CA VAL J 75 13.99 -34.09 2.01
C VAL J 75 13.13 -35.23 1.45
N LYS J 76 13.02 -36.33 2.20
CA LYS J 76 12.36 -37.53 1.72
C LYS J 76 10.97 -37.59 2.36
N ASN J 77 9.99 -38.10 1.60
CA ASN J 77 8.61 -38.12 2.06
C ASN J 77 8.41 -39.27 3.05
N THR J 78 8.85 -39.05 4.28
CA THR J 78 8.85 -40.08 5.32
C THR J 78 8.45 -39.40 6.62
N VAL J 79 7.55 -40.05 7.38
CA VAL J 79 7.03 -39.44 8.59
C VAL J 79 7.31 -40.35 9.77
N TYR J 80 7.35 -39.77 10.96
CA TYR J 80 7.70 -40.51 12.17
C TYR J 80 6.68 -40.21 13.26
N LEU J 81 6.08 -41.27 13.80
CA LEU J 81 5.11 -41.13 14.88
C LEU J 81 5.73 -41.57 16.20
N GLN J 82 6.33 -40.63 16.93
CA GLN J 82 6.92 -40.88 18.23
C GLN J 82 5.79 -41.09 19.26
N MET J 83 5.79 -42.27 19.90
CA MET J 83 4.78 -42.61 20.89
C MET J 83 5.43 -42.78 22.25
N ASN J 84 4.92 -42.03 23.26
CA ASN J 84 5.40 -42.13 24.63
C ASN J 84 4.23 -42.44 25.55
N SER J 85 4.54 -43.00 26.73
CA SER J 85 3.55 -43.31 27.76
C SER J 85 2.52 -44.30 27.23
N LEU J 86 2.95 -45.23 26.37
CA LEU J 86 2.06 -46.10 25.61
C LEU J 86 1.26 -46.98 26.57
N LYS J 87 -0.05 -47.06 26.35
CA LYS J 87 -0.96 -47.71 27.26
C LYS J 87 -1.50 -48.97 26.59
N PRO J 88 -2.10 -49.91 27.37
CA PRO J 88 -2.76 -51.08 26.79
C PRO J 88 -3.90 -50.76 25.83
N GLU J 89 -4.43 -49.54 25.93
CA GLU J 89 -5.52 -49.10 25.07
C GLU J 89 -4.96 -48.68 23.71
N ASP J 90 -3.64 -48.51 23.61
CA ASP J 90 -3.06 -48.04 22.36
C ASP J 90 -2.81 -49.22 21.41
N THR J 91 -3.01 -50.45 21.91
CA THR J 91 -2.80 -51.66 21.11
C THR J 91 -3.72 -51.66 19.88
N ALA J 92 -3.11 -51.58 18.70
CA ALA J 92 -3.86 -51.58 17.45
C ALA J 92 -2.90 -51.75 16.28
N VAL J 93 -3.43 -51.84 15.06
CA VAL J 93 -2.61 -51.88 13.85
C VAL J 93 -2.60 -50.48 13.25
N TYR J 94 -1.42 -49.84 13.18
CA TYR J 94 -1.34 -48.45 12.75
C TYR J 94 -1.15 -48.39 11.24
N TYR J 95 -2.05 -47.67 10.54
CA TYR J 95 -2.02 -47.56 9.09
C TYR J 95 -1.56 -46.16 8.67
N CYS J 96 -0.45 -46.10 7.93
CA CYS J 96 0.03 -44.86 7.33
C CYS J 96 -0.84 -44.50 6.13
N ALA J 97 -1.12 -43.20 5.96
CA ALA J 97 -1.93 -42.71 4.85
C ALA J 97 -1.30 -41.46 4.25
N ALA J 98 -1.56 -41.20 2.96
CA ALA J 98 -1.09 -39.99 2.32
C ALA J 98 -2.21 -39.38 1.48
N ASP J 99 -2.36 -38.04 1.55
CA ASP J 99 -3.41 -37.36 0.81
C ASP J 99 -2.99 -35.92 0.48
N ARG J 100 -3.60 -35.33 -0.56
CA ARG J 100 -3.35 -33.94 -0.92
C ARG J 100 -4.06 -32.98 0.04
N SER J 101 -5.23 -33.39 0.56
CA SER J 101 -5.97 -32.58 1.51
C SER J 101 -5.24 -32.63 2.86
N TYR J 102 -5.19 -31.46 3.54
CA TYR J 102 -4.70 -31.38 4.91
C TYR J 102 -5.87 -30.96 5.81
N GLY J 103 -5.77 -31.25 7.11
CA GLY J 103 -6.71 -30.73 8.09
C GLY J 103 -7.79 -31.73 8.45
N SER J 104 -8.96 -31.20 8.82
CA SER J 104 -10.07 -32.01 9.31
C SER J 104 -10.88 -32.61 8.16
N SER J 105 -10.46 -32.32 6.91
CA SER J 105 -11.05 -33.01 5.78
C SER J 105 -10.83 -34.52 5.93
N TRP J 106 -9.81 -34.89 6.71
CA TRP J 106 -9.49 -36.29 6.97
C TRP J 106 -10.59 -36.96 7.81
N TYR J 107 -11.31 -36.16 8.62
CA TYR J 107 -12.40 -36.68 9.43
C TYR J 107 -13.68 -36.82 8.60
N HIS J 108 -13.72 -36.21 7.40
CA HIS J 108 -14.96 -36.11 6.63
C HIS J 108 -14.91 -36.98 5.37
N TYR J 109 -13.73 -37.05 4.75
CA TYR J 109 -13.51 -37.93 3.61
C TYR J 109 -13.85 -39.36 4.00
N PRO J 110 -14.42 -40.19 3.08
CA PRO J 110 -14.53 -41.62 3.31
C PRO J 110 -13.16 -42.30 3.28
N GLU J 111 -13.04 -43.50 3.87
CA GLU J 111 -11.77 -44.22 3.89
C GLU J 111 -11.27 -44.44 2.47
N ASP J 112 -12.18 -44.88 1.60
CA ASP J 112 -11.86 -45.32 0.26
C ASP J 112 -11.32 -44.19 -0.60
N ALA J 113 -11.31 -42.97 -0.05
CA ALA J 113 -11.15 -41.79 -0.89
C ALA J 113 -9.72 -41.24 -0.80
N LEU J 114 -9.05 -41.51 0.34
CA LEU J 114 -7.74 -40.91 0.60
C LEU J 114 -6.77 -41.43 -0.46
N ASP J 115 -5.86 -40.57 -0.91
CA ASP J 115 -5.09 -40.81 -2.12
C ASP J 115 -4.29 -42.12 -2.03
N ALA J 116 -3.83 -42.49 -0.82
CA ALA J 116 -2.92 -43.61 -0.69
C ALA J 116 -2.87 -44.14 0.75
N TRP J 117 -2.84 -45.48 0.87
CA TRP J 117 -2.80 -46.19 2.14
C TRP J 117 -1.61 -47.15 2.20
N GLY J 118 -1.20 -47.49 3.44
CA GLY J 118 -0.19 -48.50 3.70
C GLY J 118 -0.81 -49.87 3.99
N GLN J 119 0.06 -50.85 4.31
CA GLN J 119 -0.38 -52.22 4.53
C GLN J 119 -0.75 -52.40 6.00
N GLY J 120 -0.05 -51.72 6.90
CA GLY J 120 -0.28 -51.82 8.33
C GLY J 120 0.93 -52.35 9.08
N THR J 121 0.98 -52.12 10.41
CA THR J 121 1.98 -52.71 11.31
C THR J 121 1.34 -52.90 12.69
N GLN J 122 1.49 -54.09 13.27
CA GLN J 122 0.89 -54.36 14.57
C GLN J 122 1.71 -53.69 15.66
N VAL J 123 1.01 -53.14 16.68
CA VAL J 123 1.64 -52.74 17.92
C VAL J 123 0.86 -53.39 19.06
N THR J 124 1.59 -54.11 19.92
CA THR J 124 0.99 -54.77 21.08
C THR J 124 1.65 -54.23 22.35
N VAL J 125 0.85 -54.11 23.40
CA VAL J 125 1.22 -53.42 24.63
C VAL J 125 0.50 -54.11 25.78
N SER J 126 1.26 -54.80 26.67
CA SER J 126 0.69 -55.46 27.82
C SER J 126 0.93 -54.64 29.09
N SER J 127 -0.13 -54.42 29.87
CA SER J 127 -0.11 -53.58 31.06
C SER J 127 0.69 -54.27 32.17
N VAL K 2 -44.95 0.46 9.37
CA VAL K 2 -43.52 0.28 9.79
C VAL K 2 -42.78 1.63 9.65
N GLN K 3 -41.94 1.93 10.65
CA GLN K 3 -41.06 3.09 10.60
C GLN K 3 -39.63 2.55 10.58
N LEU K 4 -38.76 3.24 9.83
CA LEU K 4 -37.38 2.84 9.60
C LEU K 4 -36.43 3.88 10.21
N VAL K 5 -35.30 3.40 10.76
CA VAL K 5 -34.20 4.25 11.25
C VAL K 5 -32.87 3.76 10.67
N GLU K 6 -32.15 4.62 9.96
CA GLU K 6 -30.81 4.30 9.51
C GLU K 6 -29.80 4.45 10.66
N SER K 7 -28.59 3.96 10.42
CA SER K 7 -27.44 4.25 11.27
C SER K 7 -26.16 3.81 10.56
N GLY K 8 -25.02 4.17 11.16
CA GLY K 8 -23.72 3.60 10.80
C GLY K 8 -23.11 4.26 9.57
N GLY K 9 -23.44 5.53 9.33
CA GLY K 9 -22.81 6.28 8.27
C GLY K 9 -21.55 6.97 8.77
N GLY K 10 -21.05 7.91 7.97
CA GLY K 10 -19.89 8.71 8.35
C GLY K 10 -19.16 9.23 7.12
N SER K 11 -17.94 9.71 7.35
CA SER K 11 -17.02 10.06 6.28
C SER K 11 -15.84 9.11 6.34
N VAL K 12 -15.54 8.49 5.21
CA VAL K 12 -14.39 7.61 5.09
C VAL K 12 -13.50 8.17 3.99
N GLN K 13 -12.31 7.56 3.81
CA GLN K 13 -11.45 7.89 2.69
C GLN K 13 -11.84 6.94 1.55
N ALA K 14 -11.38 7.23 0.33
CA ALA K 14 -11.50 6.30 -0.79
C ALA K 14 -10.96 4.93 -0.42
N GLY K 15 -11.60 3.90 -0.94
CA GLY K 15 -11.20 2.52 -0.76
C GLY K 15 -11.61 1.97 0.60
N GLY K 16 -12.15 2.83 1.46
CA GLY K 16 -12.61 2.44 2.78
C GLY K 16 -13.96 1.72 2.66
N SER K 17 -14.49 1.32 3.82
CA SER K 17 -15.65 0.49 3.86
C SER K 17 -16.53 0.95 5.01
N LEU K 18 -17.81 0.59 4.92
CA LEU K 18 -18.83 1.09 5.83
C LEU K 18 -20.02 0.15 5.75
N ARG K 19 -20.66 -0.10 6.91
CA ARG K 19 -21.85 -0.95 6.97
C ARG K 19 -23.01 -0.17 7.59
N LEU K 20 -23.95 0.27 6.72
CA LEU K 20 -25.18 0.92 7.14
C LEU K 20 -26.10 -0.13 7.74
N SER K 21 -26.79 0.24 8.82
CA SER K 21 -27.80 -0.60 9.45
C SER K 21 -29.15 0.11 9.36
N CYS K 22 -30.22 -0.59 9.72
CA CYS K 22 -31.58 -0.08 9.59
C CYS K 22 -32.50 -0.92 10.47
N ALA K 23 -33.06 -0.29 11.52
CA ALA K 23 -33.96 -0.95 12.42
C ALA K 23 -35.39 -0.73 11.92
N ALA K 24 -36.15 -1.83 11.86
CA ALA K 24 -37.51 -1.84 11.40
C ALA K 24 -38.41 -2.02 12.62
N SER K 25 -39.20 -0.98 12.94
CA SER K 25 -40.23 -1.06 13.97
C SER K 25 -41.61 -0.93 13.33
N GLY K 26 -42.45 -1.95 13.51
CA GLY K 26 -43.79 -1.95 12.95
C GLY K 26 -44.32 -3.38 12.83
N ARG K 27 -44.98 -3.65 11.69
CA ARG K 27 -45.49 -4.97 11.33
C ARG K 27 -44.34 -5.97 11.27
N THR K 28 -44.69 -7.25 11.08
CA THR K 28 -43.71 -8.31 10.89
C THR K 28 -42.77 -7.97 9.72
N PHE K 29 -41.50 -8.36 9.85
CA PHE K 29 -40.50 -7.95 8.87
C PHE K 29 -40.60 -8.82 7.62
N SER K 30 -40.88 -10.12 7.85
CA SER K 30 -41.05 -11.14 6.84
C SER K 30 -41.94 -10.67 5.69
N SER K 31 -42.81 -9.70 5.97
CA SER K 31 -43.89 -9.36 5.05
C SER K 31 -43.57 -8.11 4.24
N TYR K 32 -42.29 -7.74 4.15
CA TYR K 32 -41.90 -6.64 3.28
C TYR K 32 -40.52 -6.85 2.66
N SER K 33 -40.45 -6.86 1.32
CA SER K 33 -39.17 -6.70 0.61
C SER K 33 -38.59 -5.36 1.02
N MET K 34 -37.26 -5.31 1.20
CA MET K 34 -36.60 -4.12 1.67
C MET K 34 -35.76 -3.55 0.53
N ALA K 35 -35.07 -2.42 0.76
CA ALA K 35 -34.28 -1.77 -0.27
C ALA K 35 -33.40 -0.67 0.31
N TRP K 36 -32.51 -0.15 -0.55
CA TRP K 36 -31.69 1.01 -0.25
C TRP K 36 -31.66 1.88 -1.50
N PHE K 37 -31.83 3.21 -1.31
CA PHE K 37 -31.60 4.18 -2.38
C PHE K 37 -30.73 5.29 -1.82
N ARG K 38 -30.11 6.07 -2.72
CA ARG K 38 -29.23 7.14 -2.27
C ARG K 38 -29.67 8.43 -2.91
N GLN K 39 -29.29 9.58 -2.31
CA GLN K 39 -29.62 10.89 -2.82
C GLN K 39 -28.38 11.77 -2.71
N ALA K 40 -27.75 12.10 -3.84
CA ALA K 40 -26.61 13.01 -3.86
C ALA K 40 -27.05 14.43 -4.19
N PRO K 41 -26.76 15.45 -3.34
CA PRO K 41 -27.38 16.76 -3.49
C PRO K 41 -27.52 17.26 -4.93
N GLY K 42 -26.52 17.01 -5.80
CA GLY K 42 -26.55 17.55 -7.14
C GLY K 42 -27.63 16.93 -8.03
N LYS K 43 -27.78 15.60 -7.95
CA LYS K 43 -28.47 14.80 -8.94
C LYS K 43 -29.82 14.31 -8.40
N GLU K 44 -30.54 13.53 -9.22
CA GLU K 44 -31.81 12.92 -8.85
C GLU K 44 -31.57 11.55 -8.21
N ARG K 45 -32.64 11.00 -7.61
CA ARG K 45 -32.59 9.80 -6.79
C ARG K 45 -31.96 8.66 -7.58
N GLU K 46 -31.18 7.84 -6.85
CA GLU K 46 -30.56 6.64 -7.40
C GLU K 46 -30.94 5.43 -6.56
N ASN K 47 -31.61 4.46 -7.20
CA ASN K 47 -31.92 3.21 -6.56
C ASN K 47 -30.61 2.42 -6.48
N VAL K 48 -30.37 1.77 -5.35
CA VAL K 48 -29.06 1.18 -5.13
C VAL K 48 -29.18 -0.33 -4.99
N ALA K 49 -30.22 -0.80 -4.31
CA ALA K 49 -30.32 -2.19 -3.93
C ALA K 49 -31.77 -2.53 -3.58
N VAL K 50 -32.16 -3.78 -3.82
CA VAL K 50 -33.45 -4.32 -3.43
C VAL K 50 -33.25 -5.78 -3.02
N ILE K 51 -33.95 -6.21 -1.97
CA ILE K 51 -33.85 -7.58 -1.52
C ILE K 51 -35.26 -8.13 -1.34
N SER K 52 -35.43 -9.44 -1.59
CA SER K 52 -36.72 -10.09 -1.51
C SER K 52 -37.14 -10.25 -0.05
N TRP K 53 -38.34 -10.84 0.14
CA TRP K 53 -39.02 -10.90 1.43
C TRP K 53 -38.17 -11.67 2.44
N SER K 54 -37.72 -12.85 2.03
CA SER K 54 -36.91 -13.71 2.88
C SER K 54 -35.42 -13.40 2.70
N GLY K 55 -35.02 -12.98 1.49
CA GLY K 55 -33.61 -12.71 1.24
C GLY K 55 -33.05 -13.47 0.04
N SER K 56 -33.85 -14.36 -0.57
CA SER K 56 -33.43 -15.10 -1.74
C SER K 56 -32.83 -14.18 -2.82
N THR K 57 -33.62 -13.29 -3.39
CA THR K 57 -33.20 -12.52 -4.56
C THR K 57 -32.78 -11.11 -4.16
N SER K 58 -31.72 -10.57 -4.81
CA SER K 58 -31.21 -9.23 -4.57
C SER K 58 -30.80 -8.60 -5.90
N TYR K 59 -30.96 -7.29 -6.07
CA TYR K 59 -30.59 -6.64 -7.31
C TYR K 59 -29.86 -5.35 -7.00
N TYR K 60 -29.11 -4.83 -7.97
CA TYR K 60 -28.18 -3.75 -7.72
C TYR K 60 -28.03 -2.89 -8.98
N ALA K 61 -27.94 -1.57 -8.78
CA ALA K 61 -27.52 -0.68 -9.85
C ALA K 61 -26.08 -0.99 -10.19
N GLU K 62 -25.72 -0.83 -11.47
CA GLU K 62 -24.42 -1.23 -11.95
C GLU K 62 -23.34 -0.28 -11.46
N SER K 63 -23.73 0.73 -10.68
CA SER K 63 -22.77 1.69 -10.18
C SER K 63 -22.23 1.23 -8.82
N VAL K 64 -22.77 0.10 -8.30
CA VAL K 64 -22.35 -0.40 -7.00
C VAL K 64 -22.22 -1.94 -7.00
N LYS K 65 -22.33 -2.56 -8.17
CA LYS K 65 -22.48 -4.02 -8.23
C LYS K 65 -21.12 -4.67 -7.94
N GLY K 66 -21.10 -5.50 -6.90
CA GLY K 66 -19.88 -6.18 -6.49
C GLY K 66 -18.90 -5.20 -5.85
N ARG K 67 -19.47 -4.16 -5.23
CA ARG K 67 -18.80 -3.38 -4.20
C ARG K 67 -19.72 -3.38 -2.98
N PHE K 68 -21.01 -3.08 -3.19
CA PHE K 68 -22.01 -3.04 -2.14
C PHE K 68 -22.77 -4.37 -2.12
N THR K 69 -23.29 -4.76 -0.96
CA THR K 69 -24.15 -5.94 -0.84
C THR K 69 -25.22 -5.70 0.23
N ILE K 70 -26.47 -6.03 -0.12
CA ILE K 70 -27.61 -5.85 0.76
C ILE K 70 -27.98 -7.19 1.39
N SER K 71 -28.09 -7.21 2.72
CA SER K 71 -28.49 -8.40 3.47
C SER K 71 -29.53 -8.05 4.53
N ARG K 72 -30.12 -9.07 5.17
CA ARG K 72 -31.18 -8.87 6.16
C ARG K 72 -31.28 -10.02 7.16
N ASP K 73 -31.61 -9.69 8.43
CA ASP K 73 -31.85 -10.67 9.49
C ASP K 73 -33.27 -10.50 10.00
N ASN K 74 -34.13 -11.49 9.71
CA ASN K 74 -35.56 -11.37 9.96
C ASN K 74 -35.92 -11.75 11.40
N ALA K 75 -34.97 -12.31 12.15
CA ALA K 75 -35.21 -12.56 13.55
C ALA K 75 -34.85 -11.31 14.38
N LYS K 76 -33.98 -10.47 13.82
CA LYS K 76 -33.50 -9.27 14.51
C LYS K 76 -33.97 -8.01 13.79
N ASN K 77 -34.87 -8.15 12.79
CA ASN K 77 -35.51 -7.03 12.13
C ASN K 77 -34.48 -5.97 11.68
N THR K 78 -33.60 -6.34 10.76
CA THR K 78 -32.58 -5.41 10.30
C THR K 78 -32.31 -5.64 8.82
N VAL K 79 -31.97 -4.54 8.13
CA VAL K 79 -31.40 -4.59 6.78
C VAL K 79 -30.02 -3.96 6.88
N TYR K 80 -29.09 -4.50 6.07
CA TYR K 80 -27.73 -3.97 5.99
C TYR K 80 -27.44 -3.59 4.55
N LEU K 81 -26.50 -2.64 4.41
CA LEU K 81 -25.86 -2.37 3.14
C LEU K 81 -24.37 -2.25 3.42
N GLN K 82 -23.66 -3.38 3.27
CA GLN K 82 -22.22 -3.45 3.31
C GLN K 82 -21.66 -2.79 2.06
N MET K 83 -20.82 -1.77 2.24
CA MET K 83 -20.35 -0.93 1.15
C MET K 83 -18.83 -0.89 1.22
N ASN K 84 -18.17 -1.37 0.15
CA ASN K 84 -16.72 -1.56 0.12
C ASN K 84 -16.14 -0.85 -1.09
N SER K 85 -14.81 -0.64 -1.05
CA SER K 85 -14.12 -0.01 -2.15
C SER K 85 -14.81 1.31 -2.51
N LEU K 86 -15.20 2.07 -1.48
CA LEU K 86 -15.99 3.30 -1.62
C LEU K 86 -15.23 4.29 -2.49
N LYS K 87 -15.98 5.04 -3.29
CA LYS K 87 -15.39 6.06 -4.15
C LYS K 87 -16.01 7.42 -3.82
N PRO K 88 -15.39 8.55 -4.22
CA PRO K 88 -15.98 9.87 -3.97
C PRO K 88 -17.39 10.00 -4.52
N GLU K 89 -17.66 9.47 -5.72
CA GLU K 89 -18.96 9.60 -6.35
C GLU K 89 -20.05 8.83 -5.60
N ASP K 90 -19.69 8.17 -4.50
CA ASP K 90 -20.65 7.46 -3.67
C ASP K 90 -21.09 8.34 -2.49
N THR K 91 -20.62 9.60 -2.47
CA THR K 91 -21.05 10.61 -1.51
C THR K 91 -22.53 10.92 -1.75
N ALA K 92 -23.35 10.68 -0.71
CA ALA K 92 -24.79 10.85 -0.82
C ALA K 92 -25.47 10.51 0.51
N VAL K 93 -26.78 10.78 0.60
CA VAL K 93 -27.58 10.37 1.74
C VAL K 93 -28.24 9.04 1.40
N TYR K 94 -28.05 8.05 2.28
CA TYR K 94 -28.54 6.72 2.01
C TYR K 94 -29.84 6.51 2.77
N TYR K 95 -30.88 6.01 2.06
CA TYR K 95 -32.19 5.76 2.66
C TYR K 95 -32.52 4.27 2.62
N CYS K 96 -32.77 3.72 3.82
CA CYS K 96 -33.42 2.44 4.01
C CYS K 96 -34.88 2.56 3.53
N ALA K 97 -35.50 1.46 3.05
CA ALA K 97 -36.82 1.52 2.43
C ALA K 97 -37.60 0.22 2.65
N ALA K 98 -38.90 0.26 2.37
CA ALA K 98 -39.80 -0.88 2.54
C ALA K 98 -40.82 -0.96 1.41
N GLY K 99 -41.05 -2.18 0.91
CA GLY K 99 -42.02 -2.49 -0.13
C GLY K 99 -41.69 -1.82 -1.47
N PRO K 100 -40.55 -2.12 -2.12
CA PRO K 100 -40.33 -1.66 -3.49
C PRO K 100 -41.32 -2.30 -4.46
N ARG K 101 -41.78 -1.52 -5.47
CA ARG K 101 -42.64 -2.00 -6.53
C ARG K 101 -42.32 -1.28 -7.85
N THR K 102 -42.63 -1.92 -8.98
CA THR K 102 -42.62 -1.30 -10.30
C THR K 102 -43.56 -2.06 -11.23
N THR K 103 -43.81 -1.42 -12.36
CA THR K 103 -44.67 -1.94 -13.40
C THR K 103 -43.74 -2.54 -14.44
N PRO K 104 -44.21 -3.53 -15.23
CA PRO K 104 -43.38 -4.13 -16.28
C PRO K 104 -42.99 -3.15 -17.38
N GLN K 105 -43.69 -2.03 -17.46
CA GLN K 105 -43.41 -0.99 -18.44
C GLN K 105 -42.16 -0.25 -18.02
N ALA K 106 -41.33 0.13 -19.02
CA ALA K 106 -39.99 0.65 -18.76
C ALA K 106 -40.05 2.11 -18.35
N MET K 107 -41.17 2.75 -18.72
CA MET K 107 -41.38 4.17 -18.50
C MET K 107 -41.65 4.48 -17.03
N GLY K 108 -41.98 3.45 -16.24
CA GLY K 108 -42.30 3.58 -14.82
C GLY K 108 -41.06 3.82 -13.96
N ALA K 109 -41.23 3.72 -12.65
CA ALA K 109 -40.20 4.10 -11.69
C ALA K 109 -40.38 3.34 -10.38
N VAL K 110 -39.39 3.39 -9.48
CA VAL K 110 -39.34 2.46 -8.36
C VAL K 110 -39.93 3.14 -7.12
N GLU K 111 -41.16 2.73 -6.75
CA GLU K 111 -41.91 3.38 -5.68
C GLU K 111 -41.81 2.54 -4.40
N TYR K 112 -41.29 3.13 -3.32
CA TYR K 112 -41.22 2.44 -2.03
C TYR K 112 -42.46 2.82 -1.23
N ASP K 113 -42.86 1.98 -0.28
CA ASP K 113 -44.01 2.24 0.57
C ASP K 113 -43.64 3.07 1.79
N TYR K 114 -42.36 3.00 2.20
CA TYR K 114 -41.84 3.66 3.38
C TYR K 114 -40.35 3.93 3.17
N TRP K 115 -39.78 4.91 3.87
CA TRP K 115 -38.35 5.15 3.91
C TRP K 115 -38.00 5.98 5.14
N GLY K 116 -36.93 5.62 5.84
CA GLY K 116 -36.51 6.33 7.04
C GLY K 116 -35.86 7.69 6.72
N GLN K 117 -35.24 8.29 7.75
CA GLN K 117 -34.75 9.65 7.72
C GLN K 117 -33.52 9.78 6.81
N GLY K 118 -32.71 8.69 6.75
CA GLY K 118 -31.49 8.67 5.97
C GLY K 118 -30.24 8.85 6.84
N THR K 119 -29.07 8.50 6.27
CA THR K 119 -27.76 8.74 6.88
C THR K 119 -26.82 9.26 5.81
N GLN K 120 -25.91 10.16 6.20
CA GLN K 120 -24.95 10.73 5.27
C GLN K 120 -23.74 9.80 5.15
N VAL K 121 -23.22 9.68 3.92
CA VAL K 121 -21.95 9.07 3.68
C VAL K 121 -21.15 10.01 2.77
N THR K 122 -20.04 10.53 3.30
CA THR K 122 -19.11 11.33 2.52
C THR K 122 -17.86 10.48 2.27
N VAL K 123 -17.10 10.75 1.18
CA VAL K 123 -15.97 9.92 0.78
C VAL K 123 -14.91 10.82 0.17
N SER K 124 -13.71 10.85 0.77
CA SER K 124 -12.57 11.64 0.32
C SER K 124 -12.04 11.22 -1.05
N SER K 125 -11.30 12.15 -1.67
CA SER K 125 -10.64 11.95 -2.97
C SER K 125 -9.17 11.51 -2.80
N GLU L 6 -30.86 -54.72 -9.92
CA GLU L 6 -31.43 -54.02 -11.11
C GLU L 6 -32.82 -54.59 -11.38
N SER L 7 -33.72 -53.76 -11.94
CA SER L 7 -35.10 -54.14 -12.17
C SER L 7 -35.81 -53.04 -12.96
N GLY L 8 -37.05 -53.34 -13.36
CA GLY L 8 -37.96 -52.36 -13.90
C GLY L 8 -37.84 -52.18 -15.42
N GLY L 9 -37.23 -53.13 -16.12
CA GLY L 9 -37.09 -52.98 -17.56
C GLY L 9 -38.28 -53.57 -18.31
N GLY L 10 -38.15 -53.65 -19.64
CA GLY L 10 -39.16 -54.28 -20.48
C GLY L 10 -39.13 -53.75 -21.91
N SER L 11 -40.16 -54.12 -22.67
CA SER L 11 -40.32 -53.69 -24.04
C SER L 11 -41.59 -52.85 -24.15
N VAL L 12 -41.43 -51.64 -24.68
CA VAL L 12 -42.54 -50.71 -24.77
C VAL L 12 -42.64 -50.26 -26.23
N GLN L 13 -43.71 -49.52 -26.52
CA GLN L 13 -43.88 -48.89 -27.82
C GLN L 13 -43.35 -47.47 -27.68
N ALA L 14 -43.32 -46.73 -28.81
CA ALA L 14 -42.84 -45.35 -28.83
C ALA L 14 -43.62 -44.50 -27.83
N GLY L 15 -42.92 -43.56 -27.18
CA GLY L 15 -43.54 -42.62 -26.27
C GLY L 15 -43.84 -43.23 -24.91
N GLY L 16 -43.51 -44.51 -24.75
CA GLY L 16 -43.77 -45.24 -23.52
C GLY L 16 -42.87 -44.75 -22.39
N SER L 17 -43.27 -45.05 -21.15
CA SER L 17 -42.47 -44.68 -19.99
C SER L 17 -41.84 -45.96 -19.46
N LEU L 18 -40.76 -45.81 -18.69
CA LEU L 18 -40.21 -46.92 -17.94
C LEU L 18 -39.33 -46.37 -16.82
N ARG L 19 -39.37 -47.02 -15.65
CA ARG L 19 -38.59 -46.59 -14.49
C ARG L 19 -37.73 -47.75 -14.01
N LEU L 20 -36.44 -47.69 -14.34
CA LEU L 20 -35.46 -48.67 -13.89
C LEU L 20 -35.15 -48.42 -12.42
N SER L 21 -35.00 -49.50 -11.64
CA SER L 21 -34.55 -49.42 -10.26
C SER L 21 -33.25 -50.19 -10.11
N CYS L 22 -32.62 -50.07 -8.93
CA CYS L 22 -31.34 -50.71 -8.65
C CYS L 22 -31.04 -50.65 -7.15
N ALA L 23 -30.99 -51.78 -6.45
CA ALA L 23 -30.80 -51.73 -5.01
C ALA L 23 -29.33 -51.92 -4.63
N ALA L 24 -29.07 -52.24 -3.36
CA ALA L 24 -27.74 -52.48 -2.82
C ALA L 24 -27.84 -52.99 -1.39
N SER L 25 -26.92 -53.86 -0.95
CA SER L 25 -26.86 -54.27 0.44
C SER L 25 -25.58 -53.78 1.11
N GLY L 26 -25.44 -52.46 1.28
CA GLY L 26 -24.29 -51.88 1.95
C GLY L 26 -23.85 -50.59 1.26
N ARG L 27 -22.56 -50.51 0.93
CA ARG L 27 -21.96 -49.42 0.14
C ARG L 27 -22.49 -48.02 0.58
N SER L 31 -23.29 -43.32 0.02
CA SER L 31 -22.05 -42.59 0.38
C SER L 31 -21.07 -42.59 -0.79
N TYR L 32 -21.59 -42.49 -2.02
CA TYR L 32 -20.80 -42.45 -3.23
C TYR L 32 -21.71 -42.05 -4.39
N SER L 33 -21.23 -41.18 -5.29
CA SER L 33 -21.91 -40.84 -6.53
C SER L 33 -22.43 -42.09 -7.24
N MET L 34 -23.57 -42.03 -7.93
CA MET L 34 -24.11 -43.17 -8.66
C MET L 34 -24.21 -42.79 -10.14
N ALA L 35 -24.73 -43.68 -11.00
CA ALA L 35 -24.71 -43.44 -12.45
C ALA L 35 -25.50 -44.51 -13.21
N TRP L 36 -25.70 -44.28 -14.51
CA TRP L 36 -26.35 -45.22 -15.41
C TRP L 36 -25.61 -45.11 -16.74
N PHE L 37 -25.29 -46.25 -17.36
CA PHE L 37 -24.79 -46.32 -18.72
C PHE L 37 -25.61 -47.34 -19.50
N ARG L 38 -25.55 -47.27 -20.82
CA ARG L 38 -26.36 -48.17 -21.63
C ARG L 38 -25.42 -48.85 -22.63
N GLN L 39 -25.83 -50.03 -23.13
CA GLN L 39 -25.04 -50.75 -24.10
C GLN L 39 -25.96 -51.32 -25.17
N ALA L 40 -25.95 -50.68 -26.35
CA ALA L 40 -26.66 -51.20 -27.51
C ALA L 40 -25.68 -51.97 -28.41
N PRO L 41 -25.94 -53.25 -28.74
CA PRO L 41 -25.01 -53.99 -29.60
C PRO L 41 -24.89 -53.35 -30.98
N GLY L 42 -23.65 -53.25 -31.49
CA GLY L 42 -23.40 -52.57 -32.76
C GLY L 42 -22.76 -51.19 -32.58
N LYS L 43 -23.26 -50.41 -31.61
CA LYS L 43 -22.76 -49.09 -31.31
C LYS L 43 -21.84 -49.11 -30.08
N GLU L 44 -21.21 -47.96 -29.80
CA GLU L 44 -20.26 -47.84 -28.70
C GLU L 44 -21.00 -47.62 -27.39
N ARG L 45 -20.40 -48.08 -26.28
CA ARG L 45 -20.96 -47.90 -24.95
C ARG L 45 -21.24 -46.43 -24.72
N GLU L 46 -22.36 -46.14 -24.04
CA GLU L 46 -22.88 -44.80 -23.89
C GLU L 46 -23.13 -44.54 -22.40
N ASN L 47 -22.43 -43.53 -21.87
CA ASN L 47 -22.71 -43.05 -20.52
C ASN L 47 -24.01 -42.25 -20.65
N VAL L 48 -24.90 -42.41 -19.68
CA VAL L 48 -26.24 -41.88 -19.85
C VAL L 48 -26.53 -40.82 -18.78
N ALA L 49 -26.06 -41.06 -17.55
CA ALA L 49 -26.42 -40.25 -16.42
C ALA L 49 -25.43 -40.45 -15.29
N VAL L 50 -25.24 -39.39 -14.49
CA VAL L 50 -24.43 -39.39 -13.30
C VAL L 50 -25.12 -38.49 -12.27
N ILE L 51 -25.08 -38.89 -11.00
CA ILE L 51 -25.67 -38.09 -9.94
C ILE L 51 -24.67 -37.99 -8.79
N SER L 52 -24.66 -36.86 -8.09
CA SER L 52 -23.73 -36.63 -7.00
C SER L 52 -24.12 -37.46 -5.77
N TRP L 53 -23.34 -37.31 -4.68
CA TRP L 53 -23.54 -38.04 -3.43
C TRP L 53 -24.92 -37.77 -2.84
N SER L 54 -25.28 -36.49 -2.76
CA SER L 54 -26.54 -36.05 -2.18
C SER L 54 -27.68 -36.05 -3.19
N GLY L 55 -27.33 -35.89 -4.48
CA GLY L 55 -28.29 -35.73 -5.57
C GLY L 55 -28.29 -34.32 -6.16
N SER L 56 -27.54 -33.40 -5.51
CA SER L 56 -27.41 -32.02 -5.97
C SER L 56 -27.11 -31.95 -7.47
N THR L 57 -25.96 -32.47 -7.91
CA THR L 57 -25.53 -32.30 -9.29
C THR L 57 -25.83 -33.55 -10.10
N SER L 58 -26.24 -33.37 -11.37
CA SER L 58 -26.59 -34.45 -12.27
C SER L 58 -26.14 -34.10 -13.68
N TYR L 59 -25.69 -35.08 -14.46
CA TYR L 59 -25.29 -34.78 -15.83
C TYR L 59 -25.83 -35.87 -16.75
N TYR L 60 -25.94 -35.57 -18.04
CA TYR L 60 -26.72 -36.38 -18.97
C TYR L 60 -26.11 -36.27 -20.36
N ALA L 61 -26.12 -37.38 -21.09
CA ALA L 61 -25.83 -37.40 -22.51
C ALA L 61 -26.91 -36.60 -23.23
N GLU L 62 -26.53 -35.92 -24.30
CA GLU L 62 -27.47 -35.04 -24.97
C GLU L 62 -28.50 -35.82 -25.78
N SER L 63 -28.41 -37.14 -25.72
CA SER L 63 -29.35 -37.98 -26.43
C SER L 63 -30.54 -38.32 -25.54
N VAL L 64 -30.48 -37.91 -24.26
CA VAL L 64 -31.52 -38.28 -23.30
C VAL L 64 -31.88 -37.12 -22.36
N LYS L 65 -31.35 -35.92 -22.65
CA LYS L 65 -31.48 -34.78 -21.75
C LYS L 65 -32.92 -34.28 -21.78
N GLY L 66 -33.56 -34.27 -20.61
CA GLY L 66 -34.93 -33.82 -20.50
C GLY L 66 -35.90 -34.78 -21.17
N ARG L 67 -35.52 -36.06 -21.16
CA ARG L 67 -36.43 -37.17 -21.31
C ARG L 67 -36.19 -38.11 -20.13
N PHE L 68 -34.91 -38.43 -19.87
CA PHE L 68 -34.53 -39.31 -18.76
C PHE L 68 -34.10 -38.46 -17.58
N THR L 69 -34.25 -39.01 -16.37
CA THR L 69 -33.82 -38.31 -15.16
C THR L 69 -33.39 -39.36 -14.14
N ILE L 70 -32.21 -39.11 -13.55
CA ILE L 70 -31.64 -40.00 -12.56
C ILE L 70 -31.88 -39.41 -11.17
N SER L 71 -32.40 -40.24 -10.26
CA SER L 71 -32.59 -39.87 -8.85
C SER L 71 -32.10 -41.00 -7.94
N ARG L 72 -32.09 -40.72 -6.62
CA ARG L 72 -31.65 -41.69 -5.62
C ARG L 72 -32.32 -41.47 -4.26
N ASP L 73 -32.53 -42.58 -3.52
CA ASP L 73 -33.05 -42.58 -2.17
C ASP L 73 -32.01 -43.21 -1.23
N ASN L 74 -31.41 -42.37 -0.37
CA ASN L 74 -30.27 -42.79 0.43
C ASN L 74 -30.71 -43.48 1.72
N ALA L 75 -32.00 -43.43 2.04
CA ALA L 75 -32.50 -44.19 3.19
C ALA L 75 -32.85 -45.60 2.76
N LYS L 76 -33.12 -45.79 1.46
CA LYS L 76 -33.54 -47.08 0.93
C LYS L 76 -32.47 -47.64 -0.03
N ASN L 77 -31.32 -46.97 -0.13
CA ASN L 77 -30.21 -47.45 -0.97
C ASN L 77 -30.66 -47.86 -2.37
N THR L 78 -31.15 -46.88 -3.14
CA THR L 78 -31.62 -47.16 -4.48
C THR L 78 -31.26 -46.01 -5.40
N VAL L 79 -31.06 -46.34 -6.67
CA VAL L 79 -30.93 -45.38 -7.75
C VAL L 79 -32.06 -45.65 -8.73
N TYR L 80 -32.59 -44.59 -9.34
CA TYR L 80 -33.63 -44.70 -10.35
C TYR L 80 -33.15 -44.05 -11.64
N LEU L 81 -33.70 -44.51 -12.77
CA LEU L 81 -33.60 -43.80 -14.03
C LEU L 81 -34.99 -43.81 -14.67
N GLN L 82 -35.76 -42.74 -14.37
CA GLN L 82 -37.03 -42.44 -15.02
C GLN L 82 -36.77 -42.07 -16.48
N MET L 83 -37.40 -42.81 -17.40
CA MET L 83 -37.13 -42.68 -18.82
C MET L 83 -38.48 -42.48 -19.52
N ASN L 84 -38.63 -41.31 -20.17
CA ASN L 84 -39.90 -40.88 -20.72
C ASN L 84 -39.75 -40.55 -22.20
N SER L 85 -40.86 -40.49 -22.92
CA SER L 85 -40.84 -40.19 -24.34
C SER L 85 -39.83 -41.11 -25.04
N LEU L 86 -39.83 -42.41 -24.67
CA LEU L 86 -38.87 -43.39 -25.17
C LEU L 86 -38.96 -43.46 -26.69
N LYS L 87 -37.81 -43.67 -27.36
CA LYS L 87 -37.79 -43.86 -28.80
C LYS L 87 -37.06 -45.16 -29.14
N PRO L 88 -37.16 -45.68 -30.39
CA PRO L 88 -36.50 -46.92 -30.77
C PRO L 88 -35.00 -46.93 -30.46
N GLU L 89 -34.34 -45.79 -30.75
CA GLU L 89 -32.91 -45.65 -30.60
C GLU L 89 -32.48 -45.79 -29.14
N ASP L 90 -33.42 -45.97 -28.21
CA ASP L 90 -33.11 -46.09 -26.79
C ASP L 90 -33.06 -47.58 -26.42
N THR L 91 -33.22 -48.47 -27.42
CA THR L 91 -33.09 -49.92 -27.25
C THR L 91 -31.65 -50.25 -26.87
N ALA L 92 -31.47 -50.86 -25.68
CA ALA L 92 -30.16 -51.16 -25.15
C ALA L 92 -30.28 -51.85 -23.79
N VAL L 93 -29.13 -52.33 -23.28
CA VAL L 93 -29.07 -52.88 -21.94
C VAL L 93 -28.60 -51.77 -21.00
N TYR L 94 -29.36 -51.55 -19.93
CA TYR L 94 -29.08 -50.45 -19.03
C TYR L 94 -28.34 -50.99 -17.80
N TYR L 95 -27.22 -50.33 -17.45
CA TYR L 95 -26.43 -50.73 -16.30
C TYR L 95 -26.42 -49.62 -15.25
N CYS L 96 -26.88 -49.96 -14.07
CA CYS L 96 -26.66 -49.24 -12.82
C CYS L 96 -25.17 -49.23 -12.51
N ALA L 97 -24.69 -48.22 -11.78
CA ALA L 97 -23.25 -48.06 -11.51
C ALA L 97 -23.01 -47.32 -10.20
N ALA L 98 -21.76 -47.37 -9.72
CA ALA L 98 -21.37 -46.63 -8.52
C ALA L 98 -19.95 -46.12 -8.68
N GLY L 99 -19.70 -44.88 -8.23
CA GLY L 99 -18.41 -44.22 -8.26
C GLY L 99 -17.96 -43.92 -9.69
N PRO L 100 -18.66 -43.05 -10.46
CA PRO L 100 -18.10 -42.55 -11.71
C PRO L 100 -16.89 -41.65 -11.43
N ARG L 101 -15.85 -41.75 -12.29
CA ARG L 101 -14.61 -40.98 -12.17
C ARG L 101 -14.04 -40.71 -13.57
N THR L 102 -13.34 -39.56 -13.75
CA THR L 102 -12.63 -39.25 -14.98
C THR L 102 -11.51 -38.26 -14.73
N THR L 103 -10.64 -38.19 -15.73
CA THR L 103 -9.51 -37.29 -15.80
C THR L 103 -9.95 -36.12 -16.65
N PRO L 104 -9.32 -34.94 -16.45
CA PRO L 104 -9.67 -33.74 -17.21
C PRO L 104 -9.41 -33.86 -18.71
N GLN L 105 -8.59 -34.86 -19.07
CA GLN L 105 -8.25 -35.08 -20.48
C GLN L 105 -9.46 -35.64 -21.20
N ALA L 106 -9.63 -35.20 -22.45
CA ALA L 106 -10.82 -35.47 -23.23
C ALA L 106 -10.71 -36.86 -23.83
N MET L 107 -9.47 -37.34 -23.96
CA MET L 107 -9.18 -38.62 -24.59
C MET L 107 -9.45 -39.76 -23.61
N GLY L 108 -9.65 -39.43 -22.32
CA GLY L 108 -9.91 -40.37 -21.23
C GLY L 108 -11.31 -40.98 -21.32
N ALA L 109 -11.74 -41.64 -20.23
CA ALA L 109 -12.97 -42.41 -20.27
C ALA L 109 -13.61 -42.52 -18.87
N VAL L 110 -14.88 -42.93 -18.83
CA VAL L 110 -15.61 -42.87 -17.57
C VAL L 110 -15.56 -44.24 -16.89
N GLU L 111 -14.77 -44.36 -15.82
CA GLU L 111 -14.56 -45.62 -15.12
C GLU L 111 -15.45 -45.73 -13.88
N TYR L 112 -16.29 -46.77 -13.81
CA TYR L 112 -17.15 -46.98 -12.66
C TYR L 112 -16.45 -47.92 -11.69
N ASP L 113 -16.80 -47.85 -10.39
CA ASP L 113 -16.21 -48.73 -9.38
C ASP L 113 -16.98 -50.06 -9.27
N TYR L 114 -18.25 -50.05 -9.66
CA TYR L 114 -19.17 -51.18 -9.55
C TYR L 114 -20.26 -51.01 -10.62
N TRP L 115 -20.85 -52.12 -11.08
CA TRP L 115 -21.95 -52.08 -12.03
C TRP L 115 -22.68 -53.42 -12.02
N GLY L 116 -24.02 -53.37 -12.05
CA GLY L 116 -24.80 -54.60 -11.96
C GLY L 116 -24.80 -55.38 -13.28
N GLN L 117 -25.62 -56.45 -13.31
CA GLN L 117 -25.68 -57.35 -14.46
C GLN L 117 -26.40 -56.68 -15.63
N GLY L 118 -27.28 -55.71 -15.34
CA GLY L 118 -27.98 -54.93 -16.36
C GLY L 118 -29.43 -55.38 -16.54
N THR L 119 -30.21 -54.58 -17.26
CA THR L 119 -31.62 -54.83 -17.53
C THR L 119 -31.89 -54.40 -18.97
N GLN L 120 -32.74 -55.16 -19.67
CA GLN L 120 -33.00 -54.92 -21.08
C GLN L 120 -34.12 -53.90 -21.23
N VAL L 121 -34.01 -53.06 -22.25
CA VAL L 121 -35.10 -52.19 -22.67
C VAL L 121 -35.17 -52.23 -24.20
N THR L 122 -36.28 -52.75 -24.73
CA THR L 122 -36.51 -52.71 -26.17
C THR L 122 -37.61 -51.69 -26.43
N VAL L 123 -37.64 -51.07 -27.63
CA VAL L 123 -38.60 -50.01 -27.94
C VAL L 123 -38.96 -50.13 -29.42
N SER L 124 -40.24 -50.43 -29.72
CA SER L 124 -40.66 -50.78 -31.07
C SER L 124 -41.45 -49.63 -31.70
N SER L 125 -41.13 -49.29 -32.96
CA SER L 125 -41.76 -48.15 -33.60
C SER L 125 -43.27 -48.43 -33.80
#